data_2JZ6
#
_entry.id   2JZ6
#
_entity_poly.entity_id   1
_entity_poly.type   'polypeptide(L)'
_entity_poly.pdbx_seq_one_letter_code
;QGHMIMAKRCEVCGKAPRSGNTVSHSDKKSERWFRPNLQKVRVVLPDGTIKRMRVCTSCLKSGKVKKYVGQVSEVGS
;
_entity_poly.pdbx_strand_id   A
#
# COMPACT_ATOMS: atom_id res chain seq x y z
N GLN A 1 5.30 14.42 -22.24
CA GLN A 1 5.64 13.18 -21.49
C GLN A 1 4.69 12.05 -21.93
N GLY A 2 4.74 10.92 -21.25
CA GLY A 2 3.90 9.80 -21.60
C GLY A 2 4.71 8.58 -21.99
N HIS A 3 6.00 8.80 -22.24
CA HIS A 3 6.90 7.73 -22.63
C HIS A 3 7.67 7.23 -21.41
N MET A 4 7.78 8.08 -20.41
CA MET A 4 8.38 7.72 -19.14
C MET A 4 7.40 6.85 -18.35
N ILE A 5 7.60 5.54 -18.39
CA ILE A 5 6.65 4.60 -17.83
C ILE A 5 7.12 4.05 -16.48
N MET A 6 8.19 4.61 -15.93
CA MET A 6 8.69 4.14 -14.64
C MET A 6 7.97 4.87 -13.52
N ALA A 7 6.85 4.28 -13.09
CA ALA A 7 6.03 4.89 -12.05
C ALA A 7 5.76 3.90 -10.93
N LYS A 8 5.44 4.41 -9.76
CA LYS A 8 5.15 3.55 -8.61
C LYS A 8 3.67 3.24 -8.55
N ARG A 9 3.34 1.96 -8.58
CA ARG A 9 1.95 1.52 -8.57
C ARG A 9 1.77 0.37 -7.60
N CYS A 10 0.57 -0.21 -7.58
CA CYS A 10 0.28 -1.34 -6.71
C CYS A 10 0.97 -2.60 -7.22
N GLU A 11 1.83 -3.15 -6.39
CA GLU A 11 2.60 -4.34 -6.76
C GLU A 11 1.73 -5.59 -6.70
N VAL A 12 0.50 -5.42 -6.22
CA VAL A 12 -0.43 -6.52 -6.07
C VAL A 12 -1.32 -6.67 -7.29
N CYS A 13 -1.95 -5.58 -7.72
CA CYS A 13 -2.92 -5.62 -8.80
C CYS A 13 -2.46 -4.88 -10.04
N GLY A 14 -1.40 -4.09 -9.91
CA GLY A 14 -0.85 -3.40 -11.05
C GLY A 14 -1.40 -1.99 -11.25
N LYS A 15 -2.52 -1.68 -10.59
CA LYS A 15 -3.13 -0.36 -10.76
C LYS A 15 -2.36 0.71 -10.00
N ALA A 16 -2.46 1.94 -10.47
CA ALA A 16 -1.75 3.06 -9.86
C ALA A 16 -2.52 3.60 -8.65
N PRO A 17 -1.82 4.22 -7.70
CA PRO A 17 -2.43 4.82 -6.52
C PRO A 17 -3.01 6.21 -6.85
N ARG A 18 -4.28 6.22 -7.24
CA ARG A 18 -4.92 7.45 -7.70
C ARG A 18 -5.80 8.08 -6.63
N SER A 19 -5.66 7.62 -5.40
CA SER A 19 -6.46 8.15 -4.30
C SER A 19 -5.69 8.08 -2.98
N GLY A 20 -5.15 9.21 -2.56
CA GLY A 20 -4.44 9.27 -1.31
C GLY A 20 -4.92 10.41 -0.43
N ASN A 21 -6.16 10.82 -0.64
CA ASN A 21 -6.74 11.91 0.13
C ASN A 21 -7.39 11.38 1.40
N THR A 22 -6.56 11.05 2.38
CA THR A 22 -7.03 10.58 3.67
C THR A 22 -5.99 10.86 4.74
N VAL A 23 -6.30 11.76 5.66
CA VAL A 23 -5.38 12.07 6.75
C VAL A 23 -5.51 11.04 7.87
N SER A 24 -4.42 10.34 8.14
CA SER A 24 -4.41 9.30 9.16
C SER A 24 -3.98 9.90 10.50
N HIS A 25 -4.22 9.18 11.58
CA HIS A 25 -3.93 9.68 12.92
C HIS A 25 -3.28 8.61 13.77
N SER A 26 -2.42 9.05 14.69
CA SER A 26 -1.78 8.19 15.68
C SER A 26 -0.66 7.34 15.07
N ASP A 27 -0.33 7.57 13.81
CA ASP A 27 0.73 6.82 13.14
C ASP A 27 2.10 7.33 13.53
N LYS A 28 2.40 8.59 13.16
CA LYS A 28 3.72 9.22 13.34
C LYS A 28 4.87 8.28 12.95
N LYS A 29 4.57 7.38 12.02
CA LYS A 29 5.52 6.37 11.59
C LYS A 29 6.35 6.88 10.41
N SER A 30 7.50 6.25 10.19
CA SER A 30 8.34 6.62 9.07
C SER A 30 9.20 5.45 8.60
N GLU A 31 8.76 4.80 7.53
CA GLU A 31 9.57 3.81 6.84
C GLU A 31 10.16 4.46 5.60
N ARG A 32 11.12 5.36 5.85
CA ARG A 32 11.63 6.29 4.84
C ARG A 32 10.48 7.15 4.31
N TRP A 33 9.70 7.70 5.25
CA TRP A 33 8.55 8.55 4.95
C TRP A 33 7.49 7.82 4.14
N PHE A 34 6.51 8.57 3.65
CA PHE A 34 5.41 8.00 2.88
C PHE A 34 5.65 8.21 1.39
N ARG A 35 5.07 7.33 0.58
CA ARG A 35 5.16 7.45 -0.87
C ARG A 35 3.92 8.14 -1.40
N PRO A 36 4.02 8.77 -2.59
CA PRO A 36 2.88 9.47 -3.20
C PRO A 36 1.67 8.55 -3.41
N ASN A 37 0.72 8.64 -2.46
CA ASN A 37 -0.53 7.86 -2.51
C ASN A 37 -0.29 6.36 -2.33
N LEU A 38 0.95 5.99 -1.98
CA LEU A 38 1.29 4.58 -1.82
C LEU A 38 1.69 4.25 -0.40
N GLN A 39 0.98 3.31 0.18
CA GLN A 39 1.33 2.78 1.48
C GLN A 39 1.91 1.39 1.34
N LYS A 40 3.17 1.24 1.73
CA LYS A 40 3.73 -0.08 1.87
C LYS A 40 3.17 -0.72 3.13
N VAL A 41 2.44 -1.80 2.95
CA VAL A 41 1.89 -2.50 4.09
C VAL A 41 2.61 -3.84 4.24
N ARG A 42 2.93 -4.17 5.47
CA ARG A 42 3.70 -5.35 5.76
C ARG A 42 2.79 -6.57 5.75
N VAL A 43 2.92 -7.38 4.71
CA VAL A 43 2.05 -8.53 4.52
C VAL A 43 2.81 -9.83 4.69
N VAL A 44 2.07 -10.93 4.75
CA VAL A 44 2.67 -12.24 4.90
C VAL A 44 2.62 -13.01 3.58
N LEU A 45 3.75 -13.56 3.19
CA LEU A 45 3.83 -14.36 1.99
C LEU A 45 3.54 -15.82 2.32
N PRO A 46 2.87 -16.53 1.39
CA PRO A 46 2.49 -17.94 1.59
C PRO A 46 3.69 -18.86 1.72
N ASP A 47 4.86 -18.35 1.34
CA ASP A 47 6.10 -19.12 1.40
C ASP A 47 6.69 -19.06 2.80
N GLY A 48 6.05 -18.29 3.68
CA GLY A 48 6.53 -18.15 5.03
C GLY A 48 7.53 -17.02 5.16
N THR A 49 7.12 -15.84 4.74
CA THR A 49 7.96 -14.66 4.81
C THR A 49 7.13 -13.40 5.01
N ILE A 50 7.74 -12.34 5.51
CA ILE A 50 7.07 -11.08 5.71
C ILE A 50 7.68 -10.02 4.80
N LYS A 51 6.83 -9.35 4.03
CA LYS A 51 7.32 -8.42 3.02
C LYS A 51 6.52 -7.12 3.02
N ARG A 52 7.22 -6.01 2.82
CA ARG A 52 6.57 -4.72 2.62
C ARG A 52 6.33 -4.52 1.14
N MET A 53 5.08 -4.36 0.76
CA MET A 53 4.75 -4.12 -0.64
C MET A 53 3.93 -2.86 -0.81
N ARG A 54 4.09 -2.21 -1.95
CA ARG A 54 3.37 -1.00 -2.28
C ARG A 54 1.96 -1.34 -2.75
N VAL A 55 0.99 -1.05 -1.91
CA VAL A 55 -0.39 -1.38 -2.21
C VAL A 55 -1.23 -0.12 -2.36
N CYS A 56 -2.05 -0.08 -3.39
CA CYS A 56 -2.91 1.06 -3.65
C CYS A 56 -4.08 1.07 -2.67
N THR A 57 -4.56 2.26 -2.34
CA THR A 57 -5.68 2.43 -1.42
C THR A 57 -6.90 1.65 -1.88
N SER A 58 -7.06 1.50 -3.18
CA SER A 58 -8.14 0.71 -3.73
C SER A 58 -8.06 -0.73 -3.23
N CYS A 59 -6.87 -1.31 -3.32
CA CYS A 59 -6.63 -2.67 -2.90
C CYS A 59 -6.72 -2.76 -1.37
N LEU A 60 -6.23 -1.72 -0.71
CA LEU A 60 -6.27 -1.64 0.75
C LEU A 60 -7.71 -1.61 1.25
N LYS A 61 -8.55 -0.86 0.57
CA LYS A 61 -9.94 -0.71 0.96
C LYS A 61 -10.72 -1.99 0.65
N SER A 62 -10.44 -2.60 -0.49
CA SER A 62 -11.11 -3.81 -0.88
C SER A 62 -10.68 -4.97 0.03
N GLY A 63 -9.43 -4.92 0.48
CA GLY A 63 -8.93 -5.89 1.45
C GLY A 63 -8.94 -7.32 0.94
N LYS A 64 -8.96 -7.50 -0.38
CA LYS A 64 -9.01 -8.84 -0.97
C LYS A 64 -7.62 -9.38 -1.25
N VAL A 65 -6.62 -8.80 -0.60
CA VAL A 65 -5.23 -9.19 -0.81
C VAL A 65 -4.75 -10.07 0.33
N LYS A 66 -3.65 -10.78 0.10
CA LYS A 66 -3.02 -11.57 1.16
C LYS A 66 -2.37 -10.64 2.16
N LYS A 67 -2.98 -10.52 3.32
CA LYS A 67 -2.63 -9.47 4.27
C LYS A 67 -2.19 -10.06 5.61
N TYR A 68 -1.34 -9.32 6.32
CA TYR A 68 -0.92 -9.70 7.65
C TYR A 68 -1.45 -8.67 8.65
N VAL A 69 -2.40 -7.87 8.19
CA VAL A 69 -2.98 -6.78 8.97
C VAL A 69 -1.94 -5.68 9.23
N GLY A 70 -1.92 -4.70 8.33
CA GLY A 70 -0.99 -3.60 8.47
C GLY A 70 -1.72 -2.28 8.58
N GLN A 71 -2.96 -2.34 9.02
CA GLN A 71 -3.78 -1.15 9.16
C GLN A 71 -4.34 -1.08 10.58
N VAL A 72 -4.00 0.00 11.27
CA VAL A 72 -4.37 0.15 12.67
C VAL A 72 -5.19 1.41 12.89
N SER A 73 -5.82 1.89 11.83
CA SER A 73 -6.63 3.10 11.89
C SER A 73 -7.74 2.96 12.93
N GLU A 74 -8.01 4.04 13.64
CA GLU A 74 -8.99 4.03 14.72
C GLU A 74 -10.41 4.29 14.20
N VAL A 75 -10.51 4.73 12.96
CA VAL A 75 -11.82 4.99 12.37
C VAL A 75 -12.26 3.83 11.49
N GLY A 76 -13.52 3.43 11.65
CA GLY A 76 -14.06 2.34 10.85
C GLY A 76 -14.23 2.75 9.40
N SER A 77 -15.10 3.73 9.17
CA SER A 77 -15.31 4.30 7.85
C SER A 77 -15.88 5.69 7.98
N GLN A 1 7.41 -2.08 -27.80
CA GLN A 1 6.12 -2.81 -27.91
C GLN A 1 5.10 -2.28 -26.91
N GLY A 2 5.29 -1.04 -26.44
CA GLY A 2 4.39 -0.46 -25.47
C GLY A 2 5.03 0.65 -24.68
N HIS A 3 4.33 1.76 -24.54
CA HIS A 3 4.83 2.91 -23.78
C HIS A 3 4.50 2.78 -22.29
N MET A 4 3.38 2.13 -22.01
CA MET A 4 2.92 1.99 -20.64
C MET A 4 3.61 0.79 -20.00
N ILE A 5 4.70 1.06 -19.29
CA ILE A 5 5.46 0.01 -18.63
C ILE A 5 6.08 0.53 -17.33
N MET A 6 5.77 -0.17 -16.23
CA MET A 6 6.27 0.16 -14.91
C MET A 6 5.96 1.61 -14.53
N ALA A 7 4.78 1.82 -13.98
CA ALA A 7 4.35 3.15 -13.59
C ALA A 7 4.29 3.27 -12.08
N LYS A 8 5.08 2.45 -11.40
CA LYS A 8 5.05 2.37 -9.93
C LYS A 8 3.66 2.01 -9.46
N ARG A 9 3.34 0.72 -9.60
CA ARG A 9 2.00 0.21 -9.37
C ARG A 9 1.87 -0.39 -7.97
N CYS A 10 0.69 -0.93 -7.69
CA CYS A 10 0.51 -1.76 -6.51
C CYS A 10 1.30 -3.05 -6.69
N GLU A 11 2.23 -3.32 -5.79
CA GLU A 11 3.10 -4.49 -5.93
C GLU A 11 2.33 -5.78 -5.66
N VAL A 12 1.11 -5.64 -5.14
CA VAL A 12 0.25 -6.78 -4.87
C VAL A 12 -0.47 -7.23 -6.14
N CYS A 13 -1.43 -6.43 -6.60
CA CYS A 13 -2.21 -6.80 -7.78
C CYS A 13 -1.67 -6.13 -9.03
N GLY A 14 -1.39 -4.84 -8.93
CA GLY A 14 -0.86 -4.10 -10.05
C GLY A 14 -1.74 -2.95 -10.48
N LYS A 15 -2.60 -2.48 -9.58
CA LYS A 15 -3.49 -1.37 -9.88
C LYS A 15 -2.76 -0.03 -9.75
N ALA A 16 -3.48 1.05 -10.05
CA ALA A 16 -2.90 2.39 -10.18
C ALA A 16 -3.33 3.34 -9.05
N PRO A 17 -2.56 3.39 -7.96
CA PRO A 17 -2.83 4.31 -6.85
C PRO A 17 -2.74 5.78 -7.27
N ARG A 18 -3.56 6.64 -6.66
CA ARG A 18 -3.52 8.06 -6.96
C ARG A 18 -3.92 8.89 -5.74
N SER A 19 -3.94 8.24 -4.58
CA SER A 19 -4.35 8.90 -3.35
C SER A 19 -3.15 9.52 -2.64
N GLY A 20 -3.15 10.84 -2.53
CA GLY A 20 -2.04 11.53 -1.91
C GLY A 20 -2.46 12.75 -1.13
N ASN A 21 -3.72 13.15 -1.28
CA ASN A 21 -4.23 14.33 -0.61
C ASN A 21 -4.53 14.02 0.85
N THR A 22 -3.61 14.39 1.72
CA THR A 22 -3.73 14.16 3.15
C THR A 22 -2.62 14.90 3.88
N VAL A 23 -2.86 15.18 5.17
CA VAL A 23 -1.91 15.88 6.06
C VAL A 23 -1.24 17.08 5.39
N SER A 24 -1.91 18.22 5.45
CA SER A 24 -1.37 19.46 4.90
C SER A 24 -0.13 19.89 5.67
N HIS A 25 -0.22 19.85 7.00
CA HIS A 25 0.90 20.13 7.88
C HIS A 25 0.62 19.54 9.26
N SER A 26 -0.16 18.47 9.27
CA SER A 26 -0.56 17.81 10.49
C SER A 26 0.62 17.08 11.12
N ASP A 27 1.14 17.63 12.22
CA ASP A 27 2.35 17.13 12.88
C ASP A 27 3.57 17.39 12.01
N LYS A 28 4.64 17.89 12.61
CA LYS A 28 5.83 18.25 11.86
C LYS A 28 6.76 17.05 11.68
N LYS A 29 6.45 15.96 12.37
CA LYS A 29 7.25 14.75 12.26
C LYS A 29 6.51 13.67 11.48
N SER A 30 6.72 13.66 10.17
CA SER A 30 6.22 12.59 9.34
C SER A 30 7.18 11.41 9.45
N GLU A 31 7.11 10.71 10.58
CA GLU A 31 8.09 9.69 10.96
C GLU A 31 8.42 8.76 9.80
N ARG A 32 7.44 8.01 9.33
CA ARG A 32 7.63 7.14 8.18
C ARG A 32 6.45 7.31 7.24
N TRP A 33 5.89 8.51 7.25
CA TRP A 33 4.74 8.83 6.43
C TRP A 33 5.19 9.64 5.21
N PHE A 34 5.74 8.96 4.22
CA PHE A 34 6.18 9.61 2.99
C PHE A 34 6.31 8.60 1.86
N ARG A 35 5.30 8.53 1.01
CA ARG A 35 5.32 7.66 -0.16
C ARG A 35 4.52 8.31 -1.29
N PRO A 36 4.96 8.14 -2.54
CA PRO A 36 4.31 8.76 -3.70
C PRO A 36 2.96 8.11 -4.02
N ASN A 37 1.92 8.57 -3.31
CA ASN A 37 0.54 8.12 -3.54
C ASN A 37 0.37 6.63 -3.25
N LEU A 38 1.37 6.05 -2.59
CA LEU A 38 1.39 4.62 -2.30
C LEU A 38 1.37 4.37 -0.80
N GLN A 39 0.84 3.23 -0.41
CA GLN A 39 0.88 2.79 0.98
C GLN A 39 1.64 1.48 1.10
N LYS A 40 2.91 1.57 1.45
CA LYS A 40 3.71 0.37 1.62
C LYS A 40 3.45 -0.26 2.99
N VAL A 41 2.85 -1.42 2.98
CA VAL A 41 2.47 -2.11 4.20
C VAL A 41 2.99 -3.54 4.20
N ARG A 42 2.90 -4.18 5.36
CA ARG A 42 3.33 -5.56 5.52
C ARG A 42 2.27 -6.51 4.97
N VAL A 43 2.73 -7.50 4.22
CA VAL A 43 1.88 -8.62 3.85
C VAL A 43 2.58 -9.91 4.26
N VAL A 44 1.80 -10.89 4.69
CA VAL A 44 2.37 -12.14 5.13
C VAL A 44 2.07 -13.26 4.12
N LEU A 45 3.08 -14.06 3.85
CA LEU A 45 2.97 -15.16 2.91
C LEU A 45 2.75 -16.47 3.65
N PRO A 46 1.91 -17.37 3.08
CA PRO A 46 1.60 -18.66 3.70
C PRO A 46 2.80 -19.58 3.76
N ASP A 47 3.83 -19.25 2.98
CA ASP A 47 5.06 -20.02 2.95
C ASP A 47 5.89 -19.74 4.21
N GLY A 48 5.56 -18.65 4.89
CA GLY A 48 6.28 -18.28 6.10
C GLY A 48 7.21 -17.12 5.86
N THR A 49 6.68 -16.04 5.30
CA THR A 49 7.49 -14.86 5.03
C THR A 49 6.66 -13.60 5.21
N ILE A 50 7.32 -12.50 5.51
CA ILE A 50 6.66 -11.21 5.65
C ILE A 50 7.38 -10.18 4.79
N LYS A 51 6.67 -9.64 3.82
CA LYS A 51 7.27 -8.69 2.89
C LYS A 51 6.53 -7.36 2.95
N ARG A 52 7.27 -6.28 2.84
CA ARG A 52 6.69 -4.94 2.84
C ARG A 52 6.62 -4.43 1.41
N MET A 53 5.43 -4.15 0.94
CA MET A 53 5.25 -3.77 -0.45
C MET A 53 4.33 -2.56 -0.59
N ARG A 54 4.50 -1.84 -1.68
CA ARG A 54 3.69 -0.67 -1.99
C ARG A 54 2.31 -1.10 -2.47
N VAL A 55 1.30 -0.74 -1.72
CA VAL A 55 -0.07 -1.14 -2.04
C VAL A 55 -0.91 0.11 -2.29
N CYS A 56 -1.90 -0.01 -3.16
CA CYS A 56 -2.80 1.09 -3.45
C CYS A 56 -4.02 1.05 -2.54
N THR A 57 -4.63 2.21 -2.35
CA THR A 57 -5.79 2.34 -1.48
C THR A 57 -6.97 1.49 -1.96
N SER A 58 -7.02 1.22 -3.26
CA SER A 58 -8.06 0.37 -3.81
C SER A 58 -7.95 -1.06 -3.28
N CYS A 59 -6.72 -1.55 -3.18
CA CYS A 59 -6.47 -2.88 -2.63
C CYS A 59 -6.62 -2.86 -1.11
N LEU A 60 -6.22 -1.74 -0.51
CA LEU A 60 -6.34 -1.56 0.95
C LEU A 60 -7.79 -1.68 1.40
N LYS A 61 -8.68 -0.92 0.76
CA LYS A 61 -10.07 -0.86 1.17
C LYS A 61 -10.83 -2.14 0.83
N SER A 62 -10.48 -2.78 -0.28
CA SER A 62 -11.16 -3.99 -0.69
C SER A 62 -10.74 -5.18 0.18
N GLY A 63 -9.56 -5.10 0.76
CA GLY A 63 -9.09 -6.14 1.64
C GLY A 63 -8.63 -7.37 0.87
N LYS A 64 -7.89 -7.14 -0.20
CA LYS A 64 -7.40 -8.24 -1.02
C LYS A 64 -5.97 -8.62 -0.60
N VAL A 65 -5.55 -8.10 0.54
CA VAL A 65 -4.22 -8.35 1.05
C VAL A 65 -4.26 -9.02 2.42
N LYS A 66 -3.40 -10.00 2.63
CA LYS A 66 -3.26 -10.63 3.94
C LYS A 66 -2.27 -9.81 4.75
N LYS A 67 -2.81 -8.96 5.62
CA LYS A 67 -2.04 -7.90 6.27
C LYS A 67 -1.52 -8.34 7.64
N TYR A 68 -1.25 -9.63 7.79
CA TYR A 68 -0.68 -10.19 9.02
C TYR A 68 -1.68 -10.07 10.19
N VAL A 69 -2.93 -9.76 9.86
CA VAL A 69 -4.00 -9.56 10.84
C VAL A 69 -3.71 -8.39 11.77
N GLY A 70 -4.33 -7.25 11.49
CA GLY A 70 -4.16 -6.08 12.33
C GLY A 70 -4.88 -4.87 11.79
N GLN A 71 -5.92 -4.44 12.51
CA GLN A 71 -6.65 -3.25 12.14
C GLN A 71 -6.14 -2.05 12.94
N VAL A 72 -5.39 -1.19 12.28
CA VAL A 72 -4.80 -0.04 12.94
C VAL A 72 -5.77 1.14 12.99
N SER A 73 -6.13 1.53 14.20
CA SER A 73 -6.96 2.71 14.41
C SER A 73 -6.55 3.38 15.71
N GLU A 74 -6.27 4.66 15.66
CA GLU A 74 -5.80 5.38 16.84
C GLU A 74 -6.98 5.99 17.60
N VAL A 75 -7.00 5.76 18.91
CA VAL A 75 -8.07 6.28 19.76
C VAL A 75 -7.93 7.79 19.93
N GLY A 76 -6.69 8.26 19.89
CA GLY A 76 -6.42 9.69 20.05
C GLY A 76 -7.02 10.51 18.93
N SER A 77 -7.54 11.66 19.27
CA SER A 77 -8.16 12.55 18.31
C SER A 77 -7.91 14.00 18.71
N GLN A 1 -5.77 14.94 -17.94
CA GLN A 1 -5.45 14.41 -16.59
C GLN A 1 -5.29 12.90 -16.64
N GLY A 2 -4.39 12.37 -15.83
CA GLY A 2 -4.20 10.94 -15.76
C GLY A 2 -3.01 10.47 -16.57
N HIS A 3 -1.88 10.33 -15.91
CA HIS A 3 -0.67 9.84 -16.56
C HIS A 3 -0.63 8.32 -16.51
N MET A 4 -0.36 7.72 -17.66
CA MET A 4 -0.35 6.27 -17.78
C MET A 4 0.92 5.69 -17.18
N ILE A 5 2.04 6.32 -17.50
CA ILE A 5 3.33 5.87 -17.02
C ILE A 5 3.66 6.53 -15.68
N MET A 6 4.01 5.70 -14.70
CA MET A 6 4.36 6.17 -13.38
C MET A 6 5.57 5.37 -12.90
N ALA A 7 6.19 5.80 -11.80
CA ALA A 7 7.35 5.11 -11.21
C ALA A 7 7.10 3.61 -11.08
N LYS A 8 6.08 3.25 -10.32
CA LYS A 8 5.67 1.85 -10.22
C LYS A 8 4.24 1.78 -9.72
N ARG A 9 3.45 0.89 -10.32
CA ARG A 9 2.09 0.66 -9.90
C ARG A 9 2.06 -0.15 -8.61
N CYS A 10 0.87 -0.41 -8.09
CA CYS A 10 0.71 -1.24 -6.91
C CYS A 10 1.38 -2.59 -7.14
N GLU A 11 2.21 -2.98 -6.20
CA GLU A 11 3.02 -4.19 -6.35
C GLU A 11 2.19 -5.45 -6.10
N VAL A 12 0.90 -5.26 -5.91
CA VAL A 12 -0.01 -6.38 -5.70
C VAL A 12 -0.82 -6.69 -6.97
N CYS A 13 -1.57 -5.70 -7.45
CA CYS A 13 -2.44 -5.92 -8.59
C CYS A 13 -2.12 -5.01 -9.77
N GLY A 14 -1.48 -3.88 -9.51
CA GLY A 14 -1.10 -2.98 -10.59
C GLY A 14 -1.94 -1.73 -10.66
N LYS A 15 -2.83 -1.55 -9.69
CA LYS A 15 -3.63 -0.32 -9.62
C LYS A 15 -2.78 0.85 -9.12
N ALA A 16 -3.37 2.02 -9.07
CA ALA A 16 -2.69 3.21 -8.56
C ALA A 16 -3.28 3.61 -7.22
N PRO A 17 -2.44 4.12 -6.30
CA PRO A 17 -2.90 4.55 -4.99
C PRO A 17 -3.47 5.97 -5.02
N ARG A 18 -4.40 6.24 -4.12
CA ARG A 18 -4.98 7.58 -4.02
C ARG A 18 -4.35 8.33 -2.85
N SER A 19 -4.36 7.69 -1.68
CA SER A 19 -3.80 8.29 -0.49
C SER A 19 -2.31 7.96 -0.39
N GLY A 20 -1.70 8.37 0.70
CA GLY A 20 -0.28 8.13 0.89
C GLY A 20 0.13 8.42 2.32
N ASN A 21 1.38 8.15 2.64
CA ASN A 21 1.90 8.38 3.98
C ASN A 21 2.88 9.53 3.98
N THR A 22 3.04 10.18 5.14
CA THR A 22 3.99 11.27 5.28
C THR A 22 5.40 10.79 5.00
N VAL A 23 5.93 11.17 3.85
CA VAL A 23 7.26 10.73 3.43
C VAL A 23 8.34 11.24 4.38
N SER A 24 9.26 10.36 4.73
CA SER A 24 10.37 10.72 5.61
C SER A 24 11.39 11.57 4.84
N HIS A 25 11.42 12.85 5.14
CA HIS A 25 12.36 13.76 4.47
C HIS A 25 13.79 13.44 4.88
N SER A 26 14.62 13.20 3.89
CA SER A 26 16.01 12.84 4.12
C SER A 26 16.94 13.90 3.57
N ASP A 27 17.88 14.33 4.39
CA ASP A 27 18.86 15.34 4.00
C ASP A 27 20.21 14.68 3.76
N LYS A 28 20.22 13.36 3.83
CA LYS A 28 21.45 12.60 3.72
C LYS A 28 21.37 11.53 2.64
N LYS A 29 22.52 11.26 2.03
CA LYS A 29 22.67 10.27 0.96
C LYS A 29 21.97 10.73 -0.32
N SER A 30 22.03 9.88 -1.35
CA SER A 30 21.56 10.23 -2.68
C SER A 30 20.06 10.47 -2.74
N GLU A 31 19.65 11.26 -3.73
CA GLU A 31 18.25 11.63 -3.90
C GLU A 31 17.52 10.61 -4.77
N ARG A 32 17.12 9.50 -4.17
CA ARG A 32 16.37 8.49 -4.89
C ARG A 32 14.90 8.91 -4.98
N TRP A 33 14.25 8.54 -6.08
CA TRP A 33 12.87 8.94 -6.38
C TRP A 33 11.97 8.79 -5.16
N PHE A 34 11.26 9.87 -4.83
CA PHE A 34 10.42 9.91 -3.65
C PHE A 34 9.07 9.27 -3.92
N ARG A 35 8.55 8.54 -2.93
CA ARG A 35 7.24 7.92 -3.05
C ARG A 35 6.40 8.19 -1.78
N PRO A 36 5.71 9.34 -1.75
CA PRO A 36 4.82 9.68 -0.66
C PRO A 36 3.53 8.86 -0.72
N ASN A 37 3.09 8.59 -1.94
CA ASN A 37 1.94 7.74 -2.16
C ASN A 37 2.38 6.28 -2.15
N LEU A 38 1.47 5.39 -2.53
CA LEU A 38 1.72 3.94 -2.46
C LEU A 38 1.83 3.48 -1.02
N GLN A 39 0.80 2.79 -0.57
CA GLN A 39 0.68 2.41 0.82
C GLN A 39 1.59 1.21 1.09
N LYS A 40 2.79 1.51 1.55
CA LYS A 40 3.76 0.47 1.84
C LYS A 40 3.45 -0.19 3.18
N VAL A 41 3.01 -1.43 3.11
CA VAL A 41 2.66 -2.19 4.30
C VAL A 41 3.32 -3.55 4.28
N ARG A 42 3.42 -4.17 5.45
CA ARG A 42 3.99 -5.50 5.55
C ARG A 42 2.89 -6.56 5.52
N VAL A 43 3.03 -7.51 4.63
CA VAL A 43 2.06 -8.59 4.50
C VAL A 43 2.76 -9.94 4.66
N VAL A 44 2.01 -10.96 5.06
CA VAL A 44 2.57 -12.29 5.21
C VAL A 44 2.04 -13.21 4.11
N LEU A 45 2.97 -13.77 3.35
CA LEU A 45 2.63 -14.65 2.26
C LEU A 45 2.30 -16.05 2.78
N PRO A 46 1.32 -16.71 2.14
CA PRO A 46 0.85 -18.03 2.58
C PRO A 46 1.92 -19.11 2.48
N ASP A 47 2.93 -18.86 1.65
CA ASP A 47 4.01 -19.82 1.47
C ASP A 47 4.95 -19.76 2.67
N GLY A 48 4.96 -18.63 3.36
CA GLY A 48 5.85 -18.43 4.48
C GLY A 48 6.83 -17.31 4.22
N THR A 49 6.34 -16.09 4.15
CA THR A 49 7.20 -14.93 3.93
C THR A 49 6.55 -13.68 4.51
N ILE A 50 7.36 -12.72 4.87
CA ILE A 50 6.87 -11.43 5.37
C ILE A 50 7.57 -10.31 4.63
N LYS A 51 6.83 -9.56 3.84
CA LYS A 51 7.45 -8.56 2.98
C LYS A 51 6.69 -7.24 3.04
N ARG A 52 7.41 -6.14 2.87
CA ARG A 52 6.80 -4.82 2.82
C ARG A 52 6.67 -4.39 1.36
N MET A 53 5.44 -4.16 0.92
CA MET A 53 5.19 -3.81 -0.47
C MET A 53 4.26 -2.60 -0.55
N ARG A 54 4.34 -1.92 -1.69
CA ARG A 54 3.53 -0.73 -1.92
C ARG A 54 2.18 -1.11 -2.51
N VAL A 55 1.17 -1.06 -1.66
CA VAL A 55 -0.19 -1.41 -2.06
C VAL A 55 -0.97 -0.14 -2.37
N CYS A 56 -1.99 -0.26 -3.20
CA CYS A 56 -2.84 0.89 -3.50
C CYS A 56 -4.01 0.94 -2.52
N THR A 57 -4.48 2.14 -2.25
CA THR A 57 -5.60 2.36 -1.33
C THR A 57 -6.84 1.59 -1.80
N SER A 58 -6.95 1.41 -3.11
CA SER A 58 -8.09 0.68 -3.68
C SER A 58 -8.11 -0.77 -3.18
N CYS A 59 -6.96 -1.44 -3.25
CA CYS A 59 -6.83 -2.79 -2.74
C CYS A 59 -7.03 -2.83 -1.23
N LEU A 60 -6.59 -1.76 -0.56
CA LEU A 60 -6.79 -1.61 0.88
C LEU A 60 -8.27 -1.58 1.22
N LYS A 61 -9.03 -0.73 0.53
CA LYS A 61 -10.47 -0.63 0.75
C LYS A 61 -11.19 -1.91 0.35
N SER A 62 -10.64 -2.61 -0.63
CA SER A 62 -11.24 -3.84 -1.13
C SER A 62 -10.97 -5.01 -0.18
N GLY A 63 -9.82 -4.97 0.49
CA GLY A 63 -9.45 -6.06 1.38
C GLY A 63 -8.97 -7.27 0.61
N LYS A 64 -8.37 -7.02 -0.54
CA LYS A 64 -7.93 -8.08 -1.44
C LYS A 64 -6.62 -8.70 -0.95
N VAL A 65 -5.85 -7.92 -0.21
CA VAL A 65 -4.57 -8.38 0.31
C VAL A 65 -4.79 -9.30 1.51
N LYS A 66 -3.94 -10.31 1.63
CA LYS A 66 -4.05 -11.28 2.72
C LYS A 66 -3.39 -10.74 3.99
N LYS A 67 -2.79 -9.55 3.85
CA LYS A 67 -2.19 -8.77 4.95
C LYS A 67 -1.33 -9.61 5.91
N TYR A 68 -1.05 -9.01 7.06
CA TYR A 68 -0.22 -9.63 8.09
C TYR A 68 -0.80 -9.28 9.46
N VAL A 69 -2.04 -8.80 9.45
CA VAL A 69 -2.71 -8.31 10.66
C VAL A 69 -1.94 -7.11 11.23
N GLY A 70 -1.16 -6.48 10.36
CA GLY A 70 -0.41 -5.30 10.74
C GLY A 70 -1.32 -4.15 11.11
N GLN A 71 -0.98 -3.45 12.17
CA GLN A 71 -1.83 -2.39 12.69
C GLN A 71 -1.40 -1.04 12.12
N VAL A 72 -2.18 -0.53 11.17
CA VAL A 72 -1.91 0.76 10.56
C VAL A 72 -3.14 1.65 10.66
N SER A 73 -2.94 2.95 10.63
CA SER A 73 -4.05 3.90 10.73
C SER A 73 -4.01 4.89 9.57
N GLU A 74 -5.17 5.10 8.95
CA GLU A 74 -5.29 6.01 7.82
C GLU A 74 -5.45 7.44 8.36
N VAL A 75 -4.99 8.42 7.59
CA VAL A 75 -4.88 9.79 8.07
C VAL A 75 -6.03 10.66 7.58
N GLY A 76 -6.64 10.28 6.47
CA GLY A 76 -7.71 11.07 5.89
C GLY A 76 -9.07 10.78 6.50
N SER A 77 -10.05 10.53 5.63
CA SER A 77 -11.41 10.29 6.07
C SER A 77 -11.78 8.82 5.90
N GLN A 1 0.58 8.72 -16.31
CA GLN A 1 1.32 9.22 -17.49
C GLN A 1 2.75 9.57 -17.11
N GLY A 2 2.91 10.27 -15.99
CA GLY A 2 4.23 10.55 -15.47
C GLY A 2 4.73 9.41 -14.61
N HIS A 3 6.05 9.22 -14.57
CA HIS A 3 6.65 8.08 -13.88
C HIS A 3 6.12 6.78 -14.49
N MET A 4 5.86 6.85 -15.80
CA MET A 4 5.21 5.79 -16.56
C MET A 4 5.91 4.46 -16.40
N ILE A 5 7.22 4.47 -16.57
CA ILE A 5 8.01 3.24 -16.50
C ILE A 5 8.75 3.16 -15.17
N MET A 6 8.31 3.97 -14.20
CA MET A 6 8.91 3.96 -12.88
C MET A 6 8.05 3.14 -11.92
N ALA A 7 7.02 2.52 -12.48
CA ALA A 7 6.10 1.65 -11.74
C ALA A 7 5.37 2.43 -10.63
N LYS A 8 4.42 3.25 -11.04
CA LYS A 8 3.56 3.96 -10.10
C LYS A 8 2.25 3.17 -9.96
N ARG A 9 2.36 2.02 -9.32
CA ARG A 9 1.25 1.09 -9.23
C ARG A 9 1.36 0.24 -7.97
N CYS A 10 0.29 -0.50 -7.67
CA CYS A 10 0.31 -1.48 -6.60
C CYS A 10 1.20 -2.64 -7.00
N GLU A 11 2.15 -2.99 -6.14
CA GLU A 11 3.12 -4.04 -6.45
C GLU A 11 2.47 -5.42 -6.39
N VAL A 12 1.29 -5.48 -5.78
CA VAL A 12 0.58 -6.74 -5.63
C VAL A 12 -0.17 -7.11 -6.92
N CYS A 13 -1.04 -6.22 -7.38
CA CYS A 13 -1.90 -6.51 -8.53
C CYS A 13 -1.38 -5.83 -9.79
N GLY A 14 -0.84 -4.62 -9.64
CA GLY A 14 -0.38 -3.86 -10.78
C GLY A 14 -1.33 -2.75 -11.17
N LYS A 15 -2.34 -2.53 -10.32
CA LYS A 15 -3.32 -1.48 -10.58
C LYS A 15 -2.85 -0.15 -10.03
N ALA A 16 -3.27 0.94 -10.68
CA ALA A 16 -2.83 2.27 -10.31
C ALA A 16 -3.46 2.73 -9.01
N PRO A 17 -2.70 3.49 -8.21
CA PRO A 17 -3.16 4.04 -6.93
C PRO A 17 -3.69 5.46 -7.06
N ARG A 18 -4.76 5.76 -6.32
CA ARG A 18 -5.28 7.11 -6.24
C ARG A 18 -5.30 7.61 -4.80
N SER A 19 -4.95 6.71 -3.88
CA SER A 19 -4.98 7.01 -2.44
C SER A 19 -6.41 7.31 -1.99
N GLY A 20 -6.52 8.06 -0.91
CA GLY A 20 -7.82 8.46 -0.40
C GLY A 20 -7.70 9.60 0.58
N ASN A 21 -8.56 9.65 1.58
CA ASN A 21 -8.44 10.66 2.61
C ASN A 21 -7.51 10.17 3.71
N THR A 22 -6.48 10.95 4.00
CA THR A 22 -5.49 10.57 4.97
C THR A 22 -5.97 10.85 6.39
N VAL A 23 -6.58 9.85 7.00
CA VAL A 23 -7.03 9.95 8.39
C VAL A 23 -5.85 9.74 9.32
N SER A 24 -5.54 10.77 10.12
CA SER A 24 -4.38 10.75 11.00
C SER A 24 -3.09 10.70 10.18
N HIS A 25 -1.95 10.55 10.85
CA HIS A 25 -0.67 10.46 10.16
C HIS A 25 0.41 10.03 11.14
N SER A 26 1.50 9.49 10.62
CA SER A 26 2.66 9.16 11.42
C SER A 26 3.20 10.41 12.12
N ASP A 27 2.93 10.51 13.42
CA ASP A 27 3.41 11.63 14.22
C ASP A 27 4.84 11.37 14.66
N LYS A 28 5.14 10.09 14.86
CA LYS A 28 6.50 9.65 15.16
C LYS A 28 6.86 8.46 14.29
N LYS A 29 8.01 7.84 14.58
CA LYS A 29 8.54 6.72 13.81
C LYS A 29 9.10 7.21 12.49
N SER A 30 10.42 7.42 12.46
CA SER A 30 11.10 7.97 11.30
C SER A 30 11.39 6.90 10.25
N GLU A 31 10.46 5.97 10.07
CA GLU A 31 10.63 4.90 9.11
C GLU A 31 9.38 4.79 8.23
N ARG A 32 9.52 5.25 6.98
CA ARG A 32 8.43 5.19 5.99
C ARG A 32 7.22 6.00 6.44
N TRP A 33 7.26 7.29 6.14
CA TRP A 33 6.19 8.19 6.53
C TRP A 33 4.99 8.03 5.62
N PHE A 34 5.21 8.29 4.33
CA PHE A 34 4.16 8.18 3.32
C PHE A 34 4.75 8.39 1.93
N ARG A 35 4.18 7.72 0.94
CA ARG A 35 4.63 7.85 -0.43
C ARG A 35 3.45 8.20 -1.34
N PRO A 36 3.70 8.90 -2.45
CA PRO A 36 2.65 9.39 -3.36
C PRO A 36 1.68 8.29 -3.80
N ASN A 37 0.51 8.27 -3.15
CA ASN A 37 -0.62 7.41 -3.53
C ASN A 37 -0.37 5.94 -3.21
N LEU A 38 0.85 5.61 -2.81
CA LEU A 38 1.22 4.22 -2.57
C LEU A 38 1.60 4.00 -1.12
N GLN A 39 0.92 3.06 -0.49
CA GLN A 39 1.22 2.68 0.88
C GLN A 39 1.93 1.34 0.92
N LYS A 40 3.22 1.36 1.22
CA LYS A 40 3.95 0.13 1.39
C LYS A 40 3.61 -0.45 2.75
N VAL A 41 2.87 -1.54 2.74
CA VAL A 41 2.37 -2.15 3.96
C VAL A 41 2.94 -3.54 4.15
N ARG A 42 2.73 -4.09 5.34
CA ARG A 42 3.25 -5.39 5.69
C ARG A 42 2.35 -6.50 5.12
N VAL A 43 2.91 -7.30 4.24
CA VAL A 43 2.18 -8.39 3.62
C VAL A 43 2.82 -9.73 3.98
N VAL A 44 2.07 -10.81 3.78
CA VAL A 44 2.56 -12.14 4.10
C VAL A 44 2.83 -12.93 2.82
N LEU A 45 3.97 -13.59 2.77
CA LEU A 45 4.35 -14.39 1.62
C LEU A 45 3.91 -15.83 1.84
N PRO A 46 3.66 -16.58 0.73
CA PRO A 46 3.18 -17.97 0.79
C PRO A 46 4.05 -18.88 1.66
N ASP A 47 5.33 -18.54 1.77
CA ASP A 47 6.28 -19.36 2.55
C ASP A 47 6.21 -19.02 4.03
N GLY A 48 5.37 -18.06 4.39
CA GLY A 48 5.23 -17.68 5.78
C GLY A 48 6.06 -16.47 6.14
N THR A 49 6.75 -15.94 5.14
CA THR A 49 7.60 -14.77 5.32
C THR A 49 6.76 -13.51 5.41
N ILE A 50 7.28 -12.51 6.10
CA ILE A 50 6.64 -11.21 6.19
C ILE A 50 7.48 -10.17 5.47
N LYS A 51 6.88 -9.44 4.55
CA LYS A 51 7.60 -8.45 3.76
C LYS A 51 6.73 -7.21 3.54
N ARG A 52 7.35 -6.08 3.26
CA ARG A 52 6.62 -4.85 2.98
C ARG A 52 6.52 -4.63 1.48
N MET A 53 5.31 -4.37 1.00
CA MET A 53 5.09 -4.05 -0.42
C MET A 53 4.11 -2.91 -0.58
N ARG A 54 4.25 -2.16 -1.67
CA ARG A 54 3.39 -1.00 -1.94
C ARG A 54 2.03 -1.44 -2.46
N VAL A 55 0.99 -1.09 -1.73
CA VAL A 55 -0.36 -1.39 -2.14
C VAL A 55 -1.16 -0.10 -2.28
N CYS A 56 -2.11 -0.08 -3.20
CA CYS A 56 -2.94 1.09 -3.40
C CYS A 56 -4.15 1.03 -2.46
N THR A 57 -4.64 2.19 -2.06
CA THR A 57 -5.76 2.29 -1.15
C THR A 57 -7.00 1.55 -1.70
N SER A 58 -7.11 1.51 -3.02
CA SER A 58 -8.21 0.80 -3.67
C SER A 58 -8.21 -0.68 -3.31
N CYS A 59 -7.02 -1.28 -3.26
CA CYS A 59 -6.87 -2.68 -2.88
C CYS A 59 -6.93 -2.81 -1.36
N LEU A 60 -6.38 -1.84 -0.66
CA LEU A 60 -6.39 -1.82 0.80
C LEU A 60 -7.81 -1.83 1.35
N LYS A 61 -8.64 -0.93 0.84
CA LYS A 61 -10.01 -0.78 1.32
C LYS A 61 -10.92 -1.87 0.74
N SER A 62 -10.36 -2.67 -0.17
CA SER A 62 -11.09 -3.80 -0.72
C SER A 62 -10.77 -5.07 0.07
N GLY A 63 -9.59 -5.09 0.66
CA GLY A 63 -9.15 -6.24 1.41
C GLY A 63 -8.60 -7.33 0.53
N LYS A 64 -8.12 -6.95 -0.65
CA LYS A 64 -7.54 -7.90 -1.60
C LYS A 64 -6.05 -8.09 -1.36
N VAL A 65 -5.64 -7.95 -0.10
CA VAL A 65 -4.23 -8.02 0.23
C VAL A 65 -3.95 -9.10 1.26
N LYS A 66 -2.97 -9.94 0.95
CA LYS A 66 -2.48 -10.93 1.91
C LYS A 66 -1.52 -10.24 2.87
N LYS A 67 -2.04 -9.86 4.03
CA LYS A 67 -1.35 -8.97 4.94
C LYS A 67 -0.88 -9.69 6.20
N TYR A 68 -0.20 -8.96 7.06
CA TYR A 68 0.18 -9.47 8.36
C TYR A 68 -0.79 -8.96 9.43
N VAL A 69 -2.06 -9.36 9.26
CA VAL A 69 -3.19 -9.13 10.20
C VAL A 69 -3.40 -7.68 10.66
N GLY A 70 -2.42 -7.05 11.30
CA GLY A 70 -2.59 -5.75 11.91
C GLY A 70 -2.79 -4.62 10.92
N GLN A 71 -4.04 -4.42 10.52
CA GLN A 71 -4.39 -3.31 9.63
C GLN A 71 -5.18 -2.25 10.40
N VAL A 72 -5.33 -2.50 11.71
CA VAL A 72 -6.02 -1.62 12.67
C VAL A 72 -7.36 -1.05 12.17
N SER A 73 -7.33 0.04 11.42
CA SER A 73 -8.54 0.76 11.05
C SER A 73 -9.02 0.36 9.65
N GLU A 74 -8.67 -0.85 9.23
CA GLU A 74 -9.07 -1.35 7.92
C GLU A 74 -10.57 -1.62 7.87
N VAL A 75 -11.26 -0.90 6.99
CA VAL A 75 -12.67 -1.14 6.75
C VAL A 75 -12.89 -1.49 5.29
N GLY A 76 -12.90 -2.78 5.00
CA GLY A 76 -13.08 -3.23 3.64
C GLY A 76 -14.19 -4.25 3.51
N SER A 77 -14.24 -5.17 4.46
CA SER A 77 -15.25 -6.20 4.48
C SER A 77 -15.84 -6.31 5.88
N GLN A 1 2.50 -5.69 -26.16
CA GLN A 1 2.35 -4.22 -26.31
C GLN A 1 3.53 -3.64 -27.06
N GLY A 2 4.69 -3.61 -26.42
CA GLY A 2 5.87 -3.06 -27.05
C GLY A 2 6.58 -2.11 -26.12
N HIS A 3 6.06 -0.88 -26.02
CA HIS A 3 6.63 0.11 -25.12
C HIS A 3 6.30 -0.24 -23.66
N MET A 4 7.06 0.34 -22.74
CA MET A 4 6.91 0.01 -21.33
C MET A 4 5.64 0.64 -20.75
N ILE A 5 4.63 -0.20 -20.54
CA ILE A 5 3.40 0.23 -19.88
C ILE A 5 3.47 -0.17 -18.41
N MET A 6 2.64 0.47 -17.58
CA MET A 6 2.59 0.17 -16.15
C MET A 6 3.89 0.58 -15.47
N ALA A 7 3.90 1.77 -14.90
CA ALA A 7 5.10 2.30 -14.26
C ALA A 7 5.18 1.86 -12.80
N LYS A 8 4.43 2.54 -11.94
CA LYS A 8 4.39 2.20 -10.52
C LYS A 8 2.94 2.05 -10.06
N ARG A 9 2.53 0.79 -9.91
CA ARG A 9 1.17 0.48 -9.54
C ARG A 9 1.16 -0.39 -8.28
N CYS A 10 -0.03 -0.82 -7.88
CA CYS A 10 -0.15 -1.78 -6.79
C CYS A 10 0.48 -3.10 -7.19
N GLU A 11 1.45 -3.56 -6.41
CA GLU A 11 2.20 -4.77 -6.75
C GLU A 11 1.36 -6.03 -6.56
N VAL A 12 0.15 -5.85 -6.03
CA VAL A 12 -0.75 -6.97 -5.81
C VAL A 12 -1.68 -7.18 -6.99
N CYS A 13 -2.55 -6.21 -7.24
CA CYS A 13 -3.58 -6.35 -8.26
C CYS A 13 -3.18 -5.66 -9.56
N GLY A 14 -2.15 -4.81 -9.50
CA GLY A 14 -1.72 -4.08 -10.69
C GLY A 14 -2.46 -2.78 -10.87
N LYS A 15 -3.45 -2.53 -10.02
CA LYS A 15 -4.26 -1.33 -10.11
C LYS A 15 -3.45 -0.09 -9.74
N ALA A 16 -3.93 1.06 -10.19
CA ALA A 16 -3.27 2.33 -9.91
C ALA A 16 -3.50 2.73 -8.45
N PRO A 17 -2.52 3.43 -7.85
CA PRO A 17 -2.66 3.93 -6.49
C PRO A 17 -3.58 5.14 -6.41
N ARG A 18 -4.72 4.98 -5.74
CA ARG A 18 -5.71 6.04 -5.62
C ARG A 18 -5.10 7.26 -4.95
N SER A 19 -5.16 8.39 -5.64
CA SER A 19 -4.54 9.61 -5.16
C SER A 19 -5.59 10.64 -4.76
N GLY A 20 -5.35 11.34 -3.66
CA GLY A 20 -6.24 12.41 -3.26
C GLY A 20 -6.68 12.33 -1.81
N ASN A 21 -7.54 13.28 -1.42
CA ASN A 21 -8.12 13.37 -0.08
C ASN A 21 -7.10 13.79 0.96
N THR A 22 -6.09 12.96 1.19
CA THR A 22 -5.11 13.18 2.25
C THR A 22 -5.79 13.04 3.63
N VAL A 23 -5.58 11.90 4.27
CA VAL A 23 -6.26 11.58 5.51
C VAL A 23 -5.57 12.24 6.71
N SER A 24 -5.85 13.53 6.90
CA SER A 24 -5.36 14.30 8.05
C SER A 24 -3.85 14.56 7.98
N HIS A 25 -3.45 15.71 8.48
CA HIS A 25 -2.03 16.05 8.59
C HIS A 25 -1.72 16.40 10.04
N SER A 26 -0.49 16.12 10.46
CA SER A 26 -0.12 16.27 11.86
C SER A 26 1.39 16.37 12.03
N ASP A 27 2.12 15.73 11.12
CA ASP A 27 3.58 15.67 11.18
C ASP A 27 4.05 14.85 12.38
N LYS A 28 4.23 13.56 12.15
CA LYS A 28 4.81 12.69 13.17
C LYS A 28 6.28 12.46 12.85
N LYS A 29 6.78 13.22 11.87
CA LYS A 29 8.13 13.03 11.33
C LYS A 29 8.28 11.62 10.77
N SER A 30 7.43 11.30 9.80
CA SER A 30 7.51 10.01 9.12
C SER A 30 8.36 10.17 7.87
N GLU A 31 8.33 11.38 7.32
CA GLU A 31 9.20 11.80 6.21
C GLU A 31 9.09 10.93 4.97
N ARG A 32 9.84 9.83 4.94
CA ARG A 32 10.04 9.07 3.73
C ARG A 32 9.76 7.58 3.94
N TRP A 33 8.93 7.28 4.93
CA TRP A 33 8.60 5.89 5.23
C TRP A 33 7.65 5.33 4.18
N PHE A 34 6.70 6.16 3.75
CA PHE A 34 5.69 5.74 2.78
C PHE A 34 5.78 6.59 1.52
N ARG A 35 4.87 6.32 0.59
CA ARG A 35 4.69 7.13 -0.60
C ARG A 35 3.31 7.78 -0.55
N PRO A 36 3.16 9.00 -1.11
CA PRO A 36 1.89 9.76 -1.03
C PRO A 36 0.68 8.99 -1.53
N ASN A 37 0.87 8.17 -2.56
CA ASN A 37 -0.26 7.45 -3.17
C ASN A 37 -0.16 5.95 -2.93
N LEU A 38 0.96 5.51 -2.39
CA LEU A 38 1.22 4.08 -2.21
C LEU A 38 1.46 3.74 -0.76
N GLN A 39 0.60 2.89 -0.23
CA GLN A 39 0.71 2.45 1.15
C GLN A 39 1.60 1.23 1.24
N LYS A 40 2.79 1.42 1.76
CA LYS A 40 3.73 0.33 1.95
C LYS A 40 3.40 -0.44 3.22
N VAL A 41 2.92 -1.66 3.06
CA VAL A 41 2.51 -2.46 4.19
C VAL A 41 3.26 -3.78 4.23
N ARG A 42 3.34 -4.40 5.39
CA ARG A 42 4.01 -5.68 5.52
C ARG A 42 3.02 -6.82 5.36
N VAL A 43 3.30 -7.69 4.40
CA VAL A 43 2.43 -8.81 4.08
C VAL A 43 3.11 -10.13 4.37
N VAL A 44 2.33 -11.20 4.43
CA VAL A 44 2.86 -12.52 4.73
C VAL A 44 3.26 -13.24 3.45
N LEU A 45 4.49 -13.74 3.42
CA LEU A 45 4.98 -14.53 2.31
C LEU A 45 4.80 -16.02 2.62
N PRO A 46 4.61 -16.86 1.58
CA PRO A 46 4.41 -18.30 1.76
C PRO A 46 5.64 -18.99 2.35
N ASP A 47 6.73 -18.26 2.39
CA ASP A 47 7.99 -18.74 2.97
C ASP A 47 7.97 -18.58 4.49
N GLY A 48 7.02 -17.80 4.99
CA GLY A 48 6.96 -17.53 6.42
C GLY A 48 7.61 -16.20 6.76
N THR A 49 8.03 -15.50 5.73
CA THR A 49 8.65 -14.21 5.87
C THR A 49 7.62 -13.09 5.74
N ILE A 50 7.91 -11.94 6.34
CA ILE A 50 7.02 -10.81 6.25
C ILE A 50 7.69 -9.66 5.50
N LYS A 51 7.20 -9.38 4.31
CA LYS A 51 7.84 -8.41 3.41
C LYS A 51 6.94 -7.20 3.20
N ARG A 52 7.55 -6.04 2.94
CA ARG A 52 6.79 -4.84 2.58
C ARG A 52 6.49 -4.84 1.09
N MET A 53 5.28 -4.46 0.74
CA MET A 53 4.89 -4.34 -0.66
C MET A 53 4.17 -3.01 -0.88
N ARG A 54 4.21 -2.52 -2.11
CA ARG A 54 3.53 -1.27 -2.44
C ARG A 54 2.08 -1.55 -2.80
N VAL A 55 1.17 -1.26 -1.87
CA VAL A 55 -0.24 -1.51 -2.09
C VAL A 55 -1.00 -0.19 -2.15
N CYS A 56 -2.04 -0.14 -2.96
CA CYS A 56 -2.81 1.08 -3.11
C CYS A 56 -4.04 1.05 -2.21
N THR A 57 -4.56 2.24 -1.90
CA THR A 57 -5.74 2.39 -1.06
C THR A 57 -6.95 1.71 -1.68
N SER A 58 -6.95 1.57 -2.99
CA SER A 58 -8.00 0.86 -3.70
C SER A 58 -8.10 -0.58 -3.19
N CYS A 59 -6.97 -1.28 -3.18
CA CYS A 59 -6.90 -2.65 -2.69
C CYS A 59 -7.21 -2.70 -1.20
N LEU A 60 -6.80 -1.66 -0.49
CA LEU A 60 -7.03 -1.57 0.94
C LEU A 60 -8.52 -1.50 1.27
N LYS A 61 -9.23 -0.60 0.60
CA LYS A 61 -10.65 -0.40 0.87
C LYS A 61 -11.53 -1.44 0.17
N SER A 62 -10.99 -2.09 -0.83
CA SER A 62 -11.69 -3.19 -1.47
C SER A 62 -11.49 -4.47 -0.66
N GLY A 63 -10.55 -4.41 0.28
CA GLY A 63 -10.28 -5.55 1.12
C GLY A 63 -9.73 -6.73 0.36
N LYS A 64 -8.66 -6.48 -0.37
CA LYS A 64 -8.00 -7.53 -1.12
C LYS A 64 -6.50 -7.43 -0.94
N VAL A 65 -6.04 -7.85 0.22
CA VAL A 65 -4.63 -7.78 0.57
C VAL A 65 -4.15 -9.12 1.12
N LYS A 66 -2.85 -9.22 1.33
CA LYS A 66 -2.25 -10.44 1.83
C LYS A 66 -1.49 -10.17 3.13
N LYS A 67 -2.15 -9.43 4.01
CA LYS A 67 -1.58 -9.06 5.30
C LYS A 67 -1.72 -10.21 6.30
N TYR A 68 -1.28 -9.98 7.53
CA TYR A 68 -1.42 -10.98 8.58
C TYR A 68 -2.74 -10.81 9.32
N VAL A 69 -3.37 -9.67 9.11
CA VAL A 69 -4.64 -9.33 9.75
C VAL A 69 -5.53 -8.53 8.80
N GLY A 70 -6.83 -8.59 9.02
CA GLY A 70 -7.76 -7.84 8.21
C GLY A 70 -8.49 -8.72 7.21
N GLN A 71 -8.54 -8.28 5.97
CA GLN A 71 -9.13 -9.07 4.90
C GLN A 71 -8.15 -10.16 4.48
N VAL A 72 -8.32 -11.34 5.06
CA VAL A 72 -7.38 -12.42 4.88
C VAL A 72 -7.60 -13.14 3.55
N SER A 73 -6.66 -12.95 2.64
CA SER A 73 -6.60 -13.80 1.46
C SER A 73 -5.83 -15.07 1.84
N GLU A 74 -6.55 -16.00 2.45
CA GLU A 74 -5.93 -17.15 3.09
C GLU A 74 -5.30 -18.07 2.05
N VAL A 75 -4.00 -18.31 2.23
CA VAL A 75 -3.20 -19.14 1.31
C VAL A 75 -3.02 -18.41 -0.03
N GLY A 76 -3.49 -17.17 -0.09
CA GLY A 76 -3.43 -16.40 -1.32
C GLY A 76 -4.57 -16.75 -2.24
N SER A 77 -4.38 -17.80 -3.01
CA SER A 77 -5.41 -18.33 -3.89
C SER A 77 -5.18 -19.83 -4.09
N GLN A 1 -5.32 14.78 -14.06
CA GLN A 1 -6.50 14.10 -14.62
C GLN A 1 -6.16 12.68 -15.04
N GLY A 2 -6.80 11.72 -14.39
CA GLY A 2 -6.56 10.32 -14.71
C GLY A 2 -5.46 9.73 -13.86
N HIS A 3 -5.36 8.42 -13.85
CA HIS A 3 -4.32 7.74 -13.11
C HIS A 3 -3.53 6.79 -14.02
N MET A 4 -2.43 7.31 -14.56
CA MET A 4 -1.60 6.55 -15.49
C MET A 4 -0.52 5.77 -14.74
N ILE A 5 -0.32 4.53 -15.14
CA ILE A 5 0.65 3.68 -14.48
C ILE A 5 2.05 3.89 -15.05
N MET A 6 2.95 4.44 -14.24
CA MET A 6 4.33 4.63 -14.66
C MET A 6 5.26 3.71 -13.86
N ALA A 7 5.67 4.18 -12.69
CA ALA A 7 6.55 3.40 -11.83
C ALA A 7 5.83 3.07 -10.53
N LYS A 8 5.40 4.11 -9.82
CA LYS A 8 4.59 3.93 -8.64
C LYS A 8 3.26 3.27 -9.00
N ARG A 9 3.11 2.00 -8.62
CA ARG A 9 1.92 1.23 -8.92
C ARG A 9 1.71 0.20 -7.84
N CYS A 10 0.52 -0.40 -7.81
CA CYS A 10 0.22 -1.43 -6.84
C CYS A 10 0.89 -2.74 -7.23
N GLU A 11 1.68 -3.29 -6.32
CA GLU A 11 2.38 -4.56 -6.57
C GLU A 11 1.42 -5.75 -6.44
N VAL A 12 0.21 -5.50 -5.96
CA VAL A 12 -0.77 -6.55 -5.77
C VAL A 12 -1.54 -6.84 -7.05
N CYS A 13 -2.35 -5.87 -7.49
CA CYS A 13 -3.19 -6.06 -8.66
C CYS A 13 -2.51 -5.54 -9.92
N GLY A 14 -1.57 -4.63 -9.74
CA GLY A 14 -0.88 -4.05 -10.88
C GLY A 14 -1.46 -2.71 -11.29
N LYS A 15 -2.53 -2.31 -10.61
CA LYS A 15 -3.24 -1.08 -10.94
C LYS A 15 -2.50 0.15 -10.43
N ALA A 16 -2.91 1.32 -10.92
CA ALA A 16 -2.33 2.58 -10.49
C ALA A 16 -2.90 2.96 -9.11
N PRO A 17 -2.07 3.57 -8.25
CA PRO A 17 -2.46 3.88 -6.88
C PRO A 17 -3.20 5.22 -6.74
N ARG A 18 -4.04 5.30 -5.73
CA ARG A 18 -4.71 6.54 -5.38
C ARG A 18 -4.37 6.89 -3.94
N SER A 19 -3.48 7.85 -3.75
CA SER A 19 -3.03 8.23 -2.43
C SER A 19 -4.13 8.95 -1.67
N GLY A 20 -4.28 8.62 -0.39
CA GLY A 20 -5.32 9.23 0.42
C GLY A 20 -4.91 10.58 0.96
N ASN A 21 -5.81 11.20 1.71
CA ASN A 21 -5.55 12.51 2.32
C ASN A 21 -4.32 12.44 3.22
N THR A 22 -4.19 11.35 3.96
CA THR A 22 -3.04 11.10 4.84
C THR A 22 -3.09 12.01 6.07
N VAL A 23 -3.50 11.45 7.19
CA VAL A 23 -3.60 12.20 8.44
C VAL A 23 -2.29 12.12 9.21
N SER A 24 -1.63 10.97 9.12
CA SER A 24 -0.37 10.75 9.79
C SER A 24 0.74 11.56 9.14
N HIS A 25 1.27 12.55 9.86
CA HIS A 25 2.33 13.40 9.33
C HIS A 25 3.65 12.62 9.22
N SER A 26 4.66 13.26 8.66
CA SER A 26 5.94 12.61 8.46
C SER A 26 6.97 13.16 9.44
N ASP A 27 8.12 12.51 9.49
CA ASP A 27 9.22 12.95 10.34
C ASP A 27 10.03 14.01 9.62
N LYS A 28 10.08 15.20 10.20
CA LYS A 28 10.78 16.32 9.59
C LYS A 28 12.30 16.14 9.71
N LYS A 29 12.86 15.43 8.75
CA LYS A 29 14.29 15.19 8.68
C LYS A 29 14.61 14.80 7.24
N SER A 30 13.93 13.77 6.77
CA SER A 30 13.99 13.39 5.37
C SER A 30 12.71 13.88 4.68
N GLU A 31 12.84 14.93 3.88
CA GLU A 31 11.68 15.59 3.28
C GLU A 31 11.28 14.95 1.96
N ARG A 32 11.76 13.73 1.72
CA ARG A 32 11.39 13.00 0.52
C ARG A 32 10.78 11.66 0.89
N TRP A 33 9.70 11.32 0.21
CA TRP A 33 9.00 10.07 0.46
C TRP A 33 9.29 9.06 -0.64
N PHE A 34 9.71 7.87 -0.27
CA PHE A 34 9.91 6.80 -1.24
C PHE A 34 8.57 6.20 -1.61
N ARG A 35 8.12 6.52 -2.83
CA ARG A 35 6.80 6.11 -3.31
C ARG A 35 5.71 6.78 -2.49
N PRO A 36 5.48 8.09 -2.70
CA PRO A 36 4.54 8.87 -1.89
C PRO A 36 3.09 8.70 -2.35
N ASN A 37 2.87 7.81 -3.31
CA ASN A 37 1.53 7.55 -3.82
C ASN A 37 1.09 6.15 -3.42
N LEU A 38 1.93 5.49 -2.66
CA LEU A 38 1.72 4.07 -2.36
C LEU A 38 1.74 3.83 -0.86
N GLN A 39 0.72 3.14 -0.38
CA GLN A 39 0.62 2.82 1.02
C GLN A 39 1.45 1.59 1.33
N LYS A 40 2.71 1.82 1.65
CA LYS A 40 3.65 0.76 1.94
C LYS A 40 3.26 0.01 3.20
N VAL A 41 2.90 -1.26 3.04
CA VAL A 41 2.48 -2.08 4.16
C VAL A 41 3.21 -3.42 4.13
N ARG A 42 3.36 -4.03 5.30
CA ARG A 42 3.95 -5.34 5.41
C ARG A 42 2.86 -6.41 5.39
N VAL A 43 2.99 -7.35 4.46
CA VAL A 43 1.98 -8.38 4.29
C VAL A 43 2.54 -9.76 4.61
N VAL A 44 1.64 -10.67 4.96
CA VAL A 44 2.00 -12.05 5.23
C VAL A 44 1.90 -12.88 3.95
N LEU A 45 3.03 -13.42 3.52
CA LEU A 45 3.07 -14.29 2.36
C LEU A 45 2.67 -15.70 2.78
N PRO A 46 2.11 -16.50 1.84
CA PRO A 46 1.64 -17.86 2.13
C PRO A 46 2.72 -18.75 2.75
N ASP A 47 3.97 -18.47 2.40
CA ASP A 47 5.11 -19.20 2.95
C ASP A 47 5.27 -18.93 4.44
N GLY A 48 4.83 -17.75 4.85
CA GLY A 48 5.04 -17.32 6.22
C GLY A 48 6.03 -16.17 6.29
N THR A 49 6.40 -15.67 5.12
CA THR A 49 7.32 -14.56 5.03
C THR A 49 6.59 -13.24 5.20
N ILE A 50 7.29 -12.25 5.71
CA ILE A 50 6.74 -10.92 5.88
C ILE A 50 7.33 -10.00 4.82
N LYS A 51 6.52 -9.62 3.85
CA LYS A 51 7.02 -8.83 2.74
C LYS A 51 6.44 -7.43 2.76
N ARG A 52 7.30 -6.45 2.55
CA ARG A 52 6.87 -5.06 2.46
C ARG A 52 6.57 -4.74 1.01
N MET A 53 5.34 -4.34 0.72
CA MET A 53 4.95 -4.09 -0.66
C MET A 53 4.32 -2.71 -0.81
N ARG A 54 4.38 -2.22 -2.03
CA ARG A 54 3.74 -0.97 -2.39
C ARG A 54 2.29 -1.24 -2.80
N VAL A 55 1.36 -0.98 -1.90
CA VAL A 55 -0.04 -1.29 -2.13
C VAL A 55 -0.86 -0.01 -2.18
N CYS A 56 -1.88 0.00 -3.02
CA CYS A 56 -2.76 1.15 -3.12
C CYS A 56 -3.92 1.01 -2.14
N THR A 57 -4.48 2.14 -1.73
CA THR A 57 -5.61 2.17 -0.81
C THR A 57 -6.80 1.38 -1.36
N SER A 58 -6.88 1.27 -2.68
CA SER A 58 -7.95 0.54 -3.34
C SER A 58 -7.87 -0.94 -2.97
N CYS A 59 -6.67 -1.51 -3.08
CA CYS A 59 -6.42 -2.88 -2.70
C CYS A 59 -6.55 -3.06 -1.19
N LEU A 60 -6.18 -2.03 -0.45
CA LEU A 60 -6.29 -2.05 1.01
C LEU A 60 -7.75 -2.20 1.44
N LYS A 61 -8.60 -1.32 0.94
CA LYS A 61 -10.01 -1.27 1.34
C LYS A 61 -10.84 -2.37 0.68
N SER A 62 -10.80 -2.44 -0.64
CA SER A 62 -11.70 -3.33 -1.37
C SER A 62 -10.98 -4.55 -1.93
N GLY A 63 -9.70 -4.67 -1.66
CA GLY A 63 -8.93 -5.78 -2.17
C GLY A 63 -8.76 -6.89 -1.16
N LYS A 64 -7.65 -7.59 -1.24
CA LYS A 64 -7.39 -8.71 -0.36
C LYS A 64 -5.90 -8.78 0.02
N VAL A 65 -5.51 -7.93 0.96
CA VAL A 65 -4.13 -7.92 1.42
C VAL A 65 -4.01 -8.57 2.79
N LYS A 66 -3.15 -9.56 2.90
CA LYS A 66 -2.89 -10.21 4.17
C LYS A 66 -1.99 -9.33 5.02
N LYS A 67 -2.59 -8.36 5.68
CA LYS A 67 -1.85 -7.39 6.47
C LYS A 67 -1.24 -8.02 7.72
N TYR A 68 0.06 -7.82 7.91
CA TYR A 68 0.72 -8.23 9.14
C TYR A 68 0.75 -7.05 10.10
N VAL A 69 -0.43 -6.47 10.34
CA VAL A 69 -0.56 -5.29 11.20
C VAL A 69 0.22 -4.10 10.62
N GLY A 70 -0.46 -3.32 9.81
CA GLY A 70 0.13 -2.11 9.28
C GLY A 70 -0.51 -0.88 9.89
N GLN A 71 0.23 0.21 9.97
CA GLN A 71 -0.28 1.41 10.61
C GLN A 71 -1.08 2.26 9.62
N VAL A 72 -1.32 1.70 8.44
CA VAL A 72 -2.18 2.32 7.46
C VAL A 72 -3.59 1.75 7.59
N SER A 73 -4.47 2.53 8.21
CA SER A 73 -5.83 2.11 8.45
C SER A 73 -6.81 2.78 7.49
N GLU A 74 -7.71 1.98 6.92
CA GLU A 74 -8.73 2.52 6.04
C GLU A 74 -9.85 3.16 6.86
N VAL A 75 -10.84 3.69 6.16
CA VAL A 75 -11.98 4.33 6.81
C VAL A 75 -13.27 3.89 6.15
N GLY A 76 -14.33 3.75 6.95
CA GLY A 76 -15.63 3.38 6.42
C GLY A 76 -16.30 4.51 5.68
N SER A 77 -15.82 4.78 4.48
CA SER A 77 -16.39 5.81 3.63
C SER A 77 -16.19 5.42 2.16
N GLN A 1 -8.67 1.32 -20.23
CA GLN A 1 -7.78 2.33 -20.85
C GLN A 1 -6.38 2.21 -20.30
N GLY A 2 -5.39 2.33 -21.19
CA GLY A 2 -4.01 2.20 -20.77
C GLY A 2 -3.39 3.54 -20.39
N HIS A 3 -2.14 3.74 -20.84
CA HIS A 3 -1.36 4.93 -20.49
C HIS A 3 -0.99 4.93 -19.01
N MET A 4 -1.12 3.77 -18.40
CA MET A 4 -0.89 3.62 -16.97
C MET A 4 0.42 2.86 -16.72
N ILE A 5 1.12 2.52 -17.80
CA ILE A 5 2.36 1.76 -17.68
C ILE A 5 3.50 2.65 -17.20
N MET A 6 3.68 2.66 -15.89
CA MET A 6 4.75 3.41 -15.26
C MET A 6 5.11 2.71 -13.96
N ALA A 7 6.40 2.75 -13.59
CA ALA A 7 6.86 2.04 -12.40
C ALA A 7 6.46 2.76 -11.12
N LYS A 8 5.17 2.72 -10.81
CA LYS A 8 4.65 3.24 -9.55
C LYS A 8 3.21 2.79 -9.36
N ARG A 9 2.94 1.56 -9.78
CA ARG A 9 1.62 0.95 -9.62
C ARG A 9 1.65 -0.06 -8.47
N CYS A 10 0.50 -0.65 -8.15
CA CYS A 10 0.43 -1.67 -7.11
C CYS A 10 1.33 -2.85 -7.49
N GLU A 11 2.26 -3.19 -6.61
CA GLU A 11 3.19 -4.30 -6.86
C GLU A 11 2.44 -5.61 -7.06
N VAL A 12 1.21 -5.67 -6.55
CA VAL A 12 0.41 -6.88 -6.61
C VAL A 12 -0.59 -6.82 -7.75
N CYS A 13 -1.59 -5.96 -7.60
CA CYS A 13 -2.72 -5.94 -8.53
C CYS A 13 -2.38 -5.21 -9.83
N GLY A 14 -1.32 -4.41 -9.80
CA GLY A 14 -0.90 -3.69 -11.00
C GLY A 14 -1.75 -2.47 -11.30
N LYS A 15 -2.71 -2.19 -10.43
CA LYS A 15 -3.59 -1.03 -10.62
C LYS A 15 -2.89 0.24 -10.15
N ALA A 16 -3.44 1.39 -10.55
CA ALA A 16 -2.84 2.68 -10.26
C ALA A 16 -3.02 3.05 -8.78
N PRO A 17 -2.04 3.78 -8.22
CA PRO A 17 -2.11 4.27 -6.85
C PRO A 17 -3.00 5.50 -6.72
N ARG A 18 -4.02 5.40 -5.88
CA ARG A 18 -4.96 6.49 -5.69
C ARG A 18 -5.35 6.62 -4.22
N SER A 19 -4.67 7.51 -3.52
CA SER A 19 -4.94 7.74 -2.11
C SER A 19 -6.12 8.70 -1.93
N GLY A 20 -6.12 9.78 -2.71
CA GLY A 20 -7.23 10.72 -2.68
C GLY A 20 -7.02 11.84 -1.69
N ASN A 21 -6.62 11.50 -0.47
CA ASN A 21 -6.40 12.50 0.57
C ASN A 21 -5.07 12.23 1.27
N THR A 22 -4.39 13.30 1.66
CA THR A 22 -3.11 13.18 2.31
C THR A 22 -3.24 13.33 3.83
N VAL A 23 -2.71 12.36 4.56
CA VAL A 23 -2.71 12.43 6.02
C VAL A 23 -1.58 13.35 6.50
N SER A 24 -0.57 13.49 5.68
CA SER A 24 0.54 14.37 5.98
C SER A 24 0.18 15.81 5.64
N HIS A 25 -0.04 16.61 6.68
CA HIS A 25 -0.30 18.03 6.53
C HIS A 25 0.98 18.72 6.06
N SER A 26 2.09 18.30 6.64
CA SER A 26 3.40 18.79 6.25
C SER A 26 4.29 17.60 5.92
N ASP A 27 5.03 17.69 4.81
CA ASP A 27 5.90 16.59 4.42
C ASP A 27 7.07 16.46 5.40
N LYS A 28 7.66 17.60 5.76
CA LYS A 28 8.71 17.67 6.78
C LYS A 28 9.99 16.93 6.37
N LYS A 29 11.09 17.28 7.05
CA LYS A 29 12.38 16.59 6.88
C LYS A 29 12.93 16.76 5.46
N SER A 30 13.95 15.96 5.15
CA SER A 30 14.51 15.89 3.81
C SER A 30 14.88 14.45 3.51
N GLU A 31 14.94 14.11 2.22
CA GLU A 31 15.11 12.73 1.79
C GLU A 31 13.99 11.85 2.33
N ARG A 32 12.87 11.84 1.62
CA ARG A 32 11.66 11.17 2.09
C ARG A 32 11.63 9.72 1.57
N TRP A 33 11.11 8.83 2.40
CA TRP A 33 10.94 7.43 2.01
C TRP A 33 9.46 7.09 1.78
N PHE A 34 8.68 8.12 1.51
CA PHE A 34 7.25 7.96 1.26
C PHE A 34 6.81 8.81 0.09
N ARG A 35 5.73 8.41 -0.55
CA ARG A 35 5.22 9.13 -1.72
C ARG A 35 3.77 9.57 -1.47
N PRO A 36 3.27 10.56 -2.23
CA PRO A 36 1.88 11.02 -2.13
C PRO A 36 0.88 9.92 -2.51
N ASN A 37 1.37 8.92 -3.22
CA ASN A 37 0.59 7.75 -3.55
C ASN A 37 1.42 6.49 -3.32
N LEU A 38 0.76 5.34 -3.31
CA LEU A 38 1.39 4.06 -2.97
C LEU A 38 1.71 3.99 -1.49
N GLN A 39 1.02 3.09 -0.81
CA GLN A 39 1.21 2.94 0.62
C GLN A 39 2.01 1.68 0.90
N LYS A 40 3.21 1.84 1.44
CA LYS A 40 4.05 0.69 1.76
C LYS A 40 3.56 0.05 3.06
N VAL A 41 2.99 -1.14 2.93
CA VAL A 41 2.43 -1.83 4.07
C VAL A 41 3.00 -3.24 4.16
N ARG A 42 2.77 -3.89 5.29
CA ARG A 42 3.28 -5.23 5.51
C ARG A 42 2.20 -6.26 5.17
N VAL A 43 2.46 -7.07 4.16
CA VAL A 43 1.52 -8.10 3.75
C VAL A 43 2.13 -9.47 3.97
N VAL A 44 1.28 -10.47 4.15
CA VAL A 44 1.74 -11.84 4.31
C VAL A 44 1.65 -12.57 2.98
N LEU A 45 2.76 -13.16 2.57
CA LEU A 45 2.80 -13.94 1.34
C LEU A 45 2.23 -15.32 1.58
N PRO A 46 1.54 -15.89 0.58
CA PRO A 46 0.97 -17.24 0.68
C PRO A 46 2.05 -18.29 0.93
N ASP A 47 3.29 -17.95 0.61
CA ASP A 47 4.43 -18.83 0.87
C ASP A 47 4.72 -18.88 2.37
N GLY A 48 4.19 -17.91 3.11
CA GLY A 48 4.40 -17.86 4.54
C GLY A 48 5.46 -16.86 4.93
N THR A 49 5.52 -15.75 4.21
CA THR A 49 6.53 -14.74 4.45
C THR A 49 5.89 -13.40 4.76
N ILE A 50 6.62 -12.56 5.50
CA ILE A 50 6.16 -11.21 5.79
C ILE A 50 6.94 -10.24 4.91
N LYS A 51 6.25 -9.48 4.08
CA LYS A 51 6.92 -8.64 3.11
C LYS A 51 6.27 -7.26 3.04
N ARG A 52 7.10 -6.23 2.99
CA ARG A 52 6.61 -4.87 2.82
C ARG A 52 6.53 -4.53 1.35
N MET A 53 5.35 -4.12 0.89
CA MET A 53 5.14 -3.86 -0.52
C MET A 53 4.41 -2.55 -0.75
N ARG A 54 4.50 -2.03 -1.96
CA ARG A 54 3.80 -0.82 -2.35
C ARG A 54 2.37 -1.17 -2.72
N VAL A 55 1.44 -0.91 -1.82
CA VAL A 55 0.05 -1.31 -2.00
C VAL A 55 -0.85 -0.08 -2.17
N CYS A 56 -1.79 -0.17 -3.10
CA CYS A 56 -2.75 0.90 -3.33
C CYS A 56 -3.87 0.84 -2.30
N THR A 57 -4.49 1.99 -2.04
CA THR A 57 -5.57 2.08 -1.08
C THR A 57 -6.77 1.22 -1.48
N SER A 58 -6.91 0.97 -2.78
CA SER A 58 -7.95 0.10 -3.29
C SER A 58 -7.76 -1.32 -2.75
N CYS A 59 -6.51 -1.78 -2.75
CA CYS A 59 -6.16 -3.07 -2.19
C CYS A 59 -6.26 -3.02 -0.66
N LEU A 60 -5.96 -1.87 -0.09
CA LEU A 60 -6.10 -1.68 1.35
C LEU A 60 -7.56 -1.80 1.77
N LYS A 61 -8.46 -1.32 0.91
CA LYS A 61 -9.89 -1.35 1.20
C LYS A 61 -10.49 -2.72 0.86
N SER A 62 -10.45 -3.09 -0.41
CA SER A 62 -11.17 -4.25 -0.90
C SER A 62 -10.30 -5.51 -0.88
N GLY A 63 -9.00 -5.32 -0.95
CA GLY A 63 -8.10 -6.45 -0.92
C GLY A 63 -7.36 -6.65 -2.22
N LYS A 64 -7.81 -7.61 -3.01
CA LYS A 64 -7.11 -8.05 -4.22
C LYS A 64 -5.68 -8.48 -3.91
N VAL A 65 -5.43 -8.75 -2.63
CA VAL A 65 -4.15 -9.19 -2.14
C VAL A 65 -4.39 -10.24 -1.07
N LYS A 66 -3.32 -10.77 -0.50
CA LYS A 66 -3.45 -11.72 0.59
C LYS A 66 -3.74 -10.97 1.88
N LYS A 67 -2.99 -9.88 2.09
CA LYS A 67 -3.20 -8.96 3.20
C LYS A 67 -2.80 -9.60 4.53
N TYR A 68 -2.24 -8.81 5.44
CA TYR A 68 -1.77 -9.33 6.73
C TYR A 68 -2.93 -9.46 7.72
N VAL A 69 -4.08 -9.95 7.23
CA VAL A 69 -5.29 -10.21 8.03
C VAL A 69 -5.61 -9.09 9.01
N GLY A 70 -5.28 -7.86 8.63
CA GLY A 70 -5.54 -6.72 9.50
C GLY A 70 -7.01 -6.37 9.58
N GLN A 71 -7.32 -5.32 10.32
CA GLN A 71 -8.70 -4.89 10.50
C GLN A 71 -9.32 -4.44 9.18
N VAL A 72 -10.57 -4.82 8.97
CA VAL A 72 -11.30 -4.41 7.79
C VAL A 72 -12.59 -3.70 8.17
N SER A 73 -12.61 -2.40 7.96
CA SER A 73 -13.79 -1.58 8.22
C SER A 73 -14.89 -1.91 7.20
N GLU A 74 -14.47 -2.54 6.12
CA GLU A 74 -15.38 -2.98 5.06
C GLU A 74 -14.69 -4.11 4.30
N VAL A 75 -15.46 -4.97 3.67
CA VAL A 75 -14.89 -6.11 2.97
C VAL A 75 -14.48 -5.73 1.55
N GLY A 76 -15.20 -4.80 0.95
CA GLY A 76 -14.87 -4.36 -0.39
C GLY A 76 -15.36 -5.33 -1.45
N SER A 77 -14.83 -6.55 -1.43
CA SER A 77 -15.18 -7.56 -2.41
C SER A 77 -15.40 -8.91 -1.72
N GLN A 1 7.54 -9.96 -12.80
CA GLN A 1 8.96 -9.59 -12.74
C GLN A 1 9.33 -8.69 -13.90
N GLY A 2 9.47 -7.40 -13.64
CA GLY A 2 9.81 -6.47 -14.68
C GLY A 2 10.19 -5.10 -14.17
N HIS A 3 11.35 -4.63 -14.60
CA HIS A 3 11.79 -3.27 -14.31
C HIS A 3 11.46 -2.39 -15.51
N MET A 4 11.00 -3.04 -16.57
CA MET A 4 10.62 -2.41 -17.82
C MET A 4 9.28 -1.68 -17.70
N ILE A 5 9.13 -0.89 -16.65
CA ILE A 5 7.90 -0.16 -16.41
C ILE A 5 8.19 1.22 -15.83
N MET A 6 9.14 1.27 -14.88
CA MET A 6 9.58 2.51 -14.22
C MET A 6 8.51 3.07 -13.28
N ALA A 7 7.28 3.15 -13.75
CA ALA A 7 6.18 3.68 -12.95
C ALA A 7 5.88 2.78 -11.76
N LYS A 8 5.48 3.39 -10.66
CA LYS A 8 5.21 2.65 -9.43
C LYS A 8 3.71 2.46 -9.21
N ARG A 9 3.18 1.41 -9.82
CA ARG A 9 1.79 1.01 -9.61
C ARG A 9 1.68 0.10 -8.39
N CYS A 10 0.48 -0.36 -8.09
CA CYS A 10 0.30 -1.37 -7.05
C CYS A 10 1.05 -2.63 -7.45
N GLU A 11 2.07 -2.98 -6.68
CA GLU A 11 2.94 -4.10 -7.03
C GLU A 11 2.18 -5.42 -7.06
N VAL A 12 0.98 -5.43 -6.49
CA VAL A 12 0.17 -6.63 -6.43
C VAL A 12 -0.56 -6.89 -7.76
N CYS A 13 -1.45 -5.99 -8.15
CA CYS A 13 -2.31 -6.24 -9.31
C CYS A 13 -2.13 -5.18 -10.40
N GLY A 14 -1.16 -4.30 -10.24
CA GLY A 14 -0.96 -3.25 -11.21
C GLY A 14 -2.05 -2.20 -11.15
N LYS A 15 -2.68 -2.08 -9.99
CA LYS A 15 -3.74 -1.10 -9.78
C LYS A 15 -3.14 0.29 -9.64
N ALA A 16 -3.96 1.32 -9.83
CA ALA A 16 -3.49 2.69 -9.74
C ALA A 16 -3.67 3.22 -8.31
N PRO A 17 -2.73 4.05 -7.85
CA PRO A 17 -2.75 4.62 -6.51
C PRO A 17 -3.52 5.93 -6.44
N ARG A 18 -4.33 6.07 -5.39
CA ARG A 18 -5.03 7.33 -5.11
C ARG A 18 -5.16 7.51 -3.60
N SER A 19 -4.55 8.57 -3.09
CA SER A 19 -4.59 8.89 -1.67
C SER A 19 -3.99 7.76 -0.83
N GLY A 20 -2.68 7.59 -0.96
CA GLY A 20 -1.99 6.51 -0.26
C GLY A 20 -1.29 6.98 1.00
N ASN A 21 -1.68 8.16 1.48
CA ASN A 21 -1.16 8.74 2.71
C ASN A 21 0.33 9.10 2.61
N THR A 22 0.63 10.35 2.96
CA THR A 22 2.01 10.86 2.88
C THR A 22 2.93 10.11 3.85
N VAL A 23 2.34 9.63 4.96
CA VAL A 23 3.04 8.90 6.03
C VAL A 23 4.22 9.69 6.60
N SER A 24 4.90 9.08 7.56
CA SER A 24 6.03 9.72 8.22
C SER A 24 7.11 8.67 8.53
N HIS A 25 8.11 9.08 9.31
CA HIS A 25 9.21 8.22 9.71
C HIS A 25 10.15 7.92 8.54
N SER A 26 11.26 8.64 8.49
CA SER A 26 12.22 8.49 7.41
C SER A 26 13.47 7.76 7.90
N ASP A 27 13.75 6.62 7.28
CA ASP A 27 14.94 5.85 7.60
C ASP A 27 15.78 5.62 6.35
N LYS A 28 16.63 4.59 6.41
CA LYS A 28 17.47 4.20 5.27
C LYS A 28 16.64 4.05 4.00
N LYS A 29 17.12 4.65 2.92
CA LYS A 29 16.40 4.61 1.66
C LYS A 29 16.78 3.36 0.87
N SER A 30 15.82 2.47 0.73
CA SER A 30 16.03 1.25 -0.06
C SER A 30 14.75 0.86 -0.78
N GLU A 31 14.48 1.55 -1.88
CA GLU A 31 13.32 1.29 -2.73
C GLU A 31 12.01 1.45 -1.94
N ARG A 32 12.04 2.35 -0.97
CA ARG A 32 10.86 2.67 -0.18
C ARG A 32 10.75 4.18 -0.02
N TRP A 33 9.59 4.65 0.45
CA TRP A 33 9.30 6.07 0.52
C TRP A 33 9.17 6.67 -0.89
N PHE A 34 9.20 8.00 -0.97
CA PHE A 34 9.13 8.73 -2.23
C PHE A 34 7.77 8.58 -2.92
N ARG A 35 6.89 7.82 -2.31
CA ARG A 35 5.55 7.58 -2.87
C ARG A 35 4.48 7.86 -1.81
N PRO A 36 4.04 9.12 -1.69
CA PRO A 36 2.95 9.50 -0.77
C PRO A 36 1.58 9.08 -1.29
N ASN A 37 1.54 8.57 -2.51
CA ASN A 37 0.29 8.13 -3.11
C ASN A 37 0.13 6.63 -2.96
N LEU A 38 1.17 5.99 -2.45
CA LEU A 38 1.18 4.54 -2.24
C LEU A 38 1.29 4.23 -0.75
N GLN A 39 0.49 3.28 -0.31
CA GLN A 39 0.60 2.79 1.05
C GLN A 39 1.61 1.67 1.10
N LYS A 40 2.73 1.95 1.72
CA LYS A 40 3.75 0.94 1.90
C LYS A 40 3.37 0.10 3.09
N VAL A 41 2.97 -1.12 2.82
CA VAL A 41 2.45 -1.99 3.84
C VAL A 41 3.16 -3.33 3.87
N ARG A 42 2.97 -4.07 4.95
CA ARG A 42 3.56 -5.39 5.10
C ARG A 42 2.47 -6.43 4.90
N VAL A 43 2.69 -7.36 3.98
CA VAL A 43 1.70 -8.39 3.71
C VAL A 43 2.20 -9.73 4.23
N VAL A 44 1.27 -10.60 4.57
CA VAL A 44 1.60 -11.88 5.15
C VAL A 44 1.65 -12.96 4.08
N LEU A 45 2.83 -13.47 3.81
CA LEU A 45 3.00 -14.56 2.89
C LEU A 45 2.45 -15.84 3.50
N PRO A 46 1.86 -16.73 2.68
CA PRO A 46 1.31 -18.01 3.15
C PRO A 46 2.37 -18.89 3.81
N ASP A 47 3.64 -18.54 3.58
CA ASP A 47 4.76 -19.27 4.16
C ASP A 47 5.06 -18.75 5.56
N GLY A 48 4.25 -17.80 6.01
CA GLY A 48 4.42 -17.24 7.33
C GLY A 48 5.54 -16.21 7.39
N THR A 49 5.69 -15.46 6.31
CA THR A 49 6.74 -14.45 6.23
C THR A 49 6.12 -13.07 5.99
N ILE A 50 6.77 -12.04 6.50
CA ILE A 50 6.29 -10.68 6.32
C ILE A 50 7.03 -10.01 5.18
N LYS A 51 6.30 -9.63 4.14
CA LYS A 51 6.90 -9.01 2.97
C LYS A 51 6.24 -7.67 2.70
N ARG A 52 7.06 -6.63 2.64
CA ARG A 52 6.54 -5.28 2.46
C ARG A 52 6.58 -4.85 1.00
N MET A 53 5.50 -4.23 0.55
CA MET A 53 5.38 -3.79 -0.83
C MET A 53 4.65 -2.46 -0.92
N ARG A 54 4.69 -1.87 -2.10
CA ARG A 54 3.98 -0.64 -2.37
C ARG A 54 2.58 -0.97 -2.91
N VAL A 55 1.57 -0.70 -2.09
CA VAL A 55 0.20 -1.05 -2.44
C VAL A 55 -0.70 0.18 -2.43
N CYS A 56 -1.75 0.16 -3.23
CA CYS A 56 -2.68 1.27 -3.27
C CYS A 56 -3.81 1.06 -2.28
N THR A 57 -4.30 2.17 -1.72
CA THR A 57 -5.37 2.13 -0.73
C THR A 57 -6.63 1.42 -1.25
N SER A 58 -6.83 1.46 -2.56
CA SER A 58 -7.96 0.78 -3.18
C SER A 58 -7.90 -0.73 -2.93
N CYS A 59 -6.71 -1.30 -3.08
CA CYS A 59 -6.50 -2.71 -2.81
C CYS A 59 -6.60 -3.01 -1.33
N LEU A 60 -6.15 -2.06 -0.52
CA LEU A 60 -6.15 -2.18 0.93
C LEU A 60 -7.57 -2.42 1.47
N LYS A 61 -8.50 -1.57 1.08
CA LYS A 61 -9.85 -1.64 1.62
C LYS A 61 -10.67 -2.73 0.94
N SER A 62 -10.27 -3.12 -0.28
CA SER A 62 -10.94 -4.22 -0.97
C SER A 62 -10.52 -5.55 -0.36
N GLY A 63 -9.31 -5.59 0.20
CA GLY A 63 -8.85 -6.75 0.92
C GLY A 63 -8.50 -7.91 0.02
N LYS A 64 -8.06 -7.61 -1.20
CA LYS A 64 -7.67 -8.65 -2.15
C LYS A 64 -6.28 -9.16 -1.81
N VAL A 65 -5.55 -8.38 -1.03
CA VAL A 65 -4.19 -8.72 -0.64
C VAL A 65 -4.17 -9.37 0.74
N LYS A 66 -3.07 -10.04 1.06
CA LYS A 66 -2.91 -10.67 2.36
C LYS A 66 -2.46 -9.65 3.39
N LYS A 67 -3.40 -8.79 3.79
CA LYS A 67 -3.11 -7.75 4.77
C LYS A 67 -3.24 -8.29 6.18
N TYR A 68 -2.33 -7.88 7.06
CA TYR A 68 -2.37 -8.30 8.45
C TYR A 68 -3.40 -7.45 9.22
N VAL A 69 -3.93 -6.44 8.53
CA VAL A 69 -4.95 -5.54 9.08
C VAL A 69 -4.40 -4.77 10.29
N GLY A 70 -3.89 -3.58 10.04
CA GLY A 70 -3.34 -2.76 11.11
C GLY A 70 -3.64 -1.30 10.92
N GLN A 71 -4.84 -0.89 11.34
CA GLN A 71 -5.30 0.50 11.22
C GLN A 71 -5.31 0.95 9.76
N VAL A 72 -6.39 0.62 9.06
CA VAL A 72 -6.52 0.94 7.66
C VAL A 72 -7.54 2.06 7.47
N SER A 73 -7.40 2.81 6.39
CA SER A 73 -8.32 3.89 6.08
C SER A 73 -8.85 3.72 4.66
N GLU A 74 -10.15 3.91 4.48
CA GLU A 74 -10.75 3.77 3.16
C GLU A 74 -10.58 5.05 2.35
N VAL A 75 -10.57 6.17 3.06
CA VAL A 75 -10.45 7.50 2.45
C VAL A 75 -11.61 7.76 1.46
N GLY A 76 -12.71 8.25 1.99
CA GLY A 76 -13.88 8.52 1.16
C GLY A 76 -15.01 9.16 1.93
N SER A 77 -14.66 10.08 2.83
CA SER A 77 -15.65 10.78 3.63
C SER A 77 -15.77 12.22 3.14
N GLN A 1 4.86 -14.18 -9.15
CA GLN A 1 4.36 -13.42 -7.98
C GLN A 1 5.43 -12.44 -7.51
N GLY A 2 5.36 -11.21 -7.99
CA GLY A 2 6.31 -10.19 -7.59
C GLY A 2 7.72 -10.48 -8.08
N HIS A 3 7.82 -11.02 -9.29
CA HIS A 3 9.11 -11.40 -9.84
C HIS A 3 9.74 -10.22 -10.58
N MET A 4 8.91 -9.29 -11.02
CA MET A 4 9.39 -8.11 -11.74
C MET A 4 8.37 -6.98 -11.65
N ILE A 5 8.77 -5.89 -11.01
CA ILE A 5 7.88 -4.75 -10.85
C ILE A 5 8.27 -3.64 -11.83
N MET A 6 7.39 -3.37 -12.77
CA MET A 6 7.62 -2.31 -13.75
C MET A 6 6.55 -1.23 -13.62
N ALA A 7 6.98 0.02 -13.83
CA ALA A 7 6.09 1.18 -13.74
C ALA A 7 5.58 1.38 -12.31
N LYS A 8 4.81 2.43 -12.10
CA LYS A 8 4.25 2.72 -10.79
C LYS A 8 2.85 2.11 -10.68
N ARG A 9 2.82 0.81 -10.42
CA ARG A 9 1.58 0.09 -10.17
C ARG A 9 1.53 -0.37 -8.73
N CYS A 10 0.42 -0.98 -8.35
CA CYS A 10 0.35 -1.70 -7.10
C CYS A 10 1.02 -3.05 -7.28
N GLU A 11 1.99 -3.36 -6.43
CA GLU A 11 2.80 -4.57 -6.61
C GLU A 11 1.97 -5.84 -6.45
N VAL A 12 0.77 -5.71 -5.89
CA VAL A 12 -0.10 -6.85 -5.65
C VAL A 12 -1.06 -7.10 -6.82
N CYS A 13 -1.95 -6.15 -7.06
CA CYS A 13 -3.01 -6.33 -8.05
C CYS A 13 -2.62 -5.80 -9.43
N GLY A 14 -1.64 -4.91 -9.47
CA GLY A 14 -1.24 -4.29 -10.71
C GLY A 14 -2.05 -3.05 -11.03
N LYS A 15 -3.00 -2.73 -10.14
CA LYS A 15 -3.85 -1.55 -10.32
C LYS A 15 -3.04 -0.27 -10.16
N ALA A 16 -3.59 0.83 -10.64
CA ALA A 16 -2.93 2.13 -10.53
C ALA A 16 -3.21 2.75 -9.17
N PRO A 17 -2.22 3.44 -8.59
CA PRO A 17 -2.36 4.06 -7.27
C PRO A 17 -2.87 5.50 -7.35
N ARG A 18 -4.16 5.67 -7.17
CA ARG A 18 -4.77 7.00 -7.16
C ARG A 18 -5.91 7.04 -6.14
N SER A 19 -5.96 8.11 -5.35
CA SER A 19 -6.98 8.25 -4.32
C SER A 19 -7.44 9.71 -4.24
N GLY A 20 -6.55 10.58 -3.81
CA GLY A 20 -6.87 11.99 -3.69
C GLY A 20 -5.79 12.75 -2.93
N ASN A 21 -6.12 13.93 -2.44
CA ASN A 21 -5.17 14.74 -1.69
C ASN A 21 -5.89 15.59 -0.65
N THR A 22 -5.59 15.35 0.61
CA THR A 22 -6.14 16.15 1.71
C THR A 22 -5.18 16.14 2.90
N VAL A 23 -4.81 17.32 3.37
CA VAL A 23 -3.88 17.45 4.47
C VAL A 23 -4.59 17.74 5.78
N SER A 24 -5.85 18.12 5.69
CA SER A 24 -6.64 18.48 6.86
C SER A 24 -6.89 17.28 7.77
N HIS A 25 -6.28 17.33 8.96
CA HIS A 25 -6.44 16.29 9.99
C HIS A 25 -5.90 14.93 9.51
N SER A 26 -5.00 14.96 8.54
CA SER A 26 -4.43 13.74 8.00
C SER A 26 -3.11 13.41 8.71
N ASP A 27 -2.45 14.43 9.23
CA ASP A 27 -1.10 14.26 9.77
C ASP A 27 -0.90 15.05 11.06
N LYS A 28 0.00 14.54 11.91
CA LYS A 28 0.37 15.21 13.14
C LYS A 28 1.81 15.71 13.07
N LYS A 29 2.72 14.83 12.66
CA LYS A 29 4.14 15.13 12.72
C LYS A 29 4.94 14.30 11.70
N SER A 30 4.30 13.90 10.63
CA SER A 30 4.97 13.12 9.60
C SER A 30 5.44 14.05 8.48
N GLU A 31 6.39 13.56 7.70
CA GLU A 31 6.91 14.34 6.57
C GLU A 31 6.86 13.47 5.32
N ARG A 32 7.33 12.23 5.47
CA ARG A 32 7.26 11.25 4.39
C ARG A 32 7.18 9.84 4.98
N TRP A 33 5.97 9.33 5.12
CA TRP A 33 5.75 8.04 5.74
C TRP A 33 5.56 6.95 4.67
N PHE A 34 5.24 7.37 3.46
CA PHE A 34 5.00 6.43 2.38
C PHE A 34 5.39 7.04 1.04
N ARG A 35 5.24 6.28 -0.02
CA ARG A 35 5.59 6.74 -1.36
C ARG A 35 4.42 7.45 -2.00
N PRO A 36 4.69 8.33 -2.99
CA PRO A 36 3.64 9.04 -3.72
C PRO A 36 2.55 8.10 -4.24
N ASN A 37 1.37 8.19 -3.62
CA ASN A 37 0.18 7.44 -4.02
C ASN A 37 0.26 5.96 -3.64
N LEU A 38 1.36 5.57 -3.01
CA LEU A 38 1.57 4.16 -2.68
C LEU A 38 1.74 3.95 -1.18
N GLN A 39 0.85 3.16 -0.61
CA GLN A 39 0.92 2.83 0.80
C GLN A 39 1.69 1.53 1.00
N LYS A 40 2.79 1.60 1.72
CA LYS A 40 3.60 0.42 1.96
C LYS A 40 3.08 -0.35 3.17
N VAL A 41 2.66 -1.57 2.95
CA VAL A 41 2.14 -2.41 4.03
C VAL A 41 2.85 -3.76 4.06
N ARG A 42 2.90 -4.37 5.23
CA ARG A 42 3.56 -5.66 5.41
C ARG A 42 2.58 -6.79 5.17
N VAL A 43 2.92 -7.68 4.24
CA VAL A 43 2.12 -8.87 4.00
C VAL A 43 2.85 -10.10 4.49
N VAL A 44 2.11 -11.16 4.80
CA VAL A 44 2.71 -12.38 5.31
C VAL A 44 2.73 -13.46 4.23
N LEU A 45 3.87 -14.13 4.11
CA LEU A 45 4.03 -15.22 3.17
C LEU A 45 3.86 -16.55 3.89
N PRO A 46 3.32 -17.57 3.19
CA PRO A 46 3.08 -18.90 3.77
C PRO A 46 4.37 -19.60 4.21
N ASP A 47 5.50 -19.07 3.75
CA ASP A 47 6.81 -19.62 4.11
C ASP A 47 7.29 -19.03 5.44
N GLY A 48 6.46 -18.18 6.04
CA GLY A 48 6.80 -17.62 7.33
C GLY A 48 7.54 -16.30 7.20
N THR A 49 7.60 -15.78 5.99
CA THR A 49 8.32 -14.54 5.72
C THR A 49 7.37 -13.36 5.71
N ILE A 50 7.90 -12.21 6.04
CA ILE A 50 7.15 -10.96 6.03
C ILE A 50 7.75 -10.02 4.98
N LYS A 51 6.91 -9.47 4.13
CA LYS A 51 7.38 -8.58 3.09
C LYS A 51 6.46 -7.37 2.96
N ARG A 52 7.06 -6.20 2.97
CA ARG A 52 6.31 -4.97 2.77
C ARG A 52 6.28 -4.61 1.29
N MET A 53 5.09 -4.33 0.79
CA MET A 53 4.91 -4.04 -0.63
C MET A 53 4.12 -2.75 -0.80
N ARG A 54 4.27 -2.12 -1.97
CA ARG A 54 3.56 -0.90 -2.27
C ARG A 54 2.14 -1.21 -2.76
N VAL A 55 1.18 -0.93 -1.91
CA VAL A 55 -0.21 -1.22 -2.19
C VAL A 55 -1.03 0.07 -2.28
N CYS A 56 -1.90 0.15 -3.26
CA CYS A 56 -2.77 1.32 -3.40
C CYS A 56 -3.95 1.22 -2.45
N THR A 57 -4.49 2.37 -2.06
CA THR A 57 -5.59 2.43 -1.10
C THR A 57 -6.82 1.67 -1.62
N SER A 58 -6.99 1.63 -2.93
CA SER A 58 -8.10 0.91 -3.54
C SER A 58 -8.03 -0.58 -3.21
N CYS A 59 -6.83 -1.14 -3.29
CA CYS A 59 -6.60 -2.53 -2.91
C CYS A 59 -6.75 -2.70 -1.40
N LEU A 60 -6.32 -1.68 -0.66
CA LEU A 60 -6.40 -1.69 0.80
C LEU A 60 -7.85 -1.75 1.28
N LYS A 61 -8.68 -0.88 0.71
CA LYS A 61 -10.09 -0.80 1.11
C LYS A 61 -10.86 -2.05 0.72
N SER A 62 -10.53 -2.62 -0.44
CA SER A 62 -11.24 -3.79 -0.95
C SER A 62 -10.76 -5.08 -0.25
N GLY A 63 -9.50 -5.10 0.13
CA GLY A 63 -8.97 -6.25 0.84
C GLY A 63 -8.75 -7.45 -0.04
N LYS A 64 -8.08 -7.24 -1.18
CA LYS A 64 -7.71 -8.36 -2.05
C LYS A 64 -6.34 -8.87 -1.66
N VAL A 65 -5.57 -8.01 -1.01
CA VAL A 65 -4.22 -8.35 -0.58
C VAL A 65 -4.25 -9.38 0.53
N LYS A 66 -3.23 -10.23 0.56
CA LYS A 66 -3.11 -11.25 1.59
C LYS A 66 -2.97 -10.61 2.97
N LYS A 67 -2.02 -9.67 3.08
CA LYS A 67 -1.89 -8.81 4.25
C LYS A 67 -1.48 -9.58 5.51
N TYR A 68 -0.81 -8.91 6.42
CA TYR A 68 -0.55 -9.48 7.73
C TYR A 68 -1.60 -9.00 8.72
N VAL A 69 -2.71 -9.75 8.78
CA VAL A 69 -3.87 -9.50 9.66
C VAL A 69 -4.33 -8.02 9.73
N GLY A 70 -3.59 -7.17 10.43
CA GLY A 70 -4.03 -5.80 10.64
C GLY A 70 -2.86 -4.85 10.80
N GLN A 71 -3.13 -3.55 10.76
CA GLN A 71 -2.08 -2.56 10.88
C GLN A 71 -2.48 -1.44 11.84
N VAL A 72 -3.72 -0.97 11.72
CA VAL A 72 -4.22 0.12 12.55
C VAL A 72 -5.68 0.39 12.22
N SER A 73 -6.35 1.12 13.10
CA SER A 73 -7.74 1.51 12.89
C SER A 73 -7.87 2.36 11.63
N GLU A 74 -8.65 1.88 10.68
CA GLU A 74 -8.86 2.57 9.41
C GLU A 74 -10.28 3.11 9.38
N VAL A 75 -11.23 2.21 9.12
CA VAL A 75 -12.66 2.49 9.20
C VAL A 75 -13.42 1.33 8.58
N GLY A 76 -12.80 0.69 7.59
CA GLY A 76 -13.37 -0.49 6.99
C GLY A 76 -14.06 -0.20 5.67
N SER A 77 -14.57 -1.25 5.06
CA SER A 77 -15.31 -1.14 3.81
C SER A 77 -16.07 -2.43 3.55
N GLN A 1 -12.95 5.32 -14.21
CA GLN A 1 -12.51 5.75 -12.86
C GLN A 1 -10.99 5.80 -12.77
N GLY A 2 -10.46 7.01 -12.68
CA GLY A 2 -9.04 7.21 -12.49
C GLY A 2 -8.20 6.62 -13.60
N HIS A 3 -8.41 7.08 -14.82
CA HIS A 3 -7.64 6.59 -15.95
C HIS A 3 -6.28 7.27 -15.98
N MET A 4 -5.37 6.76 -15.17
CA MET A 4 -4.00 7.27 -15.10
C MET A 4 -3.03 6.10 -15.11
N ILE A 5 -2.29 5.96 -16.20
CA ILE A 5 -1.37 4.86 -16.34
C ILE A 5 0.08 5.35 -16.28
N MET A 6 0.75 5.06 -15.18
CA MET A 6 2.16 5.36 -15.04
C MET A 6 2.85 4.25 -14.26
N ALA A 7 4.18 4.26 -14.26
CA ALA A 7 4.97 3.20 -13.63
C ALA A 7 4.75 3.12 -12.13
N LYS A 8 4.33 4.22 -11.52
CA LYS A 8 4.11 4.27 -10.08
C LYS A 8 2.77 3.64 -9.71
N ARG A 9 2.67 2.33 -9.89
CA ARG A 9 1.43 1.62 -9.63
C ARG A 9 1.63 0.53 -8.58
N CYS A 10 0.51 -0.06 -8.13
CA CYS A 10 0.53 -1.11 -7.12
C CYS A 10 1.33 -2.32 -7.61
N GLU A 11 2.09 -2.92 -6.70
CA GLU A 11 2.90 -4.09 -7.04
C GLU A 11 2.03 -5.34 -7.21
N VAL A 12 0.75 -5.21 -6.86
CA VAL A 12 -0.17 -6.33 -6.95
C VAL A 12 -1.21 -6.11 -8.07
N CYS A 13 -2.14 -5.19 -7.81
CA CYS A 13 -3.29 -4.97 -8.70
C CYS A 13 -2.85 -4.39 -10.05
N GLY A 14 -1.82 -3.54 -10.02
CA GLY A 14 -1.37 -2.92 -11.25
C GLY A 14 -1.91 -1.51 -11.41
N LYS A 15 -2.94 -1.18 -10.63
CA LYS A 15 -3.51 0.16 -10.66
C LYS A 15 -2.71 1.11 -9.79
N ALA A 16 -2.74 2.39 -10.14
CA ALA A 16 -2.02 3.40 -9.39
C ALA A 16 -2.93 4.09 -8.39
N PRO A 17 -2.39 4.45 -7.21
CA PRO A 17 -3.14 5.15 -6.17
C PRO A 17 -3.12 6.67 -6.35
N ARG A 18 -4.21 7.33 -5.99
CA ARG A 18 -4.29 8.78 -6.11
C ARG A 18 -4.21 9.45 -4.73
N SER A 19 -4.39 8.66 -3.69
CA SER A 19 -4.43 9.19 -2.33
C SER A 19 -3.77 8.23 -1.34
N GLY A 20 -3.11 8.80 -0.35
CA GLY A 20 -2.54 8.02 0.73
C GLY A 20 -3.05 8.52 2.07
N ASN A 21 -3.25 7.61 3.02
CA ASN A 21 -3.84 7.97 4.31
C ASN A 21 -5.26 8.48 4.10
N THR A 22 -5.76 9.30 5.01
CA THR A 22 -7.05 9.93 4.83
C THR A 22 -7.04 11.33 5.45
N VAL A 23 -7.31 11.42 6.76
CA VAL A 23 -7.28 12.68 7.48
C VAL A 23 -6.64 12.50 8.85
N SER A 24 -6.73 11.29 9.38
CA SER A 24 -6.19 10.96 10.69
C SER A 24 -4.72 10.55 10.56
N HIS A 25 -3.93 10.94 11.54
CA HIS A 25 -2.52 10.56 11.58
C HIS A 25 -2.35 9.22 12.27
N SER A 26 -1.16 8.67 12.22
CA SER A 26 -0.89 7.35 12.77
C SER A 26 -1.01 7.34 14.29
N ASP A 27 -1.98 6.58 14.79
CA ASP A 27 -2.13 6.40 16.23
C ASP A 27 -0.99 5.55 16.78
N LYS A 28 -0.44 5.97 17.93
CA LYS A 28 0.66 5.26 18.59
C LYS A 28 1.94 5.41 17.76
N LYS A 29 1.93 6.41 16.88
CA LYS A 29 3.07 6.69 16.03
C LYS A 29 3.03 8.17 15.62
N SER A 30 3.99 8.59 14.82
CA SER A 30 3.99 9.92 14.24
C SER A 30 4.42 9.86 12.78
N GLU A 31 3.81 8.93 12.04
CA GLU A 31 4.22 8.63 10.67
C GLU A 31 5.65 8.11 10.64
N ARG A 32 6.19 7.88 9.46
CA ARG A 32 7.57 7.45 9.32
C ARG A 32 7.98 7.47 7.85
N TRP A 33 7.71 6.40 7.15
CA TRP A 33 8.07 6.29 5.74
C TRP A 33 7.01 5.56 4.94
N PHE A 34 6.57 6.22 3.87
CA PHE A 34 5.59 5.66 2.96
C PHE A 34 6.04 5.93 1.54
N ARG A 35 5.18 5.63 0.57
CA ARG A 35 5.47 5.90 -0.83
C ARG A 35 4.54 7.02 -1.32
N PRO A 36 4.86 7.63 -2.46
CA PRO A 36 3.96 8.61 -3.09
C PRO A 36 2.62 8.00 -3.45
N ASN A 37 1.60 8.28 -2.62
CA ASN A 37 0.24 7.75 -2.79
C ASN A 37 0.17 6.26 -2.44
N LEU A 38 1.18 5.51 -2.86
CA LEU A 38 1.28 4.09 -2.53
C LEU A 38 1.59 3.90 -1.06
N GLN A 39 0.87 3.02 -0.40
CA GLN A 39 1.15 2.71 0.99
C GLN A 39 1.86 1.36 1.08
N LYS A 40 2.94 1.33 1.83
CA LYS A 40 3.69 0.10 2.02
C LYS A 40 3.21 -0.63 3.26
N VAL A 41 2.55 -1.76 3.04
CA VAL A 41 2.01 -2.56 4.14
C VAL A 41 2.67 -3.92 4.19
N ARG A 42 2.65 -4.54 5.36
CA ARG A 42 3.31 -5.82 5.54
C ARG A 42 2.36 -6.96 5.21
N VAL A 43 2.83 -7.86 4.36
CA VAL A 43 2.06 -9.03 3.98
C VAL A 43 2.84 -10.32 4.25
N VAL A 44 2.13 -11.40 4.48
CA VAL A 44 2.76 -12.70 4.70
C VAL A 44 3.09 -13.37 3.37
N LEU A 45 4.34 -13.76 3.22
CA LEU A 45 4.78 -14.48 2.04
C LEU A 45 4.82 -15.98 2.30
N PRO A 46 4.45 -16.80 1.30
CA PRO A 46 4.52 -18.27 1.41
C PRO A 46 5.96 -18.75 1.55
N ASP A 47 6.90 -17.83 1.36
CA ASP A 47 8.32 -18.12 1.54
C ASP A 47 8.68 -18.13 3.01
N GLY A 48 7.71 -17.81 3.86
CA GLY A 48 7.97 -17.75 5.29
C GLY A 48 8.65 -16.45 5.66
N THR A 49 8.26 -15.39 5.00
CA THR A 49 8.87 -14.09 5.22
C THR A 49 7.79 -13.00 5.20
N ILE A 50 8.08 -11.89 5.86
CA ILE A 50 7.17 -10.76 5.87
C ILE A 50 7.73 -9.63 5.03
N LYS A 51 6.98 -9.21 4.02
CA LYS A 51 7.43 -8.15 3.13
C LYS A 51 6.45 -6.99 3.11
N ARG A 52 6.99 -5.78 3.13
CA ARG A 52 6.20 -4.58 2.99
C ARG A 52 6.15 -4.17 1.52
N MET A 53 5.00 -4.37 0.90
CA MET A 53 4.84 -4.11 -0.52
C MET A 53 4.12 -2.79 -0.75
N ARG A 54 4.31 -2.22 -1.94
CA ARG A 54 3.66 -0.96 -2.30
C ARG A 54 2.25 -1.24 -2.80
N VAL A 55 1.28 -1.03 -1.93
CA VAL A 55 -0.12 -1.33 -2.21
C VAL A 55 -0.92 -0.03 -2.38
N CYS A 56 -1.92 -0.08 -3.25
CA CYS A 56 -2.73 1.09 -3.53
C CYS A 56 -3.97 1.12 -2.62
N THR A 57 -4.55 2.30 -2.47
CA THR A 57 -5.73 2.49 -1.64
C THR A 57 -6.90 1.61 -2.11
N SER A 58 -6.93 1.26 -3.38
CA SER A 58 -7.97 0.40 -3.93
C SER A 58 -7.92 -0.97 -3.25
N CYS A 59 -6.74 -1.58 -3.23
CA CYS A 59 -6.55 -2.86 -2.58
C CYS A 59 -6.77 -2.75 -1.08
N LEU A 60 -6.32 -1.63 -0.52
CA LEU A 60 -6.45 -1.37 0.92
C LEU A 60 -7.91 -1.24 1.33
N LYS A 61 -8.69 -0.52 0.53
CA LYS A 61 -10.11 -0.29 0.83
C LYS A 61 -10.88 -1.60 0.81
N SER A 62 -10.65 -2.41 -0.21
CA SER A 62 -11.34 -3.67 -0.37
C SER A 62 -10.86 -4.70 0.64
N GLY A 63 -9.58 -4.61 1.01
CA GLY A 63 -9.02 -5.51 2.01
C GLY A 63 -8.84 -6.92 1.49
N LYS A 64 -8.61 -7.06 0.19
CA LYS A 64 -8.41 -8.37 -0.42
C LYS A 64 -6.93 -8.69 -0.58
N VAL A 65 -6.19 -8.50 0.50
CA VAL A 65 -4.76 -8.79 0.52
C VAL A 65 -4.45 -9.85 1.58
N LYS A 66 -3.20 -10.26 1.66
CA LYS A 66 -2.79 -11.22 2.68
C LYS A 66 -2.60 -10.54 4.02
N LYS A 67 -1.71 -9.54 4.04
CA LYS A 67 -1.40 -8.78 5.25
C LYS A 67 -0.72 -9.62 6.32
N TYR A 68 -0.27 -8.94 7.36
CA TYR A 68 0.28 -9.59 8.54
C TYR A 68 -0.05 -8.78 9.78
N VAL A 69 -1.21 -9.08 10.37
CA VAL A 69 -1.70 -8.46 11.62
C VAL A 69 -1.47 -6.95 11.68
N GLY A 70 -2.40 -6.20 11.13
CA GLY A 70 -2.27 -4.76 11.11
C GLY A 70 -3.48 -4.06 10.56
N GLN A 71 -3.95 -3.05 11.30
CA GLN A 71 -5.06 -2.23 10.87
C GLN A 71 -4.82 -0.79 11.34
N VAL A 72 -4.96 0.15 10.42
CA VAL A 72 -4.68 1.55 10.74
C VAL A 72 -5.87 2.43 10.33
N SER A 73 -7.02 1.76 10.15
CA SER A 73 -8.24 2.43 9.70
C SER A 73 -8.04 2.95 8.28
N GLU A 74 -7.39 2.15 7.46
CA GLU A 74 -7.11 2.49 6.09
C GLU A 74 -8.40 2.60 5.26
N VAL A 75 -8.79 3.82 4.98
CA VAL A 75 -9.94 4.09 4.13
C VAL A 75 -9.48 4.58 2.77
N GLY A 76 -8.60 5.57 2.80
CA GLY A 76 -8.07 6.13 1.57
C GLY A 76 -9.06 7.08 0.93
N SER A 77 -9.30 6.89 -0.36
CA SER A 77 -10.26 7.69 -1.08
C SER A 77 -11.51 6.85 -1.37
N GLN A 1 -8.28 -6.56 -20.20
CA GLN A 1 -6.82 -6.56 -19.91
C GLN A 1 -6.07 -5.75 -20.95
N GLY A 2 -5.02 -5.05 -20.51
CA GLY A 2 -4.22 -4.28 -21.43
C GLY A 2 -3.54 -3.11 -20.75
N HIS A 3 -2.30 -3.33 -20.31
CA HIS A 3 -1.53 -2.28 -19.67
C HIS A 3 -0.47 -1.73 -20.62
N MET A 4 -0.46 -0.41 -20.79
CA MET A 4 0.49 0.24 -21.68
C MET A 4 1.74 0.68 -20.92
N ILE A 5 1.59 0.90 -19.63
CA ILE A 5 2.68 1.35 -18.78
C ILE A 5 2.34 1.14 -17.31
N MET A 6 3.33 0.81 -16.51
CA MET A 6 3.14 0.70 -15.06
C MET A 6 3.99 1.73 -14.33
N ALA A 7 3.48 2.95 -14.27
CA ALA A 7 4.18 4.04 -13.59
C ALA A 7 3.91 3.99 -12.09
N LYS A 8 4.76 3.24 -11.39
CA LYS A 8 4.63 3.06 -9.94
C LYS A 8 3.31 2.37 -9.61
N ARG A 9 3.32 1.04 -9.68
CA ARG A 9 2.13 0.25 -9.50
C ARG A 9 2.11 -0.39 -8.12
N CYS A 10 0.99 -1.00 -7.77
CA CYS A 10 0.91 -1.83 -6.59
C CYS A 10 1.74 -3.08 -6.83
N GLU A 11 2.59 -3.42 -5.88
CA GLU A 11 3.51 -4.55 -6.04
C GLU A 11 2.76 -5.88 -6.06
N VAL A 12 1.51 -5.85 -5.62
CA VAL A 12 0.68 -7.04 -5.56
C VAL A 12 -0.20 -7.18 -6.79
N CYS A 13 -1.21 -6.31 -6.89
CA CYS A 13 -2.23 -6.43 -7.93
C CYS A 13 -1.76 -5.81 -9.25
N GLY A 14 -0.96 -4.77 -9.17
CA GLY A 14 -0.56 -4.05 -10.37
C GLY A 14 -1.44 -2.85 -10.63
N LYS A 15 -2.25 -2.50 -9.65
CA LYS A 15 -3.14 -1.33 -9.74
C LYS A 15 -2.35 -0.04 -9.57
N ALA A 16 -2.94 1.07 -9.99
CA ALA A 16 -2.31 2.38 -9.87
C ALA A 16 -2.62 3.01 -8.51
N PRO A 17 -1.72 3.85 -7.99
CA PRO A 17 -1.89 4.49 -6.68
C PRO A 17 -2.77 5.74 -6.74
N ARG A 18 -3.91 5.66 -6.07
CA ARG A 18 -4.80 6.81 -5.95
C ARG A 18 -5.30 6.93 -4.51
N SER A 19 -4.85 7.97 -3.83
CA SER A 19 -5.17 8.15 -2.43
C SER A 19 -5.38 9.62 -2.09
N GLY A 20 -4.79 10.50 -2.90
CA GLY A 20 -4.74 11.91 -2.55
C GLY A 20 -3.57 12.20 -1.66
N ASN A 21 -3.68 11.79 -0.41
CA ASN A 21 -2.56 11.82 0.52
C ASN A 21 -2.56 10.53 1.34
N THR A 22 -3.52 10.44 2.27
CA THR A 22 -3.66 9.28 3.15
C THR A 22 -2.42 9.09 4.06
N VAL A 23 -1.49 10.03 3.96
CA VAL A 23 -0.26 9.98 4.74
C VAL A 23 -0.46 10.60 6.12
N SER A 24 -1.72 10.78 6.49
CA SER A 24 -2.08 11.36 7.77
C SER A 24 -1.52 10.53 8.92
N HIS A 25 -1.70 9.21 8.83
CA HIS A 25 -1.19 8.29 9.83
C HIS A 25 -0.99 6.90 9.24
N SER A 26 0.23 6.62 8.83
CA SER A 26 0.58 5.29 8.35
C SER A 26 1.21 4.48 9.47
N ASP A 27 2.43 4.84 9.83
CA ASP A 27 3.14 4.18 10.92
C ASP A 27 4.08 5.18 11.60
N LYS A 28 4.19 5.09 12.91
CA LYS A 28 4.97 6.06 13.67
C LYS A 28 6.11 5.39 14.43
N LYS A 29 6.46 4.19 14.01
CA LYS A 29 7.50 3.42 14.69
C LYS A 29 8.60 3.02 13.71
N SER A 30 8.21 2.66 12.50
CA SER A 30 9.18 2.22 11.49
C SER A 30 9.71 3.40 10.68
N GLU A 31 10.72 3.11 9.86
CA GLU A 31 11.38 4.14 9.05
C GLU A 31 10.59 4.44 7.79
N ARG A 32 10.38 5.72 7.52
CA ARG A 32 9.65 6.16 6.36
C ARG A 32 10.61 6.67 5.29
N TRP A 33 10.84 5.86 4.27
CA TRP A 33 11.74 6.24 3.19
C TRP A 33 11.01 7.16 2.21
N PHE A 34 10.10 6.59 1.44
CA PHE A 34 9.32 7.36 0.47
C PHE A 34 8.10 6.55 0.04
N ARG A 35 6.95 7.21 -0.07
CA ARG A 35 5.72 6.54 -0.47
C ARG A 35 4.79 7.51 -1.22
N PRO A 36 4.96 7.61 -2.55
CA PRO A 36 4.15 8.50 -3.38
C PRO A 36 2.72 7.99 -3.55
N ASN A 37 1.91 8.15 -2.51
CA ASN A 37 0.50 7.73 -2.50
C ASN A 37 0.37 6.21 -2.49
N LEU A 38 1.48 5.52 -2.66
CA LEU A 38 1.54 4.07 -2.57
C LEU A 38 1.96 3.65 -1.18
N GLN A 39 1.02 3.14 -0.40
CA GLN A 39 1.34 2.69 0.93
C GLN A 39 1.88 1.28 0.91
N LYS A 40 3.18 1.15 1.12
CA LYS A 40 3.78 -0.15 1.26
C LYS A 40 3.45 -0.72 2.64
N VAL A 41 2.64 -1.76 2.65
CA VAL A 41 2.14 -2.31 3.89
C VAL A 41 2.73 -3.68 4.14
N ARG A 42 2.60 -4.15 5.36
CA ARG A 42 3.25 -5.37 5.79
C ARG A 42 2.35 -6.57 5.51
N VAL A 43 2.72 -7.35 4.50
CA VAL A 43 1.92 -8.48 4.06
C VAL A 43 2.71 -9.78 4.20
N VAL A 44 2.04 -10.90 4.01
CA VAL A 44 2.67 -12.20 4.15
C VAL A 44 2.98 -12.81 2.78
N LEU A 45 4.20 -13.30 2.63
CA LEU A 45 4.61 -13.95 1.40
C LEU A 45 4.33 -15.45 1.48
N PRO A 46 3.95 -16.06 0.35
CA PRO A 46 3.72 -17.52 0.27
C PRO A 46 4.99 -18.29 0.60
N ASP A 47 6.13 -17.61 0.42
CA ASP A 47 7.45 -18.18 0.71
C ASP A 47 7.61 -18.43 2.20
N GLY A 48 6.72 -17.83 3.00
CA GLY A 48 6.82 -17.95 4.44
C GLY A 48 7.64 -16.84 5.04
N THR A 49 7.45 -15.63 4.52
CA THR A 49 8.21 -14.47 4.95
C THR A 49 7.30 -13.26 5.08
N ILE A 50 7.72 -12.29 5.86
CA ILE A 50 6.96 -11.05 6.03
C ILE A 50 7.60 -9.94 5.20
N LYS A 51 6.80 -9.30 4.36
CA LYS A 51 7.33 -8.31 3.43
C LYS A 51 6.45 -7.06 3.41
N ARG A 52 7.07 -5.90 3.26
CA ARG A 52 6.33 -4.67 3.07
C ARG A 52 6.28 -4.34 1.59
N MET A 53 5.08 -4.39 1.05
CA MET A 53 4.89 -4.21 -0.39
C MET A 53 3.96 -3.04 -0.66
N ARG A 54 4.27 -2.29 -1.71
CA ARG A 54 3.48 -1.12 -2.08
C ARG A 54 2.08 -1.52 -2.53
N VAL A 55 1.09 -1.13 -1.76
CA VAL A 55 -0.29 -1.43 -2.08
C VAL A 55 -1.09 -0.13 -2.11
N CYS A 56 -1.86 0.05 -3.17
CA CYS A 56 -2.66 1.24 -3.32
C CYS A 56 -3.93 1.16 -2.46
N THR A 57 -4.42 2.30 -2.02
CA THR A 57 -5.57 2.37 -1.13
C THR A 57 -6.81 1.70 -1.72
N SER A 58 -6.92 1.71 -3.05
CA SER A 58 -8.04 1.05 -3.72
C SER A 58 -8.04 -0.44 -3.42
N CYS A 59 -6.85 -1.02 -3.37
CA CYS A 59 -6.68 -2.42 -3.03
C CYS A 59 -6.77 -2.62 -1.52
N LEU A 60 -6.28 -1.64 -0.77
CA LEU A 60 -6.29 -1.70 0.69
C LEU A 60 -7.71 -1.72 1.23
N LYS A 61 -8.61 -0.98 0.61
CA LYS A 61 -10.00 -0.89 1.04
C LYS A 61 -10.65 -2.27 1.04
N SER A 62 -10.65 -2.92 -0.12
CA SER A 62 -11.28 -4.22 -0.26
C SER A 62 -10.48 -5.29 0.50
N GLY A 63 -9.17 -5.09 0.58
CA GLY A 63 -8.32 -6.05 1.25
C GLY A 63 -8.23 -7.35 0.47
N LYS A 64 -8.17 -7.23 -0.85
CA LYS A 64 -8.10 -8.41 -1.71
C LYS A 64 -6.66 -8.80 -2.00
N VAL A 65 -5.75 -8.26 -1.21
CA VAL A 65 -4.35 -8.62 -1.30
C VAL A 65 -4.01 -9.65 -0.23
N LYS A 66 -2.84 -10.25 -0.33
CA LYS A 66 -2.44 -11.27 0.63
C LYS A 66 -1.94 -10.63 1.93
N LYS A 67 -2.90 -10.27 2.78
CA LYS A 67 -2.60 -9.58 4.03
C LYS A 67 -2.18 -10.57 5.12
N TYR A 68 -1.25 -10.15 5.96
CA TYR A 68 -0.83 -10.96 7.09
C TYR A 68 -1.66 -10.61 8.31
N VAL A 69 -2.54 -11.52 8.70
CA VAL A 69 -3.38 -11.31 9.87
C VAL A 69 -2.72 -11.91 11.10
N GLY A 70 -2.25 -11.06 11.99
CA GLY A 70 -1.59 -11.53 13.20
C GLY A 70 -1.23 -10.39 14.12
N GLN A 71 -2.22 -9.93 14.90
CA GLN A 71 -2.03 -8.85 15.87
C GLN A 71 -1.49 -7.60 15.19
N VAL A 72 -2.10 -7.25 14.08
CA VAL A 72 -1.68 -6.10 13.28
C VAL A 72 -2.47 -4.85 13.67
N SER A 73 -3.05 -4.89 14.87
CA SER A 73 -3.92 -3.82 15.34
C SER A 73 -5.19 -3.80 14.50
N GLU A 74 -5.70 -4.98 14.21
CA GLU A 74 -6.89 -5.15 13.39
C GLU A 74 -8.14 -4.82 14.19
N VAL A 75 -7.98 -4.75 15.51
CA VAL A 75 -9.06 -4.33 16.39
C VAL A 75 -9.01 -2.83 16.63
N GLY A 76 -10.16 -2.19 16.61
CA GLY A 76 -10.21 -0.76 16.79
C GLY A 76 -11.62 -0.21 16.65
N SER A 77 -12.29 -0.63 15.59
CA SER A 77 -13.68 -0.27 15.38
C SER A 77 -14.47 -1.51 14.96
N GLN A 1 12.10 7.46 -21.53
CA GLN A 1 11.72 6.25 -20.75
C GLN A 1 12.55 5.06 -21.20
N GLY A 2 12.56 4.03 -20.38
CA GLY A 2 13.23 2.79 -20.72
C GLY A 2 12.32 1.61 -20.47
N HIS A 3 12.89 0.41 -20.33
CA HIS A 3 12.08 -0.77 -20.06
C HIS A 3 11.77 -0.88 -18.57
N MET A 4 12.22 0.13 -17.82
CA MET A 4 11.97 0.19 -16.39
C MET A 4 10.50 0.49 -16.13
N ILE A 5 9.88 1.21 -17.07
CA ILE A 5 8.48 1.64 -16.94
C ILE A 5 8.34 2.52 -15.69
N MET A 6 7.12 2.75 -15.23
CA MET A 6 6.90 3.49 -14.01
C MET A 6 6.94 2.55 -12.81
N ALA A 7 8.01 2.66 -12.03
CA ALA A 7 8.31 1.69 -10.98
C ALA A 7 7.33 1.77 -9.81
N LYS A 8 6.69 2.91 -9.62
CA LYS A 8 5.77 3.07 -8.50
C LYS A 8 4.40 2.47 -8.81
N ARG A 9 4.37 1.16 -9.00
CA ARG A 9 3.12 0.46 -9.23
C ARG A 9 2.56 -0.10 -7.94
N CYS A 10 1.31 -0.50 -7.98
CA CYS A 10 0.75 -1.31 -6.91
C CYS A 10 1.14 -2.75 -7.14
N GLU A 11 1.95 -3.29 -6.23
CA GLU A 11 2.51 -4.63 -6.40
C GLU A 11 1.47 -5.70 -6.03
N VAL A 12 0.21 -5.34 -6.21
CA VAL A 12 -0.90 -6.22 -5.88
C VAL A 12 -1.85 -6.36 -7.06
N CYS A 13 -2.45 -5.25 -7.47
CA CYS A 13 -3.41 -5.26 -8.57
C CYS A 13 -2.86 -4.52 -9.78
N GLY A 14 -2.00 -3.54 -9.55
CA GLY A 14 -1.47 -2.74 -10.63
C GLY A 14 -2.24 -1.45 -10.84
N LYS A 15 -2.73 -0.89 -9.74
CA LYS A 15 -3.46 0.38 -9.79
C LYS A 15 -2.54 1.53 -9.36
N ALA A 16 -3.05 2.76 -9.46
CA ALA A 16 -2.23 3.95 -9.23
C ALA A 16 -2.78 4.79 -8.06
N PRO A 17 -2.33 4.50 -6.83
CA PRO A 17 -2.79 5.19 -5.63
C PRO A 17 -2.38 6.66 -5.58
N ARG A 18 -3.35 7.56 -5.53
CA ARG A 18 -3.06 8.97 -5.31
C ARG A 18 -3.24 9.28 -3.83
N SER A 19 -2.10 9.38 -3.14
CA SER A 19 -2.07 9.63 -1.70
C SER A 19 -2.58 8.43 -0.91
N GLY A 20 -2.31 8.44 0.38
CA GLY A 20 -2.82 7.40 1.25
C GLY A 20 -2.50 7.71 2.69
N ASN A 21 -1.23 7.71 3.03
CA ASN A 21 -0.77 8.02 4.37
C ASN A 21 0.72 8.34 4.34
N THR A 22 1.04 9.62 4.45
CA THR A 22 2.42 10.05 4.45
C THR A 22 3.02 9.95 5.85
N VAL A 23 3.62 8.81 6.14
CA VAL A 23 4.25 8.57 7.42
C VAL A 23 5.55 9.35 7.53
N SER A 24 5.93 9.70 8.76
CA SER A 24 7.13 10.48 9.00
C SER A 24 8.38 9.61 8.90
N HIS A 25 9.49 10.11 9.39
CA HIS A 25 10.77 9.44 9.23
C HIS A 25 11.32 8.93 10.56
N SER A 26 11.02 7.68 10.89
CA SER A 26 11.70 7.00 11.98
C SER A 26 13.08 6.58 11.48
N ASP A 27 13.09 5.80 10.42
CA ASP A 27 14.31 5.48 9.71
C ASP A 27 14.02 5.42 8.21
N LYS A 28 14.24 6.52 7.54
CA LYS A 28 14.03 6.59 6.10
C LYS A 28 15.16 7.37 5.45
N LYS A 29 16.12 6.65 4.92
CA LYS A 29 17.28 7.25 4.28
C LYS A 29 16.94 7.74 2.87
N SER A 30 16.39 8.94 2.82
CA SER A 30 16.05 9.60 1.57
C SER A 30 15.58 11.03 1.86
N GLU A 31 16.31 12.01 1.35
CA GLU A 31 15.97 13.41 1.56
C GLU A 31 14.58 13.72 1.00
N ARG A 32 14.37 13.32 -0.25
CA ARG A 32 13.09 13.51 -0.91
C ARG A 32 12.33 12.19 -1.00
N TRP A 33 11.12 12.17 -0.47
CA TRP A 33 10.24 11.02 -0.58
C TRP A 33 9.82 10.83 -2.03
N PHE A 34 10.47 9.90 -2.72
CA PHE A 34 10.15 9.59 -4.11
C PHE A 34 8.74 9.04 -4.23
N ARG A 35 8.27 8.45 -3.15
CA ARG A 35 6.92 7.90 -3.12
C ARG A 35 6.24 8.17 -1.77
N PRO A 36 5.65 9.36 -1.62
CA PRO A 36 4.85 9.69 -0.44
C PRO A 36 3.54 8.90 -0.47
N ASN A 37 2.99 8.78 -1.67
CA ASN A 37 1.82 7.96 -1.92
C ASN A 37 2.19 6.49 -1.83
N LEU A 38 1.31 5.61 -2.31
CA LEU A 38 1.49 4.17 -2.18
C LEU A 38 1.40 3.75 -0.73
N GLN A 39 0.38 2.98 -0.42
CA GLN A 39 0.20 2.46 0.91
C GLN A 39 1.19 1.33 1.14
N LYS A 40 2.32 1.69 1.73
CA LYS A 40 3.40 0.75 1.92
C LYS A 40 3.27 0.11 3.28
N VAL A 41 2.90 -1.16 3.28
CA VAL A 41 2.61 -1.89 4.50
C VAL A 41 3.25 -3.27 4.48
N ARG A 42 3.25 -3.93 5.61
CA ARG A 42 3.72 -5.29 5.70
C ARG A 42 2.62 -6.25 5.28
N VAL A 43 2.95 -7.18 4.40
CA VAL A 43 2.00 -8.18 3.96
C VAL A 43 2.55 -9.58 4.21
N VAL A 44 1.70 -10.57 4.12
CA VAL A 44 2.11 -11.94 4.43
C VAL A 44 2.35 -12.73 3.16
N LEU A 45 3.43 -13.48 3.14
CA LEU A 45 3.72 -14.41 2.06
C LEU A 45 3.13 -15.77 2.38
N PRO A 46 2.78 -16.57 1.36
CA PRO A 46 2.26 -17.93 1.56
C PRO A 46 3.24 -18.79 2.36
N ASP A 47 4.51 -18.43 2.27
CA ASP A 47 5.57 -19.07 3.05
C ASP A 47 5.37 -18.83 4.54
N GLY A 48 4.76 -17.70 4.87
CA GLY A 48 4.63 -17.31 6.26
C GLY A 48 5.53 -16.13 6.58
N THR A 49 6.37 -15.77 5.62
CA THR A 49 7.29 -14.66 5.77
C THR A 49 6.55 -13.33 5.61
N ILE A 50 7.12 -12.29 6.17
CA ILE A 50 6.51 -10.96 6.10
C ILE A 50 7.22 -10.12 5.05
N LYS A 51 6.50 -9.78 3.99
CA LYS A 51 7.07 -9.02 2.89
C LYS A 51 6.61 -7.57 2.99
N ARG A 52 7.40 -6.66 2.47
CA ARG A 52 7.04 -5.25 2.47
C ARG A 52 6.81 -4.78 1.05
N MET A 53 5.58 -4.43 0.73
CA MET A 53 5.23 -4.09 -0.65
C MET A 53 4.45 -2.78 -0.74
N ARG A 54 4.41 -2.25 -1.95
CA ARG A 54 3.68 -1.03 -2.24
C ARG A 54 2.28 -1.36 -2.71
N VAL A 55 1.30 -1.08 -1.86
CA VAL A 55 -0.10 -1.38 -2.17
C VAL A 55 -0.87 -0.09 -2.42
N CYS A 56 -1.93 -0.17 -3.19
CA CYS A 56 -2.79 1.00 -3.37
C CYS A 56 -3.92 0.96 -2.36
N THR A 57 -4.44 2.13 -2.01
CA THR A 57 -5.53 2.25 -1.05
C THR A 57 -6.76 1.47 -1.53
N SER A 58 -6.90 1.35 -2.85
CA SER A 58 -7.98 0.58 -3.44
C SER A 58 -7.90 -0.88 -3.00
N CYS A 59 -6.73 -1.48 -3.13
CA CYS A 59 -6.52 -2.86 -2.72
C CYS A 59 -6.66 -3.00 -1.21
N LEU A 60 -6.24 -1.98 -0.47
CA LEU A 60 -6.38 -1.97 0.97
C LEU A 60 -7.85 -1.89 1.39
N LYS A 61 -8.58 -1.01 0.73
CA LYS A 61 -9.99 -0.80 1.02
C LYS A 61 -10.81 -2.03 0.64
N SER A 62 -10.47 -2.62 -0.51
CA SER A 62 -11.17 -3.81 -0.98
C SER A 62 -10.73 -5.05 -0.20
N GLY A 63 -9.58 -4.95 0.46
CA GLY A 63 -9.06 -6.08 1.21
C GLY A 63 -8.61 -7.20 0.29
N LYS A 64 -7.88 -6.83 -0.75
CA LYS A 64 -7.45 -7.79 -1.76
C LYS A 64 -6.04 -8.29 -1.46
N VAL A 65 -5.50 -7.87 -0.33
CA VAL A 65 -4.13 -8.23 0.03
C VAL A 65 -4.10 -9.27 1.14
N LYS A 66 -3.04 -10.08 1.13
CA LYS A 66 -2.79 -11.02 2.21
C LYS A 66 -2.27 -10.26 3.43
N LYS A 67 -3.17 -9.97 4.34
CA LYS A 67 -2.84 -9.14 5.51
C LYS A 67 -2.88 -9.95 6.78
N TYR A 68 -2.03 -9.60 7.73
CA TYR A 68 -2.00 -10.25 9.04
C TYR A 68 -2.86 -9.47 10.04
N VAL A 69 -3.84 -8.72 9.52
CA VAL A 69 -4.68 -7.85 10.31
C VAL A 69 -3.88 -6.67 10.85
N GLY A 70 -4.04 -5.51 10.22
CA GLY A 70 -3.32 -4.34 10.63
C GLY A 70 -4.08 -3.51 11.66
N GLN A 71 -3.50 -2.40 12.07
CA GLN A 71 -4.12 -1.55 13.07
C GLN A 71 -5.16 -0.64 12.41
N VAL A 72 -4.81 -0.10 11.25
CA VAL A 72 -5.68 0.80 10.52
C VAL A 72 -6.79 0.05 9.77
N SER A 73 -7.61 -0.66 10.52
CA SER A 73 -8.76 -1.35 9.95
C SER A 73 -9.91 -0.35 9.77
N GLU A 74 -9.77 0.79 10.45
CA GLU A 74 -10.75 1.87 10.37
C GLU A 74 -10.07 3.11 9.81
N VAL A 75 -10.79 3.85 8.98
CA VAL A 75 -10.22 5.05 8.38
C VAL A 75 -10.28 6.23 9.34
N GLY A 76 -9.11 6.75 9.68
CA GLY A 76 -9.04 7.92 10.54
C GLY A 76 -9.06 9.19 9.72
N SER A 77 -10.21 9.48 9.14
CA SER A 77 -10.37 10.64 8.27
C SER A 77 -11.70 11.33 8.55
N GLN A 1 0.83 12.91 -23.92
CA GLN A 1 0.12 12.67 -22.65
C GLN A 1 1.04 12.98 -21.48
N GLY A 2 0.52 13.70 -20.50
CA GLY A 2 1.31 14.07 -19.35
C GLY A 2 0.92 13.30 -18.10
N HIS A 3 0.76 14.02 -16.99
CA HIS A 3 0.45 13.41 -15.70
C HIS A 3 1.41 12.27 -15.39
N MET A 4 2.68 12.61 -15.21
CA MET A 4 3.69 11.62 -14.88
C MET A 4 3.71 11.36 -13.38
N ILE A 5 3.20 10.21 -12.98
CA ILE A 5 3.24 9.82 -11.58
C ILE A 5 4.60 9.23 -11.27
N MET A 6 5.47 10.02 -10.66
CA MET A 6 6.83 9.60 -10.40
C MET A 6 6.89 8.72 -9.16
N ALA A 7 6.47 7.48 -9.32
CA ALA A 7 6.46 6.49 -8.26
C ALA A 7 6.18 5.12 -8.85
N LYS A 8 5.99 4.13 -8.00
CA LYS A 8 5.64 2.79 -8.47
C LYS A 8 4.14 2.63 -8.61
N ARG A 9 3.74 1.59 -9.30
CA ARG A 9 2.34 1.20 -9.36
C ARG A 9 2.05 0.23 -8.23
N CYS A 10 0.79 -0.09 -8.01
CA CYS A 10 0.42 -1.07 -6.99
C CYS A 10 1.08 -2.41 -7.29
N GLU A 11 1.98 -2.85 -6.43
CA GLU A 11 2.75 -4.07 -6.66
C GLU A 11 1.88 -5.32 -6.52
N VAL A 12 0.62 -5.11 -6.17
CA VAL A 12 -0.35 -6.22 -6.11
C VAL A 12 -1.06 -6.38 -7.46
N CYS A 13 -1.82 -5.35 -7.84
CA CYS A 13 -2.62 -5.41 -9.05
C CYS A 13 -1.88 -4.81 -10.24
N GLY A 14 -1.42 -3.58 -10.08
CA GLY A 14 -0.77 -2.88 -11.18
C GLY A 14 -1.38 -1.53 -11.45
N LYS A 15 -2.38 -1.16 -10.65
CA LYS A 15 -3.04 0.14 -10.79
C LYS A 15 -2.27 1.22 -10.05
N ALA A 16 -2.65 2.47 -10.28
CA ALA A 16 -1.97 3.60 -9.65
C ALA A 16 -2.81 4.15 -8.50
N PRO A 17 -2.16 4.59 -7.41
CA PRO A 17 -2.83 5.17 -6.26
C PRO A 17 -3.14 6.65 -6.46
N ARG A 18 -4.17 6.94 -7.24
CA ARG A 18 -4.58 8.32 -7.49
C ARG A 18 -5.40 8.84 -6.32
N SER A 19 -6.18 7.96 -5.72
CA SER A 19 -7.01 8.30 -4.58
C SER A 19 -6.29 7.97 -3.28
N GLY A 20 -6.63 8.70 -2.22
CA GLY A 20 -6.01 8.46 -0.92
C GLY A 20 -5.95 9.72 -0.09
N ASN A 21 -6.29 9.59 1.19
CA ASN A 21 -6.27 10.74 2.09
C ASN A 21 -4.85 11.17 2.37
N THR A 22 -4.51 12.37 1.93
CA THR A 22 -3.17 12.89 2.13
C THR A 22 -3.17 14.01 3.18
N VAL A 23 -4.35 14.24 3.76
CA VAL A 23 -4.50 15.26 4.79
C VAL A 23 -4.08 14.71 6.15
N SER A 24 -2.78 14.74 6.39
CA SER A 24 -2.23 14.27 7.65
C SER A 24 -0.91 14.99 7.94
N HIS A 25 -0.41 14.85 9.15
CA HIS A 25 0.87 15.46 9.53
C HIS A 25 1.90 14.39 9.83
N SER A 26 2.86 14.22 8.95
CA SER A 26 3.92 13.24 9.13
C SER A 26 4.83 13.65 10.30
N ASP A 27 4.74 12.90 11.38
CA ASP A 27 5.58 13.12 12.55
C ASP A 27 5.93 11.78 13.18
N LYS A 28 7.15 11.65 13.70
CA LYS A 28 7.62 10.42 14.36
C LYS A 28 7.93 9.33 13.34
N LYS A 29 7.31 9.40 12.18
CA LYS A 29 7.44 8.37 11.16
C LYS A 29 8.63 8.67 10.23
N SER A 30 9.64 9.32 10.79
CA SER A 30 10.92 9.56 10.11
C SER A 30 10.85 10.63 9.01
N GLU A 31 9.92 10.46 8.07
CA GLU A 31 9.82 11.35 6.90
C GLU A 31 11.05 11.21 6.01
N ARG A 32 11.70 10.06 6.08
CA ARG A 32 12.91 9.82 5.32
C ARG A 32 12.62 9.15 3.98
N TRP A 33 11.90 8.04 4.02
CA TRP A 33 11.53 7.34 2.80
C TRP A 33 10.02 7.26 2.64
N PHE A 34 9.48 8.21 1.89
CA PHE A 34 8.07 8.26 1.59
C PHE A 34 7.87 8.82 0.18
N ARG A 35 7.14 8.08 -0.63
CA ARG A 35 6.91 8.49 -2.02
C ARG A 35 5.57 9.19 -2.14
N PRO A 36 5.33 9.89 -3.26
CA PRO A 36 4.02 10.49 -3.55
C PRO A 36 2.93 9.43 -3.63
N ASN A 37 2.18 9.30 -2.53
CA ASN A 37 1.14 8.27 -2.40
C ASN A 37 1.78 6.89 -2.25
N LEU A 38 1.00 5.83 -2.50
CA LEU A 38 1.43 4.45 -2.29
C LEU A 38 1.52 4.12 -0.81
N GLN A 39 0.77 3.11 -0.41
CA GLN A 39 0.78 2.69 0.97
C GLN A 39 1.70 1.49 1.12
N LYS A 40 2.94 1.74 1.54
CA LYS A 40 3.88 0.67 1.77
C LYS A 40 3.50 -0.06 3.06
N VAL A 41 3.02 -1.28 2.93
CA VAL A 41 2.52 -2.02 4.07
C VAL A 41 3.24 -3.35 4.24
N ARG A 42 3.08 -3.94 5.42
CA ARG A 42 3.66 -5.23 5.71
C ARG A 42 2.60 -6.30 5.57
N VAL A 43 2.73 -7.13 4.54
CA VAL A 43 1.76 -8.16 4.26
C VAL A 43 2.35 -9.54 4.56
N VAL A 44 1.48 -10.52 4.71
CA VAL A 44 1.91 -11.89 4.97
C VAL A 44 1.72 -12.76 3.72
N LEU A 45 2.78 -13.46 3.34
CA LEU A 45 2.73 -14.34 2.17
C LEU A 45 2.26 -15.73 2.59
N PRO A 46 1.60 -16.46 1.66
CA PRO A 46 0.96 -17.76 1.95
C PRO A 46 1.91 -18.78 2.56
N ASP A 47 3.17 -18.73 2.16
CA ASP A 47 4.16 -19.71 2.61
C ASP A 47 4.71 -19.34 3.99
N GLY A 48 4.27 -18.21 4.52
CA GLY A 48 4.72 -17.77 5.82
C GLY A 48 5.89 -16.81 5.72
N THR A 49 5.81 -15.89 4.78
CA THR A 49 6.86 -14.90 4.60
C THR A 49 6.33 -13.51 4.92
N ILE A 50 7.21 -12.65 5.39
CA ILE A 50 6.85 -11.27 5.71
C ILE A 50 7.43 -10.34 4.65
N LYS A 51 6.57 -9.61 3.97
CA LYS A 51 7.03 -8.78 2.87
C LYS A 51 6.47 -7.38 2.95
N ARG A 52 7.30 -6.39 2.66
CA ARG A 52 6.85 -5.02 2.52
C ARG A 52 6.51 -4.76 1.06
N MET A 53 5.29 -4.35 0.81
CA MET A 53 4.85 -4.09 -0.56
C MET A 53 4.22 -2.71 -0.68
N ARG A 54 4.35 -2.13 -1.86
CA ARG A 54 3.74 -0.84 -2.14
C ARG A 54 2.35 -1.05 -2.71
N VAL A 55 1.34 -0.86 -1.87
CA VAL A 55 -0.03 -1.15 -2.23
C VAL A 55 -0.86 0.13 -2.31
N CYS A 56 -1.89 0.13 -3.13
CA CYS A 56 -2.77 1.30 -3.22
C CYS A 56 -3.92 1.14 -2.23
N THR A 57 -4.50 2.25 -1.81
CA THR A 57 -5.59 2.24 -0.85
C THR A 57 -6.80 1.48 -1.41
N SER A 58 -6.89 1.38 -2.73
CA SER A 58 -7.95 0.62 -3.38
C SER A 58 -7.88 -0.85 -2.98
N CYS A 59 -6.69 -1.44 -3.14
CA CYS A 59 -6.47 -2.83 -2.76
C CYS A 59 -6.63 -3.01 -1.25
N LEU A 60 -6.23 -1.98 -0.50
CA LEU A 60 -6.36 -1.97 0.95
C LEU A 60 -7.83 -2.01 1.35
N LYS A 61 -8.66 -1.24 0.65
CA LYS A 61 -10.09 -1.15 0.91
C LYS A 61 -10.80 -2.44 0.54
N SER A 62 -10.53 -2.94 -0.66
CA SER A 62 -11.14 -4.17 -1.15
C SER A 62 -10.71 -5.37 -0.30
N GLY A 63 -9.56 -5.23 0.37
CA GLY A 63 -9.06 -6.30 1.19
C GLY A 63 -8.49 -7.43 0.35
N LYS A 64 -7.83 -7.06 -0.74
CA LYS A 64 -7.25 -8.06 -1.63
C LYS A 64 -5.80 -8.36 -1.25
N VAL A 65 -5.37 -7.76 -0.16
CA VAL A 65 -4.04 -7.98 0.34
C VAL A 65 -4.10 -8.78 1.64
N LYS A 66 -3.18 -9.72 1.79
CA LYS A 66 -3.11 -10.50 3.01
C LYS A 66 -2.42 -9.69 4.09
N LYS A 67 -3.25 -8.93 4.81
CA LYS A 67 -2.80 -7.94 5.76
C LYS A 67 -2.30 -8.59 7.04
N TYR A 68 -1.32 -7.95 7.69
CA TYR A 68 -0.77 -8.45 8.93
C TYR A 68 -1.66 -8.06 10.11
N VAL A 69 -2.86 -7.56 9.80
CA VAL A 69 -3.89 -7.21 10.80
C VAL A 69 -3.57 -5.91 11.55
N GLY A 70 -2.29 -5.63 11.78
CA GLY A 70 -1.88 -4.46 12.54
C GLY A 70 -2.11 -3.14 11.82
N GLN A 71 -3.37 -2.80 11.60
CA GLN A 71 -3.77 -1.53 11.01
C GLN A 71 -5.30 -1.44 10.98
N VAL A 72 -5.85 -0.73 11.96
CA VAL A 72 -7.30 -0.62 12.11
C VAL A 72 -7.83 0.64 11.44
N SER A 73 -7.04 1.71 11.51
CA SER A 73 -7.43 3.06 11.03
C SER A 73 -8.76 3.53 11.62
N GLU A 74 -9.87 3.15 11.02
CA GLU A 74 -11.19 3.54 11.53
C GLU A 74 -11.80 2.41 12.34
N VAL A 75 -12.22 2.71 13.56
CA VAL A 75 -12.85 1.71 14.42
C VAL A 75 -14.36 1.73 14.23
N GLY A 76 -14.86 0.79 13.46
CA GLY A 76 -16.28 0.73 13.17
C GLY A 76 -17.05 -0.03 14.22
N SER A 77 -17.25 0.62 15.36
CA SER A 77 -18.00 0.02 16.45
C SER A 77 -18.87 1.08 17.09
N GLN A 1 17.47 0.21 -18.95
CA GLN A 1 18.24 1.43 -18.62
C GLN A 1 17.41 2.68 -18.90
N GLY A 2 17.77 3.78 -18.26
CA GLY A 2 17.12 5.04 -18.54
C GLY A 2 16.13 5.43 -17.47
N HIS A 3 16.03 6.72 -17.21
CA HIS A 3 15.07 7.23 -16.25
C HIS A 3 13.72 7.46 -16.93
N MET A 4 13.03 6.35 -17.20
CA MET A 4 11.72 6.42 -17.84
C MET A 4 10.64 6.80 -16.84
N ILE A 5 11.05 7.00 -15.58
CA ILE A 5 10.13 7.39 -14.50
C ILE A 5 9.24 6.21 -14.10
N MET A 6 9.36 5.81 -12.84
CA MET A 6 8.61 4.67 -12.34
C MET A 6 7.11 4.95 -12.31
N ALA A 7 6.37 4.24 -13.16
CA ALA A 7 4.92 4.27 -13.11
C ALA A 7 4.45 3.41 -11.94
N LYS A 8 4.50 3.99 -10.75
CA LYS A 8 4.16 3.28 -9.53
C LYS A 8 2.78 2.66 -9.61
N ARG A 9 2.66 1.46 -9.07
CA ARG A 9 1.42 0.72 -9.13
C ARG A 9 1.35 -0.25 -7.95
N CYS A 10 0.15 -0.74 -7.66
CA CYS A 10 -0.02 -1.74 -6.61
C CYS A 10 0.66 -3.03 -7.03
N GLU A 11 1.56 -3.51 -6.20
CA GLU A 11 2.31 -4.72 -6.49
C GLU A 11 1.44 -5.96 -6.30
N VAL A 12 0.20 -5.74 -5.86
CA VAL A 12 -0.73 -6.85 -5.66
C VAL A 12 -1.66 -7.01 -6.85
N CYS A 13 -2.58 -6.05 -7.02
CA CYS A 13 -3.60 -6.14 -8.05
C CYS A 13 -3.17 -5.49 -9.36
N GLY A 14 -2.13 -4.68 -9.31
CA GLY A 14 -1.68 -3.99 -10.50
C GLY A 14 -2.52 -2.77 -10.80
N LYS A 15 -3.09 -2.18 -9.77
CA LYS A 15 -3.88 -0.96 -9.91
C LYS A 15 -3.04 0.24 -9.52
N ALA A 16 -3.24 1.35 -10.20
CA ALA A 16 -2.47 2.56 -9.95
C ALA A 16 -2.89 3.21 -8.63
N PRO A 17 -1.93 3.79 -7.90
CA PRO A 17 -2.21 4.49 -6.65
C PRO A 17 -2.69 5.91 -6.88
N ARG A 18 -3.85 6.01 -7.51
CA ARG A 18 -4.47 7.31 -7.75
C ARG A 18 -5.52 7.59 -6.70
N SER A 19 -5.21 8.49 -5.79
CA SER A 19 -6.13 8.86 -4.73
C SER A 19 -6.83 10.16 -5.10
N GLY A 20 -6.07 11.08 -5.71
CA GLY A 20 -6.60 12.39 -6.05
C GLY A 20 -6.97 13.18 -4.82
N ASN A 21 -8.24 13.46 -4.66
CA ASN A 21 -8.75 14.19 -3.50
C ASN A 21 -10.27 14.09 -3.45
N THR A 22 -10.79 13.59 -2.33
CA THR A 22 -12.22 13.54 -2.12
C THR A 22 -12.77 14.94 -1.88
N VAL A 23 -12.25 15.58 -0.84
CA VAL A 23 -12.49 16.99 -0.61
C VAL A 23 -11.14 17.71 -0.58
N SER A 24 -10.39 17.47 0.49
CA SER A 24 -9.05 18.01 0.63
C SER A 24 -8.43 17.52 1.93
N HIS A 25 -7.24 16.94 1.84
CA HIS A 25 -6.50 16.54 3.03
C HIS A 25 -5.37 17.55 3.26
N SER A 26 -4.99 17.73 4.52
CA SER A 26 -4.07 18.80 4.90
C SER A 26 -2.59 18.44 4.63
N ASP A 27 -2.36 17.44 3.77
CA ASP A 27 -1.02 17.02 3.38
C ASP A 27 -0.24 16.47 4.59
N LYS A 28 0.89 15.82 4.31
CA LYS A 28 1.72 15.19 5.34
C LYS A 28 0.84 14.31 6.23
N LYS A 29 0.12 13.40 5.60
CA LYS A 29 -0.86 12.56 6.29
C LYS A 29 -0.19 11.38 7.00
N SER A 30 0.91 11.68 7.69
CA SER A 30 1.69 10.68 8.43
C SER A 30 2.23 9.60 7.49
N GLU A 31 2.42 9.98 6.23
CA GLU A 31 2.98 9.09 5.22
C GLU A 31 4.43 8.75 5.60
N ARG A 32 5.25 9.79 5.77
CA ARG A 32 6.58 9.67 6.39
C ARG A 32 7.53 8.76 5.59
N TRP A 33 7.49 7.47 5.85
CA TRP A 33 8.43 6.53 5.26
C TRP A 33 7.75 5.66 4.21
N PHE A 34 6.48 5.92 3.97
CA PHE A 34 5.76 5.23 2.91
C PHE A 34 6.01 5.94 1.59
N ARG A 35 5.47 5.39 0.51
CA ARG A 35 5.63 5.99 -0.81
C ARG A 35 4.40 6.84 -1.10
N PRO A 36 4.57 8.00 -1.76
CA PRO A 36 3.45 8.87 -2.14
C PRO A 36 2.31 8.11 -2.79
N ASN A 37 1.22 7.99 -2.04
CA ASN A 37 -0.02 7.34 -2.51
C ASN A 37 0.11 5.82 -2.54
N LEU A 38 1.33 5.32 -2.39
CA LEU A 38 1.56 3.88 -2.30
C LEU A 38 1.92 3.50 -0.87
N GLN A 39 0.95 2.97 -0.17
CA GLN A 39 1.14 2.60 1.22
C GLN A 39 1.79 1.22 1.30
N LYS A 40 3.06 1.21 1.68
CA LYS A 40 3.78 -0.04 1.84
C LYS A 40 3.26 -0.76 3.08
N VAL A 41 2.57 -1.87 2.87
CA VAL A 41 2.01 -2.62 3.97
C VAL A 41 2.72 -3.96 4.12
N ARG A 42 2.85 -4.41 5.36
CA ARG A 42 3.52 -5.67 5.64
C ARG A 42 2.53 -6.82 5.45
N VAL A 43 2.86 -7.72 4.55
CA VAL A 43 2.05 -8.90 4.32
C VAL A 43 2.84 -10.15 4.67
N VAL A 44 2.15 -11.15 5.19
CA VAL A 44 2.81 -12.41 5.51
C VAL A 44 2.76 -13.34 4.30
N LEU A 45 3.94 -13.62 3.74
CA LEU A 45 4.06 -14.48 2.58
C LEU A 45 3.85 -15.93 2.98
N PRO A 46 3.29 -16.76 2.08
CA PRO A 46 3.09 -18.19 2.33
C PRO A 46 4.42 -18.91 2.52
N ASP A 47 5.50 -18.24 2.12
CA ASP A 47 6.86 -18.74 2.32
C ASP A 47 7.25 -18.64 3.79
N GLY A 48 6.57 -17.77 4.51
CA GLY A 48 6.91 -17.52 5.90
C GLY A 48 7.67 -16.22 6.08
N THR A 49 7.88 -15.52 4.97
CA THR A 49 8.60 -14.27 4.98
C THR A 49 7.64 -13.10 5.16
N ILE A 50 8.16 -12.01 5.67
CA ILE A 50 7.40 -10.78 5.80
C ILE A 50 7.88 -9.78 4.76
N LYS A 51 6.95 -9.25 3.98
CA LYS A 51 7.31 -8.33 2.91
C LYS A 51 6.43 -7.09 2.94
N ARG A 52 7.05 -5.95 2.77
CA ARG A 52 6.31 -4.71 2.60
C ARG A 52 6.01 -4.50 1.13
N MET A 53 4.74 -4.47 0.79
CA MET A 53 4.33 -4.32 -0.60
C MET A 53 3.69 -2.97 -0.79
N ARG A 54 3.94 -2.37 -1.94
CA ARG A 54 3.38 -1.08 -2.28
C ARG A 54 1.94 -1.24 -2.73
N VAL A 55 1.01 -0.98 -1.83
CA VAL A 55 -0.41 -1.16 -2.10
C VAL A 55 -1.13 0.18 -2.15
N CYS A 56 -2.03 0.33 -3.11
CA CYS A 56 -2.78 1.57 -3.26
C CYS A 56 -4.05 1.54 -2.42
N THR A 57 -4.65 2.71 -2.21
CA THR A 57 -5.83 2.84 -1.39
C THR A 57 -7.00 2.01 -1.91
N SER A 58 -7.05 1.81 -3.21
CA SER A 58 -8.07 0.98 -3.82
C SER A 58 -8.01 -0.45 -3.27
N CYS A 59 -6.82 -1.04 -3.31
CA CYS A 59 -6.60 -2.39 -2.84
C CYS A 59 -6.68 -2.44 -1.31
N LEU A 60 -6.22 -1.37 -0.66
CA LEU A 60 -6.29 -1.26 0.79
C LEU A 60 -7.73 -1.45 1.28
N LYS A 61 -8.68 -0.84 0.59
CA LYS A 61 -10.08 -0.94 0.95
C LYS A 61 -10.67 -2.29 0.53
N SER A 62 -10.10 -2.89 -0.51
CA SER A 62 -10.59 -4.17 -1.00
C SER A 62 -10.19 -5.31 -0.07
N GLY A 63 -9.04 -5.16 0.57
CA GLY A 63 -8.57 -6.17 1.52
C GLY A 63 -8.20 -7.47 0.83
N LYS A 64 -7.71 -7.37 -0.40
CA LYS A 64 -7.35 -8.55 -1.18
C LYS A 64 -5.93 -9.00 -0.85
N VAL A 65 -5.26 -8.23 -0.01
CA VAL A 65 -3.86 -8.49 0.33
C VAL A 65 -3.77 -9.49 1.47
N LYS A 66 -2.65 -10.18 1.57
CA LYS A 66 -2.46 -11.23 2.58
C LYS A 66 -2.45 -10.66 3.99
N LYS A 67 -1.84 -9.48 4.13
CA LYS A 67 -1.74 -8.79 5.42
C LYS A 67 -0.96 -9.62 6.44
N TYR A 68 -0.95 -9.16 7.68
CA TYR A 68 -0.31 -9.89 8.76
C TYR A 68 -1.37 -10.30 9.77
N VAL A 69 -2.21 -11.25 9.37
CA VAL A 69 -3.24 -11.78 10.24
C VAL A 69 -2.85 -13.15 10.73
N GLY A 70 -2.37 -13.99 9.81
CA GLY A 70 -1.89 -15.31 10.16
C GLY A 70 -3.02 -16.30 10.37
N GLN A 71 -3.68 -16.21 11.51
CA GLN A 71 -4.73 -17.15 11.87
C GLN A 71 -6.03 -16.82 11.16
N VAL A 72 -6.54 -17.78 10.40
CA VAL A 72 -7.86 -17.64 9.78
C VAL A 72 -8.92 -17.52 10.86
N SER A 73 -9.43 -16.31 11.05
CA SER A 73 -10.35 -16.03 12.14
C SER A 73 -11.71 -15.58 11.58
N GLU A 74 -12.76 -15.82 12.34
CA GLU A 74 -14.10 -15.38 11.94
C GLU A 74 -14.31 -13.93 12.37
N VAL A 75 -13.92 -13.01 11.49
CA VAL A 75 -14.04 -11.59 11.74
C VAL A 75 -13.71 -10.80 10.46
N GLY A 76 -14.35 -9.64 10.29
CA GLY A 76 -14.03 -8.79 9.18
C GLY A 76 -15.22 -8.52 8.28
N SER A 77 -16.38 -8.34 8.87
CA SER A 77 -17.59 -8.05 8.13
C SER A 77 -18.04 -6.62 8.36
N GLN A 1 11.61 -7.51 -7.75
CA GLN A 1 11.36 -7.62 -9.19
C GLN A 1 12.58 -7.16 -9.98
N GLY A 2 13.21 -6.09 -9.52
CA GLY A 2 14.38 -5.55 -10.18
C GLY A 2 14.27 -4.06 -10.39
N HIS A 3 13.24 -3.64 -11.11
CA HIS A 3 13.00 -2.23 -11.34
C HIS A 3 12.18 -1.64 -10.20
N MET A 4 12.87 -1.24 -9.15
CA MET A 4 12.24 -0.56 -8.02
C MET A 4 12.07 0.91 -8.34
N ILE A 5 12.86 1.39 -9.30
CA ILE A 5 12.68 2.73 -9.84
C ILE A 5 11.69 2.68 -10.98
N MET A 6 10.82 3.68 -11.06
CA MET A 6 9.65 3.64 -11.94
C MET A 6 8.77 2.45 -11.53
N ALA A 7 7.84 2.08 -12.41
CA ALA A 7 6.97 0.92 -12.17
C ALA A 7 6.25 1.04 -10.83
N LYS A 8 5.97 2.27 -10.43
CA LYS A 8 5.31 2.53 -9.16
C LYS A 8 3.85 2.11 -9.22
N ARG A 9 3.59 0.94 -8.67
CA ARG A 9 2.28 0.33 -8.71
C ARG A 9 2.04 -0.43 -7.41
N CYS A 10 0.83 -0.94 -7.25
CA CYS A 10 0.59 -1.93 -6.22
C CYS A 10 1.27 -3.20 -6.64
N GLU A 11 2.27 -3.62 -5.88
CA GLU A 11 3.13 -4.72 -6.27
C GLU A 11 2.38 -6.05 -6.25
N VAL A 12 1.15 -6.01 -5.78
CA VAL A 12 0.31 -7.20 -5.74
C VAL A 12 -0.48 -7.33 -7.05
N CYS A 13 -1.27 -6.32 -7.37
CA CYS A 13 -2.20 -6.41 -8.50
C CYS A 13 -1.68 -5.67 -9.74
N GLY A 14 -0.80 -4.69 -9.53
CA GLY A 14 -0.30 -3.89 -10.63
C GLY A 14 -1.13 -2.65 -10.87
N LYS A 15 -1.85 -2.20 -9.85
CA LYS A 15 -2.71 -1.02 -9.96
C LYS A 15 -1.97 0.23 -9.53
N ALA A 16 -2.34 1.36 -10.10
CA ALA A 16 -1.70 2.64 -9.79
C ALA A 16 -2.18 3.19 -8.45
N PRO A 17 -1.29 3.87 -7.71
CA PRO A 17 -1.62 4.52 -6.44
C PRO A 17 -2.57 5.69 -6.65
N ARG A 18 -3.42 5.97 -5.67
CA ARG A 18 -4.43 6.99 -5.81
C ARG A 18 -4.85 7.59 -4.47
N SER A 19 -4.49 8.86 -4.28
CA SER A 19 -4.94 9.67 -3.14
C SER A 19 -4.34 9.22 -1.81
N GLY A 20 -4.52 7.96 -1.46
CA GLY A 20 -4.06 7.47 -0.17
C GLY A 20 -4.95 7.94 0.96
N ASN A 21 -4.34 8.53 1.98
CA ASN A 21 -5.10 9.06 3.10
C ASN A 21 -4.37 10.27 3.68
N THR A 22 -4.95 11.44 3.50
CA THR A 22 -4.32 12.68 3.94
C THR A 22 -5.15 13.38 5.02
N VAL A 23 -4.46 14.06 5.91
CA VAL A 23 -5.10 14.83 6.97
C VAL A 23 -4.08 15.83 7.53
N SER A 24 -4.55 17.04 7.82
CA SER A 24 -3.68 18.06 8.37
C SER A 24 -3.60 17.95 9.89
N HIS A 25 -2.52 17.37 10.37
CA HIS A 25 -2.29 17.23 11.80
C HIS A 25 -0.79 17.07 12.02
N SER A 26 -0.07 18.17 11.87
CA SER A 26 1.37 18.17 12.00
C SER A 26 1.77 18.19 13.46
N ASP A 27 2.03 17.02 14.01
CA ASP A 27 2.43 16.89 15.41
C ASP A 27 3.35 15.69 15.58
N LYS A 28 4.63 15.98 15.80
CA LYS A 28 5.66 14.94 15.94
C LYS A 28 5.75 14.06 14.69
N LYS A 29 6.63 14.44 13.77
CA LYS A 29 6.79 13.71 12.53
C LYS A 29 8.19 13.09 12.43
N SER A 30 8.47 12.49 11.29
CA SER A 30 9.78 11.91 11.06
C SER A 30 10.24 12.20 9.63
N GLU A 31 11.40 11.68 9.27
CA GLU A 31 12.00 11.98 7.97
C GLU A 31 11.60 10.95 6.92
N ARG A 32 10.90 9.91 7.34
CA ARG A 32 10.51 8.84 6.42
C ARG A 32 9.20 9.15 5.73
N TRP A 33 9.31 9.87 4.63
CA TRP A 33 8.16 10.18 3.79
C TRP A 33 8.36 9.54 2.42
N PHE A 34 7.73 8.40 2.21
CA PHE A 34 7.84 7.69 0.95
C PHE A 34 6.52 7.01 0.61
N ARG A 35 5.42 7.49 1.18
CA ARG A 35 4.11 6.94 0.88
C ARG A 35 3.05 8.03 0.77
N PRO A 36 3.17 8.94 -0.23
CA PRO A 36 2.21 10.02 -0.43
C PRO A 36 1.05 9.60 -1.33
N ASN A 37 1.24 8.51 -2.05
CA ASN A 37 0.21 7.98 -2.95
C ASN A 37 0.08 6.48 -2.73
N LEU A 38 1.23 5.82 -2.69
CA LEU A 38 1.31 4.40 -2.35
C LEU A 38 1.35 4.23 -0.86
N GLN A 39 0.89 3.08 -0.38
CA GLN A 39 1.00 2.74 1.02
C GLN A 39 1.82 1.48 1.19
N LYS A 40 3.01 1.62 1.74
CA LYS A 40 3.86 0.46 1.98
C LYS A 40 3.49 -0.18 3.31
N VAL A 41 2.89 -1.35 3.24
CA VAL A 41 2.46 -2.06 4.43
C VAL A 41 3.06 -3.45 4.47
N ARG A 42 2.99 -4.09 5.63
CA ARG A 42 3.52 -5.43 5.80
C ARG A 42 2.47 -6.46 5.43
N VAL A 43 2.71 -7.21 4.37
CA VAL A 43 1.80 -8.26 3.97
C VAL A 43 2.45 -9.62 4.13
N VAL A 44 1.65 -10.64 4.43
CA VAL A 44 2.16 -11.98 4.58
C VAL A 44 1.85 -12.81 3.35
N LEU A 45 2.89 -13.39 2.78
CA LEU A 45 2.76 -14.20 1.59
C LEU A 45 2.40 -15.64 1.95
N PRO A 46 1.60 -16.31 1.09
CA PRO A 46 1.22 -17.72 1.29
C PRO A 46 2.45 -18.62 1.35
N ASP A 47 3.54 -18.14 0.78
CA ASP A 47 4.83 -18.82 0.82
C ASP A 47 5.35 -18.90 2.25
N GLY A 48 4.94 -17.94 3.07
CA GLY A 48 5.39 -17.88 4.44
C GLY A 48 6.23 -16.66 4.72
N THR A 49 6.43 -15.85 3.68
CA THR A 49 7.27 -14.67 3.78
C THR A 49 6.50 -13.46 4.28
N ILE A 50 7.19 -12.58 4.97
CA ILE A 50 6.62 -11.31 5.38
C ILE A 50 7.32 -10.19 4.62
N LYS A 51 6.58 -9.53 3.74
CA LYS A 51 7.16 -8.56 2.84
C LYS A 51 6.42 -7.24 2.89
N ARG A 52 7.16 -6.16 3.05
CA ARG A 52 6.59 -4.82 2.92
C ARG A 52 6.49 -4.48 1.45
N MET A 53 5.28 -4.30 0.96
CA MET A 53 5.08 -3.99 -0.45
C MET A 53 4.30 -2.71 -0.63
N ARG A 54 4.48 -2.11 -1.80
CA ARG A 54 3.75 -0.90 -2.17
C ARG A 54 2.33 -1.26 -2.58
N VAL A 55 1.37 -0.90 -1.74
CA VAL A 55 -0.03 -1.24 -1.98
C VAL A 55 -0.85 0.02 -2.28
N CYS A 56 -1.79 -0.11 -3.21
CA CYS A 56 -2.66 1.00 -3.55
C CYS A 56 -3.93 0.98 -2.69
N THR A 57 -4.59 2.12 -2.61
CA THR A 57 -5.79 2.29 -1.77
C THR A 57 -6.91 1.33 -2.18
N SER A 58 -6.99 1.02 -3.46
CA SER A 58 -8.01 0.11 -3.97
C SER A 58 -7.88 -1.27 -3.32
N CYS A 59 -6.64 -1.71 -3.14
CA CYS A 59 -6.35 -2.97 -2.49
C CYS A 59 -6.56 -2.85 -0.98
N LEU A 60 -6.25 -1.67 -0.45
CA LEU A 60 -6.39 -1.39 0.97
C LEU A 60 -7.86 -1.51 1.42
N LYS A 61 -8.74 -0.81 0.72
CA LYS A 61 -10.16 -0.82 1.06
C LYS A 61 -10.75 -2.23 0.97
N SER A 62 -10.49 -2.88 -0.16
CA SER A 62 -11.11 -4.16 -0.45
C SER A 62 -10.50 -5.30 0.38
N GLY A 63 -9.32 -5.05 0.94
CA GLY A 63 -8.61 -6.11 1.64
C GLY A 63 -8.18 -7.21 0.69
N LYS A 64 -7.74 -6.78 -0.48
CA LYS A 64 -7.40 -7.70 -1.56
C LYS A 64 -6.09 -8.43 -1.26
N VAL A 65 -5.37 -7.92 -0.28
CA VAL A 65 -4.13 -8.53 0.15
C VAL A 65 -4.30 -9.19 1.51
N LYS A 66 -3.41 -10.14 1.83
CA LYS A 66 -3.42 -10.78 3.15
C LYS A 66 -3.34 -9.73 4.25
N LYS A 67 -2.34 -8.85 4.14
CA LYS A 67 -2.22 -7.69 5.01
C LYS A 67 -2.03 -8.10 6.48
N TYR A 68 -1.75 -9.39 6.70
CA TYR A 68 -1.55 -9.93 8.03
C TYR A 68 -2.86 -9.88 8.83
N VAL A 69 -3.97 -9.73 8.11
CA VAL A 69 -5.31 -9.66 8.70
C VAL A 69 -5.42 -8.45 9.64
N GLY A 70 -4.68 -7.39 9.31
CA GLY A 70 -4.77 -6.15 10.07
C GLY A 70 -6.09 -5.44 9.84
N GLN A 71 -6.42 -4.51 10.73
CA GLN A 71 -7.69 -3.77 10.69
C GLN A 71 -8.88 -4.69 10.99
N VAL A 72 -10.02 -4.07 11.34
CA VAL A 72 -11.27 -4.79 11.65
C VAL A 72 -11.00 -6.02 12.54
N SER A 73 -10.18 -5.80 13.56
CA SER A 73 -9.74 -6.88 14.44
C SER A 73 -10.83 -7.25 15.44
N GLU A 74 -10.91 -6.50 16.53
CA GLU A 74 -11.86 -6.78 17.59
C GLU A 74 -11.94 -5.61 18.56
N VAL A 75 -12.98 -4.79 18.41
CA VAL A 75 -13.23 -3.68 19.32
C VAL A 75 -14.60 -3.81 19.96
N GLY A 76 -14.61 -4.24 21.20
CA GLY A 76 -15.87 -4.45 21.90
C GLY A 76 -16.25 -3.30 22.80
N SER A 77 -16.73 -2.23 22.18
CA SER A 77 -17.16 -1.07 22.94
C SER A 77 -18.68 -1.02 22.97
N GLN A 1 -10.74 0.28 -18.03
CA GLN A 1 -9.95 -0.61 -17.14
C GLN A 1 -8.45 -0.39 -17.36
N GLY A 2 -7.89 0.52 -16.57
CA GLY A 2 -6.46 0.81 -16.68
C GLY A 2 -6.18 1.81 -17.78
N HIS A 3 -5.87 3.04 -17.39
CA HIS A 3 -5.58 4.10 -18.35
C HIS A 3 -4.08 4.25 -18.55
N MET A 4 -3.32 4.14 -17.47
CA MET A 4 -1.90 4.40 -17.52
C MET A 4 -1.16 3.56 -16.50
N ILE A 5 -0.06 2.96 -16.91
CA ILE A 5 0.81 2.22 -16.00
C ILE A 5 1.83 3.20 -15.41
N MET A 6 2.30 4.10 -16.27
CA MET A 6 3.18 5.20 -15.87
C MET A 6 4.58 4.70 -15.53
N ALA A 7 4.71 3.99 -14.42
CA ALA A 7 6.02 3.54 -13.94
C ALA A 7 5.88 2.35 -13.02
N LYS A 8 5.13 2.52 -11.94
CA LYS A 8 4.97 1.47 -10.95
C LYS A 8 3.67 1.67 -10.19
N ARG A 9 2.71 0.79 -10.41
CA ARG A 9 1.45 0.83 -9.68
C ARG A 9 1.50 -0.15 -8.50
N CYS A 10 0.35 -0.47 -7.92
CA CYS A 10 0.30 -1.40 -6.78
C CYS A 10 0.98 -2.71 -7.13
N GLU A 11 1.80 -3.19 -6.22
CA GLU A 11 2.58 -4.40 -6.44
C GLU A 11 1.75 -5.65 -6.19
N VAL A 12 0.46 -5.44 -5.88
CA VAL A 12 -0.43 -6.55 -5.57
C VAL A 12 -1.45 -6.78 -6.68
N CYS A 13 -2.42 -5.90 -6.80
CA CYS A 13 -3.53 -6.12 -7.73
C CYS A 13 -3.47 -5.17 -8.94
N GLY A 14 -2.38 -4.44 -9.06
CA GLY A 14 -2.19 -3.63 -10.26
C GLY A 14 -2.87 -2.27 -10.22
N LYS A 15 -3.83 -2.10 -9.32
CA LYS A 15 -4.56 -0.83 -9.19
C LYS A 15 -3.60 0.31 -8.87
N ALA A 16 -3.83 1.46 -9.49
CA ALA A 16 -2.98 2.63 -9.29
C ALA A 16 -3.31 3.33 -7.98
N PRO A 17 -2.30 3.95 -7.33
CA PRO A 17 -2.51 4.70 -6.09
C PRO A 17 -3.24 6.02 -6.36
N ARG A 18 -4.56 5.99 -6.21
CA ARG A 18 -5.41 7.14 -6.50
C ARG A 18 -5.09 8.33 -5.59
N SER A 19 -5.15 8.12 -4.29
CA SER A 19 -4.92 9.20 -3.34
C SER A 19 -4.19 8.66 -2.11
N GLY A 20 -4.88 7.85 -1.33
CA GLY A 20 -4.28 7.25 -0.16
C GLY A 20 -4.91 7.72 1.12
N ASN A 21 -4.79 9.03 1.38
CA ASN A 21 -5.30 9.66 2.60
C ASN A 21 -4.40 9.30 3.80
N THR A 22 -4.55 10.05 4.90
CA THR A 22 -3.68 9.90 6.06
C THR A 22 -2.31 10.52 5.81
N VAL A 23 -1.75 11.13 6.83
CA VAL A 23 -0.47 11.81 6.73
C VAL A 23 0.66 10.84 6.44
N SER A 24 1.37 11.08 5.34
CA SER A 24 2.53 10.28 4.99
C SER A 24 3.68 10.59 5.94
N HIS A 25 3.85 9.74 6.94
CA HIS A 25 4.87 9.93 7.95
C HIS A 25 5.39 8.59 8.45
N SER A 26 6.70 8.47 8.54
CA SER A 26 7.31 7.27 9.11
C SER A 26 8.54 7.66 9.93
N ASP A 27 9.63 7.98 9.24
CA ASP A 27 10.87 8.33 9.90
C ASP A 27 11.78 9.05 8.91
N LYS A 28 12.40 10.15 9.35
CA LYS A 28 13.26 10.93 8.47
C LYS A 28 14.68 10.39 8.50
N LYS A 29 14.89 9.28 7.81
CA LYS A 29 16.20 8.68 7.70
C LYS A 29 16.58 8.47 6.23
N SER A 30 17.41 9.36 5.71
CA SER A 30 17.97 9.23 4.36
C SER A 30 16.87 9.36 3.30
N GLU A 31 15.72 9.91 3.69
CA GLU A 31 14.61 10.18 2.78
C GLU A 31 14.13 8.91 2.07
N ARG A 32 13.37 8.10 2.78
CA ARG A 32 12.75 6.91 2.21
C ARG A 32 11.32 7.25 1.78
N TRP A 33 11.23 7.95 0.65
CA TRP A 33 9.97 8.50 0.19
C TRP A 33 9.60 7.92 -1.19
N PHE A 34 10.20 6.79 -1.52
CA PHE A 34 9.95 6.13 -2.79
C PHE A 34 8.49 5.68 -2.90
N ARG A 35 7.76 6.32 -3.81
CA ARG A 35 6.33 6.07 -4.02
C ARG A 35 5.54 6.30 -2.73
N PRO A 36 5.20 7.56 -2.42
CA PRO A 36 4.46 7.92 -1.20
C PRO A 36 2.98 7.54 -1.25
N ASN A 37 2.35 7.71 -2.42
CA ASN A 37 0.90 7.46 -2.54
C ASN A 37 0.61 5.97 -2.53
N LEU A 38 1.63 5.17 -2.76
CA LEU A 38 1.52 3.73 -2.61
C LEU A 38 1.84 3.34 -1.19
N GLN A 39 0.81 2.94 -0.45
CA GLN A 39 0.99 2.61 0.95
C GLN A 39 1.80 1.34 1.13
N LYS A 40 3.08 1.53 1.36
CA LYS A 40 3.99 0.44 1.63
C LYS A 40 3.74 -0.13 3.02
N VAL A 41 3.21 -1.33 3.06
CA VAL A 41 2.83 -1.94 4.33
C VAL A 41 3.47 -3.32 4.48
N ARG A 42 3.38 -3.86 5.69
CA ARG A 42 3.91 -5.17 5.99
C ARG A 42 2.85 -6.23 5.71
N VAL A 43 3.10 -7.08 4.74
CA VAL A 43 2.16 -8.12 4.38
C VAL A 43 2.80 -9.49 4.51
N VAL A 44 1.96 -10.50 4.63
CA VAL A 44 2.42 -11.87 4.71
C VAL A 44 2.17 -12.55 3.37
N LEU A 45 3.22 -13.10 2.79
CA LEU A 45 3.11 -13.80 1.51
C LEU A 45 2.16 -14.99 1.65
N PRO A 46 1.45 -15.33 0.56
CA PRO A 46 0.41 -16.37 0.58
C PRO A 46 0.92 -17.76 0.96
N ASP A 47 2.24 -17.90 1.08
CA ASP A 47 2.84 -19.17 1.48
C ASP A 47 3.17 -19.15 2.96
N GLY A 48 4.17 -18.35 3.32
CA GLY A 48 4.55 -18.23 4.72
C GLY A 48 5.80 -17.40 4.89
N THR A 49 5.75 -16.16 4.42
CA THR A 49 6.89 -15.27 4.49
C THR A 49 6.41 -13.83 4.72
N ILE A 50 7.28 -13.00 5.28
CA ILE A 50 6.92 -11.60 5.52
C ILE A 50 7.72 -10.68 4.60
N LYS A 51 7.03 -9.79 3.91
CA LYS A 51 7.67 -8.85 3.02
C LYS A 51 6.91 -7.53 3.02
N ARG A 52 7.61 -6.44 2.73
CA ARG A 52 6.99 -5.13 2.65
C ARG A 52 6.62 -4.82 1.22
N MET A 53 5.37 -4.46 0.99
CA MET A 53 4.88 -4.22 -0.36
C MET A 53 4.04 -2.95 -0.42
N ARG A 54 4.02 -2.33 -1.59
CA ARG A 54 3.29 -1.09 -1.80
C ARG A 54 1.88 -1.37 -2.27
N VAL A 55 0.91 -1.11 -1.41
CA VAL A 55 -0.49 -1.38 -1.71
C VAL A 55 -1.26 -0.08 -1.85
N CYS A 56 -2.13 0.00 -2.83
CA CYS A 56 -2.91 1.20 -3.05
C CYS A 56 -4.20 1.17 -2.24
N THR A 57 -4.78 2.35 -2.02
CA THR A 57 -6.00 2.49 -1.23
C THR A 57 -7.15 1.67 -1.84
N SER A 58 -7.09 1.43 -3.14
CA SER A 58 -8.11 0.63 -3.82
C SER A 58 -8.11 -0.81 -3.30
N CYS A 59 -6.92 -1.40 -3.22
CA CYS A 59 -6.75 -2.74 -2.67
C CYS A 59 -6.98 -2.74 -1.17
N LEU A 60 -6.59 -1.65 -0.51
CA LEU A 60 -6.80 -1.51 0.92
C LEU A 60 -8.28 -1.53 1.26
N LYS A 61 -9.09 -0.87 0.44
CA LYS A 61 -10.54 -0.86 0.63
C LYS A 61 -11.18 -2.13 0.06
N SER A 62 -10.52 -2.76 -0.90
CA SER A 62 -10.98 -4.02 -1.44
C SER A 62 -10.83 -5.11 -0.37
N GLY A 63 -9.79 -4.95 0.46
CA GLY A 63 -9.62 -5.80 1.63
C GLY A 63 -9.52 -7.28 1.31
N LYS A 64 -9.14 -7.63 0.09
CA LYS A 64 -9.03 -9.04 -0.26
C LYS A 64 -7.58 -9.46 -0.40
N VAL A 65 -6.68 -8.57 -0.01
CA VAL A 65 -5.25 -8.84 -0.08
C VAL A 65 -4.76 -9.51 1.19
N LYS A 66 -3.59 -10.14 1.12
CA LYS A 66 -2.97 -10.76 2.28
C LYS A 66 -2.36 -9.67 3.15
N LYS A 67 -2.35 -9.89 4.46
CA LYS A 67 -1.93 -8.85 5.38
C LYS A 67 -1.34 -9.43 6.66
N TYR A 68 -0.59 -8.59 7.36
CA TYR A 68 -0.08 -8.92 8.68
C TYR A 68 -0.91 -8.19 9.73
N VAL A 69 -1.94 -7.50 9.24
CA VAL A 69 -2.81 -6.67 10.08
C VAL A 69 -1.99 -5.51 10.67
N GLY A 70 -1.89 -4.43 9.92
CA GLY A 70 -1.10 -3.30 10.35
C GLY A 70 -1.95 -2.15 10.82
N GLN A 71 -1.48 -0.93 10.60
CA GLN A 71 -2.16 0.26 11.07
C GLN A 71 -2.16 1.34 9.99
N VAL A 72 -3.28 2.05 9.89
CA VAL A 72 -3.39 3.19 8.99
C VAL A 72 -3.63 4.45 9.82
N SER A 73 -3.13 4.40 11.07
CA SER A 73 -3.42 5.40 12.09
C SER A 73 -4.84 5.19 12.63
N GLU A 74 -5.04 5.47 13.91
CA GLU A 74 -6.34 5.27 14.53
C GLU A 74 -7.39 6.17 13.91
N VAL A 75 -8.37 5.55 13.27
CA VAL A 75 -9.48 6.26 12.67
C VAL A 75 -10.80 5.75 13.24
N GLY A 76 -10.95 4.44 13.27
CA GLY A 76 -12.19 3.83 13.73
C GLY A 76 -13.37 4.21 12.87
N SER A 77 -14.51 4.38 13.49
CA SER A 77 -15.71 4.83 12.78
C SER A 77 -16.63 5.56 13.75
N GLN A 1 10.88 19.74 -5.95
CA GLN A 1 11.66 18.80 -6.78
C GLN A 1 11.24 17.37 -6.49
N GLY A 2 11.13 16.56 -7.54
CA GLY A 2 10.76 15.17 -7.37
C GLY A 2 10.31 14.54 -8.66
N HIS A 3 11.15 14.65 -9.69
CA HIS A 3 10.82 14.10 -10.99
C HIS A 3 11.10 12.60 -11.03
N MET A 4 10.11 11.83 -10.62
CA MET A 4 10.16 10.38 -10.71
C MET A 4 8.74 9.87 -10.93
N ILE A 5 8.29 9.96 -12.17
CA ILE A 5 6.93 9.58 -12.52
C ILE A 5 6.94 8.56 -13.64
N MET A 6 7.00 7.30 -13.27
CA MET A 6 6.79 6.22 -14.22
C MET A 6 5.30 5.94 -14.28
N ALA A 7 4.75 5.56 -13.12
CA ALA A 7 3.32 5.36 -12.97
C ALA A 7 2.94 5.35 -11.49
N LYS A 8 3.78 4.68 -10.70
CA LYS A 8 3.53 4.46 -9.27
C LYS A 8 2.33 3.55 -9.10
N ARG A 9 2.58 2.25 -9.06
CA ARG A 9 1.52 1.26 -9.00
C ARG A 9 1.76 0.28 -7.86
N CYS A 10 0.70 -0.41 -7.47
CA CYS A 10 0.79 -1.44 -6.46
C CYS A 10 1.71 -2.55 -6.95
N GLU A 11 2.59 -3.01 -6.09
CA GLU A 11 3.57 -4.02 -6.46
C GLU A 11 2.96 -5.42 -6.40
N VAL A 12 1.66 -5.48 -6.12
CA VAL A 12 0.97 -6.75 -6.03
C VAL A 12 0.00 -6.93 -7.20
N CYS A 13 -0.96 -6.01 -7.32
CA CYS A 13 -2.00 -6.12 -8.33
C CYS A 13 -1.65 -5.28 -9.57
N GLY A 14 -0.72 -4.35 -9.41
CA GLY A 14 -0.31 -3.51 -10.52
C GLY A 14 -1.17 -2.27 -10.69
N LYS A 15 -2.23 -2.18 -9.90
CA LYS A 15 -3.14 -1.04 -9.96
C LYS A 15 -2.52 0.19 -9.31
N ALA A 16 -2.79 1.35 -9.88
CA ALA A 16 -2.23 2.60 -9.37
C ALA A 16 -3.13 3.18 -8.27
N PRO A 17 -2.53 3.81 -7.24
CA PRO A 17 -3.27 4.44 -6.14
C PRO A 17 -3.70 5.88 -6.46
N ARG A 18 -3.34 6.35 -7.65
CA ARG A 18 -3.64 7.72 -8.08
C ARG A 18 -2.99 8.73 -7.13
N SER A 19 -3.42 9.98 -7.20
CA SER A 19 -2.91 11.00 -6.31
C SER A 19 -4.01 11.55 -5.42
N GLY A 20 -3.91 11.29 -4.12
CA GLY A 20 -4.92 11.75 -3.19
C GLY A 20 -4.37 11.83 -1.77
N ASN A 21 -5.24 12.15 -0.82
CA ASN A 21 -4.83 12.25 0.57
C ASN A 21 -6.01 11.89 1.46
N THR A 22 -5.73 11.48 2.70
CA THR A 22 -6.78 11.06 3.62
C THR A 22 -7.53 12.26 4.21
N VAL A 23 -6.98 13.46 3.97
CA VAL A 23 -7.57 14.76 4.31
C VAL A 23 -7.70 15.02 5.83
N SER A 24 -8.07 14.00 6.59
CA SER A 24 -8.26 14.14 8.03
C SER A 24 -6.93 14.10 8.76
N HIS A 25 -6.43 15.28 9.12
CA HIS A 25 -5.17 15.43 9.85
C HIS A 25 -4.89 16.89 10.14
N SER A 26 -4.57 17.20 11.38
CA SER A 26 -4.27 18.56 11.77
C SER A 26 -2.77 18.85 11.62
N ASP A 27 -1.95 18.16 12.41
CA ASP A 27 -0.51 18.37 12.38
C ASP A 27 0.20 17.11 12.86
N LYS A 28 0.77 16.35 11.92
CA LYS A 28 1.50 15.13 12.25
C LYS A 28 2.69 14.92 11.34
N LYS A 29 2.46 15.04 10.03
CA LYS A 29 3.46 14.68 9.00
C LYS A 29 3.65 13.16 8.95
N SER A 30 3.96 12.59 10.10
CA SER A 30 4.10 11.15 10.28
C SER A 30 5.31 10.60 9.55
N GLU A 31 6.47 10.72 10.17
CA GLU A 31 7.67 10.06 9.67
C GLU A 31 7.57 8.57 9.99
N ARG A 32 6.82 7.88 9.14
CA ARG A 32 6.56 6.46 9.28
C ARG A 32 6.56 5.83 7.90
N TRP A 33 7.72 5.93 7.25
CA TRP A 33 7.84 5.64 5.81
C TRP A 33 6.94 6.58 5.04
N PHE A 34 7.43 7.81 4.85
CA PHE A 34 6.64 8.87 4.24
C PHE A 34 6.35 8.59 2.78
N ARG A 35 5.08 8.53 2.44
CA ARG A 35 4.64 8.21 1.09
C ARG A 35 3.61 9.23 0.62
N PRO A 36 3.65 9.59 -0.67
CA PRO A 36 2.71 10.54 -1.24
C PRO A 36 1.35 9.90 -1.54
N ASN A 37 1.39 8.66 -1.99
CA ASN A 37 0.16 7.97 -2.41
C ASN A 37 0.27 6.45 -2.23
N LEU A 38 1.37 5.87 -2.69
CA LEU A 38 1.58 4.44 -2.59
C LEU A 38 1.84 4.00 -1.15
N GLN A 39 0.89 3.25 -0.59
CA GLN A 39 1.01 2.77 0.77
C GLN A 39 1.84 1.50 0.84
N LYS A 40 3.10 1.64 1.23
CA LYS A 40 3.92 0.48 1.52
C LYS A 40 3.50 -0.10 2.85
N VAL A 41 2.89 -1.27 2.80
CA VAL A 41 2.40 -1.91 4.00
C VAL A 41 3.03 -3.28 4.17
N ARG A 42 3.00 -3.78 5.38
CA ARG A 42 3.53 -5.09 5.70
C ARG A 42 2.45 -6.13 5.48
N VAL A 43 2.69 -7.05 4.56
CA VAL A 43 1.72 -8.07 4.22
C VAL A 43 2.33 -9.46 4.37
N VAL A 44 1.47 -10.45 4.56
CA VAL A 44 1.93 -11.82 4.66
C VAL A 44 1.79 -12.52 3.31
N LEU A 45 2.77 -13.32 2.96
CA LEU A 45 2.74 -14.08 1.73
C LEU A 45 2.01 -15.40 1.97
N PRO A 46 1.41 -15.97 0.91
CA PRO A 46 0.66 -17.24 1.01
C PRO A 46 1.50 -18.37 1.60
N ASP A 47 2.82 -18.29 1.44
CA ASP A 47 3.73 -19.30 1.93
C ASP A 47 3.96 -19.15 3.43
N GLY A 48 3.71 -17.97 3.96
CA GLY A 48 3.92 -17.72 5.37
C GLY A 48 5.07 -16.75 5.61
N THR A 49 5.69 -16.31 4.53
CA THR A 49 6.75 -15.32 4.62
C THR A 49 6.13 -13.93 4.73
N ILE A 50 6.89 -12.98 5.23
CA ILE A 50 6.38 -11.62 5.44
C ILE A 50 7.22 -10.61 4.67
N LYS A 51 6.55 -9.71 3.95
CA LYS A 51 7.23 -8.66 3.20
C LYS A 51 6.48 -7.34 3.32
N ARG A 52 7.14 -6.26 2.96
CA ARG A 52 6.54 -4.94 2.97
C ARG A 52 6.61 -4.35 1.57
N MET A 53 5.45 -4.09 0.98
CA MET A 53 5.39 -3.66 -0.41
C MET A 53 4.37 -2.55 -0.61
N ARG A 54 4.46 -1.89 -1.76
CA ARG A 54 3.55 -0.79 -2.11
C ARG A 54 2.20 -1.33 -2.55
N VAL A 55 1.16 -0.96 -1.82
CA VAL A 55 -0.19 -1.35 -2.17
C VAL A 55 -1.07 -0.11 -2.26
N CYS A 56 -1.95 -0.08 -3.24
CA CYS A 56 -2.87 1.03 -3.39
C CYS A 56 -4.02 0.92 -2.39
N THR A 57 -4.49 2.06 -1.91
CA THR A 57 -5.58 2.11 -0.94
C THR A 57 -6.82 1.35 -1.45
N SER A 58 -6.99 1.35 -2.77
CA SER A 58 -8.10 0.63 -3.40
C SER A 58 -8.02 -0.87 -3.08
N CYS A 59 -6.83 -1.43 -3.25
CA CYS A 59 -6.59 -2.83 -2.95
C CYS A 59 -6.58 -3.07 -1.44
N LEU A 60 -6.08 -2.08 -0.70
CA LEU A 60 -6.04 -2.16 0.77
C LEU A 60 -7.43 -2.32 1.35
N LYS A 61 -8.33 -1.42 0.99
CA LYS A 61 -9.68 -1.42 1.53
C LYS A 61 -10.51 -2.58 1.00
N SER A 62 -10.46 -2.80 -0.31
CA SER A 62 -11.25 -3.85 -0.93
C SER A 62 -10.73 -5.24 -0.53
N GLY A 63 -9.45 -5.32 -0.20
CA GLY A 63 -8.88 -6.57 0.25
C GLY A 63 -8.60 -7.53 -0.89
N LYS A 64 -7.96 -7.04 -1.93
CA LYS A 64 -7.58 -7.89 -3.05
C LYS A 64 -6.22 -8.53 -2.77
N VAL A 65 -5.40 -7.85 -1.99
CA VAL A 65 -4.11 -8.36 -1.59
C VAL A 65 -4.28 -9.38 -0.47
N LYS A 66 -3.20 -10.08 -0.13
CA LYS A 66 -3.26 -11.09 0.92
C LYS A 66 -3.49 -10.44 2.28
N LYS A 67 -2.72 -9.38 2.55
CA LYS A 67 -2.87 -8.58 3.77
C LYS A 67 -2.36 -9.36 5.00
N TYR A 68 -1.59 -8.68 5.85
CA TYR A 68 -1.07 -9.30 7.07
C TYR A 68 -2.20 -9.49 8.08
N VAL A 69 -3.29 -8.80 7.82
CA VAL A 69 -4.51 -8.87 8.62
C VAL A 69 -4.26 -8.52 10.09
N GLY A 70 -4.16 -7.24 10.35
CA GLY A 70 -4.21 -6.77 11.72
C GLY A 70 -5.63 -6.44 12.09
N GLN A 71 -6.22 -5.56 11.30
CA GLN A 71 -7.64 -5.28 11.37
C GLN A 71 -8.34 -6.04 10.26
N VAL A 72 -9.53 -6.57 10.53
CA VAL A 72 -10.27 -7.33 9.54
C VAL A 72 -11.10 -6.41 8.64
N SER A 73 -12.21 -5.89 9.16
CA SER A 73 -13.11 -5.04 8.39
C SER A 73 -12.86 -3.57 8.72
N GLU A 74 -13.23 -2.69 7.78
CA GLU A 74 -13.04 -1.26 7.96
C GLU A 74 -14.06 -0.69 8.95
N VAL A 75 -13.57 0.04 9.94
CA VAL A 75 -14.45 0.70 10.90
C VAL A 75 -15.28 1.78 10.20
N GLY A 76 -16.58 1.71 10.37
CA GLY A 76 -17.48 2.61 9.67
C GLY A 76 -18.68 1.87 9.12
N SER A 77 -18.48 0.59 8.86
CA SER A 77 -19.55 -0.28 8.43
C SER A 77 -19.57 -1.52 9.29
N GLN A 1 -3.28 0.92 -25.53
CA GLN A 1 -4.40 0.13 -26.09
C GLN A 1 -4.28 -1.33 -25.68
N GLY A 2 -5.09 -1.73 -24.70
CA GLY A 2 -5.12 -3.11 -24.27
C GLY A 2 -4.13 -3.42 -23.17
N HIS A 3 -2.92 -2.91 -23.31
CA HIS A 3 -1.86 -3.21 -22.34
C HIS A 3 -1.71 -2.06 -21.37
N MET A 4 -2.38 -2.17 -20.22
CA MET A 4 -2.31 -1.16 -19.19
C MET A 4 -1.27 -1.55 -18.14
N ILE A 5 0.00 -1.50 -18.54
CA ILE A 5 1.08 -1.81 -17.63
C ILE A 5 1.68 -0.52 -17.09
N MET A 6 1.29 -0.16 -15.88
CA MET A 6 1.72 1.10 -15.28
C MET A 6 3.07 0.94 -14.61
N ALA A 7 3.87 1.99 -14.65
CA ALA A 7 5.20 1.97 -14.05
C ALA A 7 5.09 1.99 -12.53
N LYS A 8 4.10 2.71 -12.02
CA LYS A 8 3.88 2.77 -10.58
C LYS A 8 2.68 1.91 -10.18
N ARG A 9 2.71 0.66 -10.64
CA ARG A 9 1.66 -0.30 -10.32
C ARG A 9 1.89 -0.90 -8.93
N CYS A 10 0.81 -1.37 -8.30
CA CYS A 10 0.88 -1.99 -6.98
C CYS A 10 1.78 -3.23 -7.03
N GLU A 11 2.51 -3.48 -5.96
CA GLU A 11 3.43 -4.62 -5.91
C GLU A 11 2.69 -5.89 -5.50
N VAL A 12 1.43 -5.74 -5.10
CA VAL A 12 0.63 -6.87 -4.64
C VAL A 12 -0.31 -7.37 -5.73
N CYS A 13 -1.22 -6.50 -6.15
CA CYS A 13 -2.20 -6.85 -7.16
C CYS A 13 -1.70 -6.52 -8.56
N GLY A 14 -1.17 -5.31 -8.72
CA GLY A 14 -0.67 -4.90 -10.01
C GLY A 14 -1.50 -3.80 -10.62
N LYS A 15 -2.65 -3.52 -10.02
CA LYS A 15 -3.52 -2.45 -10.49
C LYS A 15 -2.97 -1.09 -10.06
N ALA A 16 -3.45 -0.04 -10.72
CA ALA A 16 -2.96 1.31 -10.46
C ALA A 16 -3.50 1.87 -9.16
N PRO A 17 -2.69 2.65 -8.44
CA PRO A 17 -3.09 3.29 -7.19
C PRO A 17 -3.70 4.67 -7.43
N ARG A 18 -5.02 4.73 -7.51
CA ARG A 18 -5.73 5.97 -7.75
C ARG A 18 -5.80 6.80 -6.47
N SER A 19 -5.79 6.10 -5.33
CA SER A 19 -5.98 6.73 -4.02
C SER A 19 -7.31 7.48 -3.99
N GLY A 20 -7.41 8.48 -3.12
CA GLY A 20 -8.60 9.29 -3.07
C GLY A 20 -8.38 10.66 -3.68
N ASN A 21 -7.38 10.75 -4.56
CA ASN A 21 -6.95 12.02 -5.15
C ASN A 21 -6.51 12.99 -4.07
N THR A 22 -5.46 12.59 -3.35
CA THR A 22 -4.90 13.37 -2.24
C THR A 22 -5.79 13.28 -1.00
N VAL A 23 -5.17 13.27 0.17
CA VAL A 23 -5.91 13.18 1.43
C VAL A 23 -5.95 14.51 2.15
N SER A 24 -6.76 14.59 3.21
CA SER A 24 -6.92 15.81 3.99
C SER A 24 -7.57 16.91 3.13
N HIS A 25 -7.38 18.16 3.53
CA HIS A 25 -7.97 19.28 2.83
C HIS A 25 -6.97 19.88 1.84
N SER A 26 -5.71 19.48 1.96
CA SER A 26 -4.67 20.00 1.09
C SER A 26 -3.67 18.92 0.73
N ASP A 27 -2.90 18.46 1.71
CA ASP A 27 -1.92 17.40 1.51
C ASP A 27 -1.39 16.91 2.85
N LYS A 28 -0.79 17.82 3.62
CA LYS A 28 -0.20 17.51 4.92
C LYS A 28 1.02 16.59 4.78
N LYS A 29 0.78 15.33 4.43
CA LYS A 29 1.84 14.35 4.27
C LYS A 29 1.68 13.56 2.99
N SER A 30 0.48 12.99 2.82
CA SER A 30 0.15 12.13 1.68
C SER A 30 0.83 10.77 1.80
N GLU A 31 1.62 10.61 2.87
CA GLU A 31 2.36 9.38 3.16
C GLU A 31 3.37 9.05 2.07
N ARG A 32 4.64 9.35 2.36
CA ARG A 32 5.75 9.09 1.45
C ARG A 32 5.75 10.08 0.27
N TRP A 33 6.93 10.56 -0.08
CA TRP A 33 7.10 11.38 -1.26
C TRP A 33 7.40 10.50 -2.46
N PHE A 34 8.01 9.35 -2.17
CA PHE A 34 8.31 8.38 -3.21
C PHE A 34 7.10 7.48 -3.43
N ARG A 35 6.41 7.71 -4.55
CA ARG A 35 5.16 7.01 -4.86
C ARG A 35 4.11 7.28 -3.79
N PRO A 36 3.58 8.53 -3.74
CA PRO A 36 2.63 8.97 -2.70
C PRO A 36 1.24 8.36 -2.88
N ASN A 37 1.11 7.47 -3.86
CA ASN A 37 -0.15 6.80 -4.11
C ASN A 37 -0.07 5.33 -3.72
N LEU A 38 1.14 4.87 -3.42
CA LEU A 38 1.37 3.48 -3.06
C LEU A 38 1.96 3.38 -1.67
N GLN A 39 1.11 3.07 -0.71
CA GLN A 39 1.58 2.95 0.65
C GLN A 39 2.02 1.52 0.94
N LYS A 40 3.26 1.37 1.36
CA LYS A 40 3.82 0.07 1.66
C LYS A 40 3.23 -0.49 2.95
N VAL A 41 2.63 -1.66 2.85
CA VAL A 41 2.03 -2.31 4.01
C VAL A 41 2.79 -3.61 4.31
N ARG A 42 2.71 -4.05 5.55
CA ARG A 42 3.37 -5.26 5.96
C ARG A 42 2.49 -6.47 5.66
N VAL A 43 2.85 -7.22 4.64
CA VAL A 43 2.03 -8.33 4.18
C VAL A 43 2.76 -9.66 4.34
N VAL A 44 2.01 -10.75 4.23
CA VAL A 44 2.56 -12.08 4.31
C VAL A 44 2.25 -12.85 3.03
N LEU A 45 3.24 -13.57 2.52
CA LEU A 45 3.08 -14.30 1.28
C LEU A 45 2.75 -15.76 1.57
N PRO A 46 2.04 -16.44 0.65
CA PRO A 46 1.63 -17.85 0.82
C PRO A 46 2.82 -18.79 0.90
N ASP A 47 3.99 -18.31 0.49
CA ASP A 47 5.21 -19.09 0.53
C ASP A 47 5.80 -19.09 1.94
N GLY A 48 5.31 -18.16 2.77
CA GLY A 48 5.83 -18.02 4.12
C GLY A 48 6.78 -16.83 4.23
N THR A 49 6.73 -15.97 3.24
CA THR A 49 7.59 -14.79 3.22
C THR A 49 6.89 -13.63 3.91
N ILE A 50 7.68 -12.76 4.51
CA ILE A 50 7.15 -11.58 5.18
C ILE A 50 7.89 -10.35 4.66
N LYS A 51 7.19 -9.50 3.94
CA LYS A 51 7.83 -8.36 3.31
C LYS A 51 6.88 -7.16 3.29
N ARG A 52 7.44 -5.97 3.35
CA ARG A 52 6.65 -4.76 3.22
C ARG A 52 6.58 -4.38 1.74
N MET A 53 5.37 -4.31 1.23
CA MET A 53 5.19 -4.00 -0.20
C MET A 53 4.17 -2.90 -0.39
N ARG A 54 4.35 -2.12 -1.45
CA ARG A 54 3.48 -0.99 -1.72
C ARG A 54 2.15 -1.45 -2.27
N VAL A 55 1.11 -1.22 -1.49
CA VAL A 55 -0.24 -1.62 -1.86
C VAL A 55 -1.03 -0.39 -2.27
N CYS A 56 -1.96 -0.56 -3.19
CA CYS A 56 -2.79 0.56 -3.61
C CYS A 56 -4.00 0.70 -2.69
N THR A 57 -4.46 1.93 -2.50
CA THR A 57 -5.61 2.21 -1.65
C THR A 57 -6.85 1.46 -2.12
N SER A 58 -6.90 1.14 -3.42
CA SER A 58 -7.98 0.36 -3.97
C SER A 58 -8.05 -1.02 -3.31
N CYS A 59 -6.88 -1.61 -3.07
CA CYS A 59 -6.78 -2.89 -2.39
C CYS A 59 -7.04 -2.72 -0.90
N LEU A 60 -6.62 -1.58 -0.36
CA LEU A 60 -6.84 -1.27 1.06
C LEU A 60 -8.31 -1.33 1.41
N LYS A 61 -9.13 -0.60 0.68
CA LYS A 61 -10.57 -0.54 0.95
C LYS A 61 -11.29 -1.75 0.36
N SER A 62 -10.54 -2.59 -0.34
CA SER A 62 -11.10 -3.83 -0.87
C SER A 62 -11.02 -4.92 0.20
N GLY A 63 -9.97 -4.83 1.02
CA GLY A 63 -9.80 -5.77 2.11
C GLY A 63 -9.64 -7.21 1.64
N LYS A 64 -8.80 -7.41 0.63
CA LYS A 64 -8.56 -8.75 0.11
C LYS A 64 -7.06 -9.02 -0.07
N VAL A 65 -6.26 -8.45 0.82
CA VAL A 65 -4.82 -8.66 0.78
C VAL A 65 -4.39 -9.46 2.01
N LYS A 66 -3.35 -10.25 1.87
CA LYS A 66 -2.86 -11.06 2.97
C LYS A 66 -1.91 -10.26 3.83
N LYS A 67 -2.42 -9.82 4.97
CA LYS A 67 -1.70 -8.92 5.85
C LYS A 67 -0.95 -9.67 6.95
N TYR A 68 0.19 -9.12 7.35
CA TYR A 68 0.91 -9.63 8.51
C TYR A 68 0.76 -8.62 9.65
N VAL A 69 -0.47 -8.15 9.80
CA VAL A 69 -0.82 -7.12 10.80
C VAL A 69 -0.18 -5.78 10.42
N GLY A 70 -1.00 -4.89 9.87
CA GLY A 70 -0.52 -3.58 9.49
C GLY A 70 -1.68 -2.62 9.30
N GLN A 71 -1.65 -1.52 10.08
CA GLN A 71 -2.69 -0.51 10.05
C GLN A 71 -4.00 -1.03 10.62
N VAL A 72 -4.16 -0.89 11.93
CA VAL A 72 -5.38 -1.28 12.60
C VAL A 72 -6.38 -0.13 12.57
N SER A 73 -7.67 -0.47 12.45
CA SER A 73 -8.73 0.52 12.36
C SER A 73 -8.58 1.36 11.09
N GLU A 74 -8.93 0.74 9.96
CA GLU A 74 -8.77 1.35 8.66
C GLU A 74 -9.94 2.28 8.33
N VAL A 75 -9.65 3.35 7.61
CA VAL A 75 -10.68 4.27 7.17
C VAL A 75 -11.07 3.97 5.74
N GLY A 76 -12.19 3.28 5.57
CA GLY A 76 -12.65 2.92 4.24
C GLY A 76 -13.47 4.02 3.61
N SER A 77 -12.79 4.99 3.03
CA SER A 77 -13.45 6.10 2.38
C SER A 77 -13.91 5.68 0.98
N GLN A 1 3.28 -2.41 -26.32
CA GLN A 1 4.14 -1.61 -25.40
C GLN A 1 5.48 -2.29 -25.22
N GLY A 2 6.49 -1.78 -25.94
CA GLY A 2 7.81 -2.39 -25.93
C GLY A 2 8.61 -2.00 -24.71
N HIS A 3 8.31 -0.85 -24.15
CA HIS A 3 9.01 -0.39 -22.95
C HIS A 3 8.33 -0.93 -21.72
N MET A 4 9.07 -0.99 -20.62
CA MET A 4 8.48 -1.41 -19.36
C MET A 4 7.67 -0.25 -18.79
N ILE A 5 6.38 -0.26 -19.09
CA ILE A 5 5.48 0.80 -18.66
C ILE A 5 5.33 0.80 -17.14
N MET A 6 5.96 1.76 -16.50
CA MET A 6 5.95 1.85 -15.05
C MET A 6 5.20 3.09 -14.59
N ALA A 7 4.55 2.96 -13.44
CA ALA A 7 3.82 4.05 -12.81
C ALA A 7 3.47 3.61 -11.40
N LYS A 8 2.90 4.48 -10.60
CA LYS A 8 2.50 4.10 -9.25
C LYS A 8 1.38 3.08 -9.30
N ARG A 9 1.69 1.85 -8.94
CA ARG A 9 0.73 0.76 -8.97
C ARG A 9 0.95 -0.20 -7.81
N CYS A 10 -0.09 -0.91 -7.41
CA CYS A 10 0.02 -1.90 -6.35
C CYS A 10 0.87 -3.08 -6.81
N GLU A 11 1.83 -3.47 -5.97
CA GLU A 11 2.72 -4.57 -6.30
C GLU A 11 2.05 -5.92 -6.00
N VAL A 12 0.79 -5.87 -5.59
CA VAL A 12 0.04 -7.10 -5.30
C VAL A 12 -0.93 -7.42 -6.44
N CYS A 13 -1.84 -6.50 -6.71
CA CYS A 13 -2.87 -6.72 -7.73
C CYS A 13 -2.54 -5.99 -9.04
N GLY A 14 -1.69 -4.97 -8.93
CA GLY A 14 -1.25 -4.27 -10.13
C GLY A 14 -1.98 -2.97 -10.38
N LYS A 15 -3.09 -2.75 -9.68
CA LYS A 15 -3.92 -1.57 -9.91
C LYS A 15 -3.33 -0.33 -9.22
N ALA A 16 -3.51 0.82 -9.87
CA ALA A 16 -2.96 2.08 -9.40
C ALA A 16 -3.78 2.66 -8.25
N PRO A 17 -3.16 3.50 -7.40
CA PRO A 17 -3.82 4.13 -6.26
C PRO A 17 -4.69 5.31 -6.67
N ARG A 18 -6.00 5.13 -6.58
CA ARG A 18 -6.95 6.19 -6.91
C ARG A 18 -7.44 6.85 -5.64
N SER A 19 -6.69 7.83 -5.18
CA SER A 19 -7.02 8.54 -3.96
C SER A 19 -7.67 9.88 -4.30
N GLY A 20 -8.99 9.93 -4.18
CA GLY A 20 -9.72 11.14 -4.46
C GLY A 20 -10.19 11.82 -3.20
N ASN A 21 -10.06 11.11 -2.08
CA ASN A 21 -10.40 11.66 -0.78
C ASN A 21 -9.17 12.30 -0.14
N THR A 22 -8.00 11.79 -0.52
CA THR A 22 -6.71 12.32 -0.06
C THR A 22 -6.60 12.34 1.47
N VAL A 23 -6.36 11.16 2.04
CA VAL A 23 -6.17 11.04 3.48
C VAL A 23 -4.97 10.14 3.76
N SER A 24 -3.96 10.67 4.43
CA SER A 24 -2.79 9.88 4.77
C SER A 24 -2.23 10.29 6.13
N HIS A 25 -2.43 9.42 7.12
CA HIS A 25 -1.91 9.65 8.46
C HIS A 25 -0.99 8.51 8.87
N SER A 26 0.30 8.80 9.00
CA SER A 26 1.26 7.81 9.43
C SER A 26 2.22 8.40 10.46
N ASP A 27 1.85 9.57 10.98
CA ASP A 27 2.70 10.30 11.93
C ASP A 27 1.95 11.53 12.45
N LYS A 28 2.09 12.61 11.70
CA LYS A 28 1.55 13.92 12.03
C LYS A 28 1.80 14.81 10.83
N LYS A 29 3.06 14.82 10.43
CA LYS A 29 3.50 15.47 9.20
C LYS A 29 3.15 14.57 8.02
N SER A 30 3.64 13.34 8.07
CA SER A 30 3.37 12.33 7.05
C SER A 30 3.76 12.83 5.66
N GLU A 31 5.06 12.98 5.41
CA GLU A 31 5.52 13.45 4.11
C GLU A 31 5.60 12.28 3.13
N ARG A 32 5.61 12.59 1.84
CA ARG A 32 5.48 11.57 0.81
C ARG A 32 6.71 11.51 -0.09
N TRP A 33 7.52 10.48 0.11
CA TRP A 33 8.70 10.25 -0.72
C TRP A 33 8.66 8.84 -1.31
N PHE A 34 8.79 7.85 -0.44
CA PHE A 34 8.83 6.46 -0.87
C PHE A 34 7.42 5.94 -1.13
N ARG A 35 6.44 6.69 -0.65
CA ARG A 35 5.04 6.35 -0.87
C ARG A 35 4.19 7.61 -0.90
N PRO A 36 4.07 8.24 -2.08
CA PRO A 36 3.27 9.45 -2.26
C PRO A 36 1.78 9.18 -2.32
N ASN A 37 1.37 8.30 -3.23
CA ASN A 37 -0.04 7.96 -3.41
C ASN A 37 -0.27 6.51 -3.00
N LEU A 38 0.77 5.71 -3.11
CA LEU A 38 0.76 4.32 -2.64
C LEU A 38 1.12 4.28 -1.17
N GLN A 39 0.76 3.20 -0.51
CA GLN A 39 1.21 2.96 0.85
C GLN A 39 1.91 1.62 0.93
N LYS A 40 3.08 1.60 1.56
CA LYS A 40 3.80 0.35 1.75
C LYS A 40 3.31 -0.37 3.00
N VAL A 41 2.69 -1.51 2.82
CA VAL A 41 2.16 -2.29 3.93
C VAL A 41 2.86 -3.62 4.02
N ARG A 42 2.67 -4.31 5.14
CA ARG A 42 3.31 -5.58 5.37
C ARG A 42 2.35 -6.74 5.11
N VAL A 43 2.71 -7.59 4.18
CA VAL A 43 1.91 -8.74 3.82
C VAL A 43 2.60 -10.02 4.28
N VAL A 44 1.88 -11.13 4.26
CA VAL A 44 2.43 -12.40 4.70
C VAL A 44 2.84 -13.27 3.51
N LEU A 45 4.05 -13.79 3.58
CA LEU A 45 4.54 -14.72 2.58
C LEU A 45 4.29 -16.14 3.05
N PRO A 46 4.00 -17.07 2.11
CA PRO A 46 3.83 -18.50 2.44
C PRO A 46 5.09 -19.09 3.04
N ASP A 47 6.20 -18.40 2.80
CA ASP A 47 7.49 -18.76 3.40
C ASP A 47 7.41 -18.64 4.92
N GLY A 48 6.52 -17.79 5.40
CA GLY A 48 6.42 -17.52 6.81
C GLY A 48 7.03 -16.19 7.18
N THR A 49 7.48 -15.47 6.16
CA THR A 49 8.09 -14.17 6.34
C THR A 49 7.07 -13.06 6.06
N ILE A 50 7.33 -11.89 6.60
CA ILE A 50 6.48 -10.73 6.37
C ILE A 50 7.18 -9.77 5.41
N LYS A 51 6.57 -9.59 4.24
CA LYS A 51 7.16 -8.77 3.19
C LYS A 51 6.44 -7.45 3.08
N ARG A 52 7.17 -6.39 2.78
CA ARG A 52 6.56 -5.07 2.66
C ARG A 52 6.57 -4.63 1.22
N MET A 53 5.40 -4.26 0.72
CA MET A 53 5.24 -3.85 -0.67
C MET A 53 4.30 -2.66 -0.77
N ARG A 54 4.34 -1.99 -1.91
CA ARG A 54 3.51 -0.82 -2.14
C ARG A 54 2.12 -1.22 -2.61
N VAL A 55 1.11 -0.83 -1.85
CA VAL A 55 -0.26 -1.16 -2.17
C VAL A 55 -1.08 0.11 -2.30
N CYS A 56 -2.07 0.09 -3.17
CA CYS A 56 -2.92 1.24 -3.38
C CYS A 56 -4.10 1.21 -2.41
N THR A 57 -4.65 2.39 -2.13
CA THR A 57 -5.76 2.53 -1.20
C THR A 57 -6.97 1.70 -1.64
N SER A 58 -7.15 1.55 -2.94
CA SER A 58 -8.26 0.77 -3.47
C SER A 58 -8.13 -0.71 -3.10
N CYS A 59 -6.91 -1.25 -3.21
CA CYS A 59 -6.64 -2.61 -2.82
C CYS A 59 -6.64 -2.75 -1.30
N LEU A 60 -6.16 -1.72 -0.62
CA LEU A 60 -6.18 -1.67 0.84
C LEU A 60 -7.60 -1.77 1.37
N LYS A 61 -8.49 -0.98 0.78
CA LYS A 61 -9.90 -0.98 1.15
C LYS A 61 -10.54 -2.34 0.87
N SER A 62 -10.21 -2.93 -0.26
CA SER A 62 -10.78 -4.20 -0.67
C SER A 62 -10.28 -5.34 0.21
N GLY A 63 -9.06 -5.20 0.72
CA GLY A 63 -8.48 -6.24 1.56
C GLY A 63 -8.19 -7.51 0.78
N LYS A 64 -7.93 -7.34 -0.52
CA LYS A 64 -7.65 -8.46 -1.40
C LYS A 64 -6.19 -8.87 -1.28
N VAL A 65 -5.38 -7.93 -0.81
CA VAL A 65 -3.95 -8.16 -0.65
C VAL A 65 -3.67 -9.29 0.33
N LYS A 66 -2.44 -9.80 0.28
CA LYS A 66 -2.05 -10.93 1.11
C LYS A 66 -1.75 -10.47 2.54
N LYS A 67 -2.76 -9.90 3.17
CA LYS A 67 -2.64 -9.37 4.53
C LYS A 67 -2.18 -10.44 5.51
N TYR A 68 -1.31 -10.04 6.43
CA TYR A 68 -0.70 -10.97 7.40
C TYR A 68 -1.67 -11.31 8.53
N VAL A 69 -2.96 -10.99 8.33
CA VAL A 69 -4.01 -11.17 9.33
C VAL A 69 -3.57 -10.71 10.73
N GLY A 70 -3.68 -9.41 10.96
CA GLY A 70 -3.24 -8.83 12.21
C GLY A 70 -3.65 -7.38 12.38
N GLN A 71 -4.95 -7.12 12.19
CA GLN A 71 -5.53 -5.79 12.37
C GLN A 71 -4.87 -4.76 11.44
N VAL A 72 -5.44 -4.63 10.25
CA VAL A 72 -4.91 -3.70 9.24
C VAL A 72 -6.03 -3.26 8.29
N SER A 73 -7.25 -3.66 8.57
CA SER A 73 -8.37 -3.39 7.68
C SER A 73 -9.13 -2.13 8.10
N GLU A 74 -8.97 -1.08 7.29
CA GLU A 74 -9.71 0.19 7.46
C GLU A 74 -9.30 0.92 8.74
N VAL A 75 -8.37 1.87 8.59
CA VAL A 75 -7.99 2.74 9.70
C VAL A 75 -7.90 4.18 9.21
N GLY A 76 -8.99 4.93 9.36
CA GLY A 76 -9.01 6.31 8.92
C GLY A 76 -9.06 7.28 10.08
N SER A 77 -10.27 7.67 10.46
CA SER A 77 -10.46 8.58 11.58
C SER A 77 -10.67 7.79 12.87
N GLN A 1 2.18 2.84 -22.11
CA GLN A 1 2.99 2.10 -23.10
C GLN A 1 3.97 3.05 -23.80
N GLY A 2 4.16 4.22 -23.20
CA GLY A 2 5.01 5.22 -23.82
C GLY A 2 6.07 5.74 -22.88
N HIS A 3 6.37 7.03 -22.98
CA HIS A 3 7.39 7.65 -22.15
C HIS A 3 6.76 8.27 -20.90
N MET A 4 6.68 7.51 -19.83
CA MET A 4 6.10 7.99 -18.59
C MET A 4 7.04 7.77 -17.42
N ILE A 5 7.94 6.78 -17.56
CA ILE A 5 8.88 6.40 -16.51
C ILE A 5 8.15 5.74 -15.33
N MET A 6 7.23 6.45 -14.73
CA MET A 6 6.49 5.97 -13.58
C MET A 6 5.17 5.33 -14.04
N ALA A 7 4.53 4.62 -13.12
CA ALA A 7 3.26 3.98 -13.41
C ALA A 7 2.31 4.09 -12.22
N LYS A 8 2.89 3.97 -11.02
CA LYS A 8 2.12 3.96 -9.78
C LYS A 8 1.07 2.86 -9.77
N ARG A 9 1.50 1.67 -9.35
CA ARG A 9 0.62 0.53 -9.27
C ARG A 9 0.92 -0.26 -8.00
N CYS A 10 0.01 -1.15 -7.65
CA CYS A 10 0.24 -2.08 -6.55
C CYS A 10 1.06 -3.26 -7.07
N GLU A 11 1.95 -3.77 -6.24
CA GLU A 11 2.84 -4.86 -6.63
C GLU A 11 2.12 -6.21 -6.69
N VAL A 12 0.84 -6.20 -6.34
CA VAL A 12 0.04 -7.42 -6.37
C VAL A 12 -0.91 -7.42 -7.56
N CYS A 13 -1.89 -6.51 -7.52
CA CYS A 13 -2.93 -6.48 -8.54
C CYS A 13 -2.49 -5.67 -9.76
N GLY A 14 -1.80 -4.57 -9.52
CA GLY A 14 -1.41 -3.68 -10.60
C GLY A 14 -2.35 -2.49 -10.73
N LYS A 15 -3.23 -2.32 -9.75
CA LYS A 15 -4.13 -1.18 -9.73
C LYS A 15 -3.44 0.05 -9.15
N ALA A 16 -3.96 1.22 -9.46
CA ALA A 16 -3.34 2.47 -9.03
C ALA A 16 -3.85 2.88 -7.64
N PRO A 17 -3.01 3.57 -6.86
CA PRO A 17 -3.39 4.06 -5.53
C PRO A 17 -4.32 5.27 -5.61
N ARG A 18 -5.57 5.08 -5.23
CA ARG A 18 -6.55 6.15 -5.25
C ARG A 18 -6.59 6.87 -3.91
N SER A 19 -5.74 7.89 -3.77
CA SER A 19 -5.66 8.71 -2.56
C SER A 19 -5.18 7.91 -1.35
N GLY A 20 -3.92 8.12 -0.98
CA GLY A 20 -3.36 7.44 0.17
C GLY A 20 -3.54 8.25 1.43
N ASN A 21 -3.17 7.67 2.57
CA ASN A 21 -3.33 8.33 3.86
C ASN A 21 -1.97 8.58 4.50
N THR A 22 -1.94 9.45 5.49
CA THR A 22 -0.70 9.75 6.19
C THR A 22 -0.44 8.70 7.28
N VAL A 23 0.83 8.36 7.45
CA VAL A 23 1.24 7.46 8.52
C VAL A 23 2.10 8.22 9.52
N SER A 24 2.93 9.12 8.99
CA SER A 24 3.84 9.89 9.82
C SER A 24 4.37 11.11 9.06
N HIS A 25 4.59 10.91 7.75
CA HIS A 25 5.11 11.96 6.86
C HIS A 25 6.59 12.23 7.15
N SER A 26 7.44 11.72 6.28
CA SER A 26 8.87 11.95 6.39
C SER A 26 9.17 13.42 6.13
N ASP A 27 8.86 13.85 4.90
CA ASP A 27 9.03 15.26 4.48
C ASP A 27 10.47 15.71 4.71
N LYS A 28 11.38 14.76 4.68
CA LYS A 28 12.78 15.02 4.94
C LYS A 28 13.46 15.55 3.68
N LYS A 29 14.25 16.60 3.83
CA LYS A 29 14.95 17.20 2.69
C LYS A 29 16.03 16.27 2.15
N SER A 30 16.24 15.15 2.84
CA SER A 30 17.23 14.19 2.42
C SER A 30 16.57 12.97 1.77
N GLU A 31 15.26 13.02 1.62
CA GLU A 31 14.50 11.93 1.05
C GLU A 31 14.65 11.89 -0.46
N ARG A 32 15.05 10.74 -0.98
CA ARG A 32 15.03 10.50 -2.41
C ARG A 32 13.59 10.21 -2.82
N TRP A 33 13.31 10.22 -4.12
CA TRP A 33 11.95 10.03 -4.61
C TRP A 33 11.32 8.75 -4.06
N PHE A 34 10.35 8.93 -3.18
CA PHE A 34 9.71 7.82 -2.49
C PHE A 34 8.30 7.56 -3.03
N ARG A 35 7.54 6.76 -2.29
CA ARG A 35 6.21 6.35 -2.70
C ARG A 35 5.15 6.97 -1.78
N PRO A 36 4.69 8.20 -2.09
CA PRO A 36 3.78 8.95 -1.21
C PRO A 36 2.39 8.33 -1.10
N ASN A 37 1.74 8.13 -2.26
CA ASN A 37 0.37 7.61 -2.28
C ASN A 37 0.35 6.08 -2.32
N LEU A 38 1.51 5.47 -2.45
CA LEU A 38 1.61 4.03 -2.42
C LEU A 38 1.83 3.56 -1.00
N GLN A 39 0.80 2.93 -0.44
CA GLN A 39 0.84 2.51 0.95
C GLN A 39 1.66 1.24 1.10
N LYS A 40 2.89 1.40 1.56
CA LYS A 40 3.75 0.26 1.80
C LYS A 40 3.37 -0.41 3.11
N VAL A 41 2.81 -1.61 3.01
CA VAL A 41 2.37 -2.35 4.17
C VAL A 41 3.01 -3.73 4.18
N ARG A 42 2.99 -4.37 5.35
CA ARG A 42 3.61 -5.67 5.51
C ARG A 42 2.63 -6.79 5.15
N VAL A 43 2.99 -7.60 4.17
CA VAL A 43 2.17 -8.71 3.74
C VAL A 43 2.96 -10.01 3.82
N VAL A 44 2.27 -11.13 3.70
CA VAL A 44 2.92 -12.43 3.75
C VAL A 44 3.37 -12.88 2.37
N LEU A 45 4.56 -13.45 2.33
CA LEU A 45 5.12 -14.02 1.12
C LEU A 45 4.77 -15.50 1.04
N PRO A 46 4.79 -16.09 -0.17
CA PRO A 46 4.55 -17.53 -0.36
C PRO A 46 5.48 -18.40 0.49
N ASP A 47 6.64 -17.85 0.85
CA ASP A 47 7.60 -18.56 1.68
C ASP A 47 7.11 -18.63 3.13
N GLY A 48 6.19 -17.74 3.47
CA GLY A 48 5.74 -17.60 4.84
C GLY A 48 6.41 -16.44 5.53
N THR A 49 7.17 -15.67 4.76
CA THR A 49 7.88 -14.52 5.27
C THR A 49 6.98 -13.30 5.26
N ILE A 50 7.31 -12.31 6.06
CA ILE A 50 6.58 -11.06 6.09
C ILE A 50 7.45 -9.95 5.54
N LYS A 51 6.96 -9.28 4.51
CA LYS A 51 7.71 -8.21 3.87
C LYS A 51 6.77 -7.07 3.47
N ARG A 52 7.28 -5.85 3.50
CA ARG A 52 6.49 -4.69 3.11
C ARG A 52 6.60 -4.44 1.61
N MET A 53 5.46 -4.19 1.01
CA MET A 53 5.41 -3.93 -0.44
C MET A 53 4.44 -2.78 -0.73
N ARG A 54 4.45 -2.32 -1.96
CA ARG A 54 3.61 -1.20 -2.38
C ARG A 54 2.20 -1.66 -2.70
N VAL A 55 1.26 -1.27 -1.86
CA VAL A 55 -0.15 -1.62 -2.05
C VAL A 55 -0.96 -0.36 -2.30
N CYS A 56 -1.97 -0.47 -3.15
CA CYS A 56 -2.80 0.67 -3.50
C CYS A 56 -3.99 0.78 -2.55
N THR A 57 -4.49 1.99 -2.37
CA THR A 57 -5.66 2.24 -1.52
C THR A 57 -6.87 1.46 -2.04
N SER A 58 -6.87 1.16 -3.33
CA SER A 58 -7.95 0.39 -3.94
C SER A 58 -8.04 -1.00 -3.29
N CYS A 59 -6.89 -1.64 -3.12
CA CYS A 59 -6.82 -2.91 -2.43
C CYS A 59 -7.12 -2.73 -0.94
N LEU A 60 -6.70 -1.60 -0.39
CA LEU A 60 -6.90 -1.32 1.02
C LEU A 60 -8.37 -1.14 1.37
N LYS A 61 -9.08 -0.37 0.56
CA LYS A 61 -10.50 -0.09 0.81
C LYS A 61 -11.38 -1.30 0.53
N SER A 62 -10.80 -2.34 -0.04
CA SER A 62 -11.53 -3.56 -0.32
C SER A 62 -10.94 -4.73 0.47
N GLY A 63 -9.85 -4.48 1.19
CA GLY A 63 -9.15 -5.54 1.89
C GLY A 63 -8.68 -6.64 0.96
N LYS A 64 -8.45 -6.27 -0.30
CA LYS A 64 -8.15 -7.23 -1.35
C LYS A 64 -6.66 -7.55 -1.41
N VAL A 65 -6.14 -7.99 -0.28
CA VAL A 65 -4.80 -8.52 -0.19
C VAL A 65 -4.82 -9.66 0.81
N LYS A 66 -3.88 -10.58 0.73
CA LYS A 66 -3.88 -11.73 1.61
C LYS A 66 -3.18 -11.41 2.94
N LYS A 67 -2.76 -10.16 3.09
CA LYS A 67 -2.16 -9.67 4.34
C LYS A 67 -0.93 -10.48 4.72
N TYR A 68 -0.45 -10.28 5.95
CA TYR A 68 0.71 -11.01 6.43
C TYR A 68 0.29 -12.24 7.23
N VAL A 69 -0.99 -12.30 7.54
CA VAL A 69 -1.56 -13.42 8.28
C VAL A 69 -3.00 -13.69 7.81
N GLY A 70 -3.81 -12.64 7.81
CA GLY A 70 -5.20 -12.77 7.45
C GLY A 70 -6.06 -11.90 8.33
N GLN A 71 -7.11 -11.34 7.77
CA GLN A 71 -8.02 -10.48 8.53
C GLN A 71 -9.44 -10.67 8.05
N VAL A 72 -10.39 -10.51 8.95
CA VAL A 72 -11.80 -10.54 8.59
C VAL A 72 -12.23 -9.20 8.02
N SER A 73 -13.52 -9.08 7.70
CA SER A 73 -14.10 -7.84 7.17
C SER A 73 -13.56 -7.54 5.77
N GLU A 74 -13.09 -8.56 5.07
CA GLU A 74 -12.59 -8.40 3.72
C GLU A 74 -13.72 -8.00 2.78
N VAL A 75 -14.91 -8.50 3.08
CA VAL A 75 -16.12 -8.11 2.38
C VAL A 75 -17.00 -7.26 3.29
N GLY A 76 -16.36 -6.37 4.04
CA GLY A 76 -17.07 -5.53 4.99
C GLY A 76 -18.04 -4.57 4.31
N SER A 77 -17.76 -4.24 3.06
CA SER A 77 -18.65 -3.37 2.31
C SER A 77 -19.28 -4.16 1.17
#